data_4MIE
#
_entry.id   4MIE
#
_cell.length_a   107.110
_cell.length_b   110.980
_cell.length_c   125.650
_cell.angle_alpha   90.000
_cell.angle_beta   90.000
_cell.angle_gamma   90.000
#
_symmetry.space_group_name_H-M   'P 21 21 21'
#
loop_
_entity.id
_entity.type
_entity.pdbx_description
1 polymer 'Inositol 2-dehydrogenase/D-chiro-inositol 3-dehydrogenase'
2 non-polymer GLYCEROL
3 non-polymer 'SULFATE ION'
4 water water
#
_entity_poly.entity_id   1
_entity_poly.type   'polypeptide(L)'
_entity_poly.pdbx_seq_one_letter_code
;MRGSHHHHHHGSMVVKVGVIGTGAMGRAHIDRLTNVLTGAEVVAVTDIDHEAAEAAVRDFHLNAKVYPDDTSLLQDPDID
AVFVVSFGGAHEATVLKALDTDKFIFTEKPLATTLEGAKRIVDKELTKSKKVIQVGFMRRYDQGIRALKEKLDTGIIGAP
LVVRASHINPNVASNYSNEMAITDTLIHEIDEMHWLLDDEYTSIQITYPRQSAEVRNEGLHDPQLATLTTKKGTVIQVLV
HVTAQYGYEVKLEVIGETGELQLPNYGLGPILRSNANQQTAVEMSWINRFIQAYNTEVQEFIDEVAKSEPPVGPSAWDGY
IAAITAAAANRSQKDQETVLINVAGTPTFYQ
;
_entity_poly.pdbx_strand_id   A,B,C,D
#
loop_
_chem_comp.id
_chem_comp.type
_chem_comp.name
_chem_comp.formula
GOL non-polymer GLYCEROL 'C3 H8 O3'
SO4 non-polymer 'SULFATE ION' 'O4 S -2'
#
# COMPACT_ATOMS: atom_id res chain seq x y z
N MET A 13 -45.39 0.37 4.99
CA MET A 13 -45.84 -1.00 5.15
C MET A 13 -44.84 -2.03 4.65
N VAL A 14 -44.91 -3.21 5.26
CA VAL A 14 -44.02 -4.31 5.01
C VAL A 14 -44.25 -4.94 3.63
N VAL A 15 -43.17 -5.27 2.95
CA VAL A 15 -43.25 -5.99 1.70
C VAL A 15 -43.40 -7.50 1.94
N LYS A 16 -44.49 -8.08 1.46
CA LYS A 16 -44.78 -9.48 1.70
C LYS A 16 -44.17 -10.35 0.61
N VAL A 17 -43.23 -11.18 1.00
CA VAL A 17 -42.41 -11.91 0.07
C VAL A 17 -42.68 -13.42 0.01
N GLY A 18 -42.71 -13.97 -1.18
CA GLY A 18 -42.68 -15.40 -1.38
C GLY A 18 -41.39 -15.87 -2.05
N VAL A 19 -40.78 -16.90 -1.49
CA VAL A 19 -39.53 -17.42 -2.01
C VAL A 19 -39.66 -18.79 -2.70
N ILE A 20 -39.17 -18.85 -3.92
CA ILE A 20 -39.22 -20.04 -4.75
C ILE A 20 -37.83 -20.66 -4.88
N GLY A 21 -37.60 -21.69 -4.09
CA GLY A 21 -36.31 -22.33 -4.00
C GLY A 21 -35.78 -22.16 -2.60
N THR A 22 -35.59 -23.26 -1.90
CA THR A 22 -35.07 -23.19 -0.55
C THR A 22 -33.84 -24.05 -0.31
N GLY A 23 -32.90 -24.00 -1.24
CA GLY A 23 -31.58 -24.52 -1.03
C GLY A 23 -30.76 -23.48 -0.32
N ALA A 24 -29.43 -23.60 -0.37
CA ALA A 24 -28.55 -22.68 0.35
C ALA A 24 -28.77 -21.25 -0.09
N MET A 25 -28.90 -21.06 -1.39
CA MET A 25 -29.15 -19.76 -1.98
C MET A 25 -30.42 -19.15 -1.43
N GLY A 26 -31.50 -19.90 -1.52
CA GLY A 26 -32.79 -19.48 -1.02
C GLY A 26 -32.75 -19.21 0.46
N ARG A 27 -32.11 -20.09 1.20
CA ARG A 27 -31.97 -19.96 2.63
C ARG A 27 -31.25 -18.67 3.01
N ALA A 28 -30.19 -18.36 2.27
CA ALA A 28 -29.41 -17.17 2.52
C ALA A 28 -30.24 -15.93 2.29
N HIS A 29 -30.98 -15.91 1.19
CA HIS A 29 -31.92 -14.84 0.92
C HIS A 29 -33.00 -14.67 1.97
N ILE A 30 -33.58 -15.78 2.39
CA ILE A 30 -34.51 -15.80 3.50
C ILE A 30 -33.92 -15.19 4.76
N ASP A 31 -32.77 -15.67 5.18
CA ASP A 31 -32.08 -15.11 6.33
C ASP A 31 -31.91 -13.61 6.22
N ARG A 32 -31.55 -13.15 5.03
CA ARG A 32 -31.31 -11.75 4.78
C ARG A 32 -32.58 -10.94 4.96
N LEU A 33 -33.66 -11.39 4.35
CA LEU A 33 -34.94 -10.72 4.43
C LEU A 33 -35.52 -10.73 5.82
N THR A 34 -35.26 -11.79 6.56
CA THR A 34 -35.88 -12.01 7.86
C THR A 34 -35.10 -11.35 8.98
N ASN A 35 -33.78 -11.45 8.93
CA ASN A 35 -32.93 -10.99 10.01
C ASN A 35 -32.00 -9.77 9.75
N VAL A 36 -31.71 -9.46 8.50
CA VAL A 36 -30.76 -8.41 8.22
C VAL A 36 -31.36 -7.11 7.70
N LEU A 37 -32.14 -7.21 6.64
CA LEU A 37 -32.74 -6.07 5.98
C LEU A 37 -34.02 -5.56 6.65
N THR A 38 -34.41 -4.35 6.32
CA THR A 38 -35.60 -3.75 6.87
C THR A 38 -36.77 -3.67 5.89
N GLY A 39 -37.97 -3.92 6.39
CA GLY A 39 -39.18 -3.68 5.63
C GLY A 39 -39.80 -4.82 4.85
N ALA A 40 -39.35 -6.05 5.09
CA ALA A 40 -39.88 -7.20 4.37
C ALA A 40 -40.17 -8.38 5.25
N GLU A 41 -41.02 -9.27 4.76
CA GLU A 41 -41.36 -10.50 5.48
C GLU A 41 -41.68 -11.63 4.52
N VAL A 42 -41.10 -12.78 4.79
CA VAL A 42 -41.35 -13.97 3.99
C VAL A 42 -42.58 -14.67 4.51
N VAL A 43 -43.63 -14.67 3.70
CA VAL A 43 -44.93 -15.23 4.05
C VAL A 43 -45.28 -16.53 3.29
N ALA A 44 -44.48 -16.88 2.29
CA ALA A 44 -44.64 -18.11 1.54
C ALA A 44 -43.31 -18.67 1.03
N VAL A 45 -43.24 -20.00 0.99
CA VAL A 45 -42.13 -20.71 0.37
C VAL A 45 -42.62 -21.92 -0.41
N THR A 46 -41.84 -22.32 -1.41
CA THR A 46 -42.01 -23.58 -2.07
C THR A 46 -40.66 -24.06 -2.55
N ASP A 47 -40.55 -25.37 -2.74
CA ASP A 47 -39.38 -26.01 -3.34
C ASP A 47 -39.80 -27.34 -3.97
N ILE A 48 -39.04 -27.83 -4.95
CA ILE A 48 -39.32 -29.15 -5.49
C ILE A 48 -39.23 -30.18 -4.38
N ASP A 49 -38.33 -29.92 -3.45
CA ASP A 49 -38.17 -30.74 -2.28
C ASP A 49 -38.97 -30.13 -1.16
N HIS A 50 -40.20 -30.60 -1.00
CA HIS A 50 -41.14 -30.04 -0.05
C HIS A 50 -40.61 -29.98 1.36
N GLU A 51 -39.83 -30.97 1.74
CA GLU A 51 -39.28 -31.02 3.07
C GLU A 51 -38.23 -29.94 3.32
N ALA A 52 -37.43 -29.63 2.32
CA ALA A 52 -36.51 -28.51 2.42
C ALA A 52 -37.28 -27.20 2.60
N ALA A 53 -38.46 -27.13 2.02
CA ALA A 53 -39.30 -25.95 2.18
C ALA A 53 -39.75 -25.83 3.61
N GLU A 54 -40.30 -26.92 4.13
CA GLU A 54 -40.72 -26.96 5.52
C GLU A 54 -39.57 -26.65 6.43
N ALA A 55 -38.39 -27.07 6.02
CA ALA A 55 -37.21 -26.86 6.84
C ALA A 55 -36.86 -25.38 6.92
N ALA A 56 -37.10 -24.65 5.84
CA ALA A 56 -36.79 -23.24 5.79
C ALA A 56 -37.66 -22.48 6.78
N VAL A 57 -38.96 -22.78 6.76
CA VAL A 57 -39.91 -22.16 7.68
C VAL A 57 -39.53 -22.40 9.10
N ARG A 58 -39.14 -23.61 9.38
CA ARG A 58 -38.78 -24.03 10.73
C ARG A 58 -37.52 -23.31 11.18
N ASP A 59 -36.46 -23.42 10.37
CA ASP A 59 -35.16 -22.90 10.77
C ASP A 59 -35.17 -21.40 10.95
N PHE A 60 -36.01 -20.72 10.17
CA PHE A 60 -36.01 -19.27 10.19
C PHE A 60 -37.17 -18.67 10.96
N HIS A 61 -37.95 -19.52 11.60
CA HIS A 61 -39.05 -19.11 12.45
C HIS A 61 -40.06 -18.22 11.76
N LEU A 62 -40.42 -18.61 10.55
CA LEU A 62 -41.30 -17.82 9.73
C LEU A 62 -42.76 -18.10 10.00
N ASN A 63 -43.58 -17.09 9.80
CA ASN A 63 -45.00 -17.26 9.65
C ASN A 63 -45.30 -17.34 8.19
N ALA A 64 -45.07 -18.51 7.63
CA ALA A 64 -45.18 -18.71 6.21
C ALA A 64 -45.84 -20.02 5.89
N LYS A 65 -46.56 -20.06 4.81
CA LYS A 65 -47.07 -21.31 4.34
C LYS A 65 -46.19 -21.90 3.25
N VAL A 66 -46.27 -23.20 3.11
CA VAL A 66 -45.49 -23.91 2.13
C VAL A 66 -46.35 -24.33 0.97
N TYR A 67 -46.12 -23.74 -0.19
CA TYR A 67 -46.82 -24.16 -1.38
C TYR A 67 -46.09 -25.32 -2.07
N PRO A 68 -46.83 -26.17 -2.78
CA PRO A 68 -46.21 -27.35 -3.37
C PRO A 68 -45.47 -27.02 -4.65
N ASP A 69 -45.79 -25.89 -5.24
CA ASP A 69 -45.16 -25.48 -6.48
C ASP A 69 -45.30 -23.98 -6.69
N ASP A 70 -44.56 -23.48 -7.68
CA ASP A 70 -44.53 -22.06 -7.97
C ASP A 70 -45.88 -21.52 -8.38
N THR A 71 -46.60 -22.30 -9.18
CA THR A 71 -47.89 -21.90 -9.67
C THR A 71 -48.86 -21.54 -8.57
N SER A 72 -48.96 -22.36 -7.55
CA SER A 72 -49.91 -22.10 -6.50
C SER A 72 -49.52 -20.90 -5.65
N LEU A 73 -48.24 -20.83 -5.30
CA LEU A 73 -47.72 -19.72 -4.54
C LEU A 73 -48.02 -18.44 -5.26
N LEU A 74 -47.79 -18.46 -6.56
CA LEU A 74 -47.96 -17.30 -7.38
C LEU A 74 -49.39 -16.82 -7.49
N GLN A 75 -50.34 -17.65 -7.10
CA GLN A 75 -51.74 -17.26 -7.10
C GLN A 75 -52.13 -16.53 -5.82
N ASP A 76 -51.35 -16.71 -4.77
CA ASP A 76 -51.56 -16.01 -3.50
C ASP A 76 -51.55 -14.50 -3.72
N PRO A 77 -52.72 -13.85 -3.53
CA PRO A 77 -52.90 -12.43 -3.83
C PRO A 77 -52.26 -11.51 -2.80
N ASP A 78 -51.83 -12.09 -1.69
CA ASP A 78 -51.28 -11.27 -0.62
C ASP A 78 -49.75 -11.13 -0.69
N ILE A 79 -49.16 -11.80 -1.66
CA ILE A 79 -47.73 -11.72 -1.91
C ILE A 79 -47.39 -10.55 -2.81
N ASP A 80 -46.46 -9.71 -2.38
CA ASP A 80 -46.10 -8.52 -3.14
C ASP A 80 -45.03 -8.80 -4.19
N ALA A 81 -44.11 -9.66 -3.83
CA ALA A 81 -42.94 -9.91 -4.63
C ALA A 81 -42.45 -11.34 -4.42
N VAL A 82 -41.84 -11.89 -5.46
CA VAL A 82 -41.23 -13.20 -5.36
C VAL A 82 -39.74 -13.20 -5.60
N PHE A 83 -39.06 -14.08 -4.88
CA PHE A 83 -37.66 -14.36 -5.10
C PHE A 83 -37.51 -15.71 -5.77
N VAL A 84 -37.02 -15.70 -6.98
CA VAL A 84 -36.80 -16.92 -7.72
C VAL A 84 -35.37 -17.34 -7.47
N VAL A 85 -35.20 -18.24 -6.53
CA VAL A 85 -33.87 -18.55 -6.07
C VAL A 85 -33.62 -20.03 -6.09
N SER A 86 -34.33 -20.71 -6.98
CA SER A 86 -34.11 -22.12 -7.25
C SER A 86 -32.84 -22.31 -8.08
N PHE A 87 -32.56 -23.55 -8.44
CA PHE A 87 -31.41 -23.87 -9.27
C PHE A 87 -31.65 -23.22 -10.63
N GLY A 88 -30.57 -22.86 -11.31
CA GLY A 88 -30.63 -22.05 -12.51
C GLY A 88 -31.55 -22.52 -13.61
N GLY A 89 -31.61 -23.82 -13.81
CA GLY A 89 -32.35 -24.39 -14.91
C GLY A 89 -33.84 -24.15 -14.73
N ALA A 90 -34.24 -23.82 -13.52
CA ALA A 90 -35.65 -23.70 -13.16
C ALA A 90 -36.19 -22.28 -13.33
N HIS A 91 -35.28 -21.32 -13.50
CA HIS A 91 -35.63 -19.93 -13.48
C HIS A 91 -36.55 -19.52 -14.60
N GLU A 92 -36.25 -19.97 -15.81
CA GLU A 92 -36.99 -19.56 -16.99
C GLU A 92 -38.48 -19.73 -16.80
N ALA A 93 -38.87 -20.97 -16.52
CA ALA A 93 -40.26 -21.36 -16.42
C ALA A 93 -40.96 -20.63 -15.31
N THR A 94 -40.23 -20.33 -14.25
CA THR A 94 -40.82 -19.71 -13.09
C THR A 94 -41.05 -18.21 -13.30
N VAL A 95 -40.04 -17.54 -13.81
CA VAL A 95 -40.17 -16.15 -14.22
C VAL A 95 -41.34 -15.97 -15.17
N LEU A 96 -41.45 -16.89 -16.12
CA LEU A 96 -42.53 -16.87 -17.08
C LEU A 96 -43.88 -16.85 -16.39
N LYS A 97 -44.08 -17.78 -15.47
CA LYS A 97 -45.31 -17.85 -14.74
C LYS A 97 -45.61 -16.60 -13.96
N ALA A 98 -44.60 -16.08 -13.29
CA ALA A 98 -44.78 -14.92 -12.44
C ALA A 98 -45.15 -13.72 -13.26
N LEU A 99 -44.71 -13.70 -14.51
CA LEU A 99 -45.07 -12.65 -15.44
C LEU A 99 -46.56 -12.61 -15.80
N ASP A 100 -47.27 -13.67 -15.45
CA ASP A 100 -48.72 -13.69 -15.60
C ASP A 100 -49.37 -12.85 -14.52
N THR A 101 -48.66 -12.68 -13.41
CA THR A 101 -49.14 -11.93 -12.27
C THR A 101 -48.67 -10.50 -12.26
N ASP A 102 -49.11 -9.73 -11.28
CA ASP A 102 -48.67 -8.36 -11.06
C ASP A 102 -47.53 -8.27 -10.06
N LYS A 103 -47.05 -9.41 -9.58
CA LYS A 103 -46.00 -9.39 -8.59
C LYS A 103 -44.66 -8.89 -9.13
N PHE A 104 -43.91 -8.21 -8.29
CA PHE A 104 -42.52 -7.89 -8.58
C PHE A 104 -41.67 -9.15 -8.47
N ILE A 105 -40.59 -9.19 -9.23
CA ILE A 105 -39.76 -10.38 -9.36
C ILE A 105 -38.26 -10.13 -9.15
N PHE A 106 -37.67 -10.82 -8.21
CA PHE A 106 -36.22 -10.87 -8.05
C PHE A 106 -35.71 -12.27 -8.34
N THR A 107 -35.02 -12.42 -9.46
CA THR A 107 -34.41 -13.69 -9.76
C THR A 107 -32.91 -13.64 -9.62
N GLU A 108 -32.34 -14.68 -9.05
CA GLU A 108 -30.90 -14.84 -9.09
C GLU A 108 -30.46 -15.10 -10.51
N LYS A 109 -29.19 -14.86 -10.79
CA LYS A 109 -28.61 -15.27 -12.05
C LYS A 109 -28.75 -16.76 -12.09
N PRO A 110 -28.95 -17.32 -13.28
CA PRO A 110 -29.17 -16.60 -14.52
C PRO A 110 -30.64 -16.24 -14.73
N LEU A 111 -30.92 -15.38 -15.70
CA LEU A 111 -32.30 -15.12 -16.12
C LEU A 111 -32.87 -16.39 -16.72
N ALA A 112 -32.11 -16.99 -17.61
CA ALA A 112 -32.41 -18.33 -18.10
C ALA A 112 -31.11 -18.99 -18.44
N THR A 113 -31.08 -20.31 -18.43
CA THR A 113 -29.89 -21.03 -18.82
C THR A 113 -29.65 -21.04 -20.33
N THR A 114 -30.59 -20.53 -21.10
CA THR A 114 -30.43 -20.47 -22.55
C THR A 114 -30.89 -19.15 -23.10
N LEU A 115 -30.46 -18.86 -24.32
CA LEU A 115 -30.61 -17.52 -24.81
C LEU A 115 -31.94 -17.21 -25.46
N GLU A 116 -32.66 -18.25 -25.85
CA GLU A 116 -33.99 -18.04 -26.39
C GLU A 116 -34.95 -17.85 -25.24
N GLY A 117 -34.76 -18.68 -24.21
CA GLY A 117 -35.55 -18.54 -23.00
C GLY A 117 -35.44 -17.18 -22.35
N ALA A 118 -34.27 -16.57 -22.40
CA ALA A 118 -34.12 -15.23 -21.89
C ALA A 118 -34.84 -14.25 -22.80
N LYS A 119 -34.75 -14.47 -24.10
CA LYS A 119 -35.39 -13.58 -25.06
C LYS A 119 -36.88 -13.63 -24.86
N ARG A 120 -37.33 -14.80 -24.45
CA ARG A 120 -38.72 -15.03 -24.23
C ARG A 120 -39.22 -14.15 -23.11
N ILE A 121 -38.47 -14.15 -22.03
CA ILE A 121 -38.83 -13.41 -20.84
C ILE A 121 -38.88 -11.96 -21.15
N VAL A 122 -37.87 -11.48 -21.85
CA VAL A 122 -37.81 -10.11 -22.26
C VAL A 122 -39.01 -9.70 -23.13
N ASP A 123 -39.25 -10.47 -24.17
CA ASP A 123 -40.42 -10.30 -25.03
C ASP A 123 -41.74 -10.22 -24.24
N LYS A 124 -41.94 -11.16 -23.33
CA LYS A 124 -43.09 -11.15 -22.46
C LYS A 124 -43.19 -9.96 -21.52
N GLU A 125 -42.11 -9.57 -20.88
CA GLU A 125 -42.18 -8.44 -19.96
C GLU A 125 -42.41 -7.16 -20.76
N LEU A 126 -41.93 -7.13 -21.99
CA LEU A 126 -42.17 -6.00 -22.86
C LEU A 126 -43.67 -5.78 -23.17
N THR A 127 -44.49 -6.78 -22.88
CA THR A 127 -45.92 -6.67 -23.09
C THR A 127 -46.63 -6.01 -21.92
N LYS A 128 -45.92 -5.80 -20.82
CA LYS A 128 -46.54 -5.35 -19.58
C LYS A 128 -46.63 -3.86 -19.40
N SER A 129 -47.46 -3.48 -18.45
CA SER A 129 -47.61 -2.10 -18.04
C SER A 129 -46.31 -1.48 -17.58
N LYS A 130 -45.52 -2.26 -16.85
CA LYS A 130 -44.32 -1.75 -16.21
C LYS A 130 -43.29 -2.85 -15.99
N LYS A 131 -42.04 -2.47 -15.79
CA LYS A 131 -40.99 -3.39 -15.45
C LYS A 131 -41.23 -3.97 -14.07
N VAL A 132 -41.03 -5.27 -13.92
CA VAL A 132 -41.16 -5.94 -12.65
C VAL A 132 -39.96 -6.81 -12.26
N ILE A 133 -39.08 -7.09 -13.20
CA ILE A 133 -37.98 -7.99 -12.92
C ILE A 133 -36.66 -7.29 -12.54
N GLN A 134 -36.04 -7.80 -11.49
CA GLN A 134 -34.67 -7.47 -11.16
C GLN A 134 -33.81 -8.72 -11.11
N VAL A 135 -32.67 -8.67 -11.77
CA VAL A 135 -31.77 -9.82 -11.84
C VAL A 135 -30.61 -9.61 -10.86
N GLY A 136 -30.22 -10.68 -10.18
CA GLY A 136 -29.31 -10.58 -9.07
C GLY A 136 -27.84 -10.52 -9.37
N PHE A 137 -27.42 -9.51 -10.09
CA PHE A 137 -26.03 -9.29 -10.34
C PHE A 137 -25.50 -8.31 -9.30
N MET A 138 -24.96 -8.84 -8.22
CA MET A 138 -24.62 -8.01 -7.08
C MET A 138 -23.43 -7.09 -7.24
N ARG A 139 -22.55 -7.41 -8.17
CA ARG A 139 -21.31 -6.70 -8.34
C ARG A 139 -21.53 -5.21 -8.43
N ARG A 140 -22.59 -4.83 -9.11
CA ARG A 140 -22.93 -3.45 -9.33
C ARG A 140 -23.18 -2.70 -8.03
N TYR A 141 -23.42 -3.43 -6.97
CA TYR A 141 -23.75 -2.83 -5.70
C TYR A 141 -22.56 -2.76 -4.74
N ASP A 142 -21.47 -3.41 -5.10
CA ASP A 142 -20.27 -3.38 -4.30
C ASP A 142 -19.74 -1.97 -4.22
N GLN A 143 -19.49 -1.51 -3.01
CA GLN A 143 -19.03 -0.14 -2.78
C GLN A 143 -17.73 0.23 -3.51
N GLY A 144 -16.79 -0.69 -3.56
CA GLY A 144 -15.53 -0.46 -4.24
C GLY A 144 -15.67 -0.34 -5.74
N ILE A 145 -16.34 -1.31 -6.32
CA ILE A 145 -16.58 -1.34 -7.76
C ILE A 145 -17.39 -0.13 -8.20
N ARG A 146 -18.40 0.20 -7.43
CA ARG A 146 -19.23 1.35 -7.70
C ARG A 146 -18.45 2.65 -7.66
N ALA A 147 -17.58 2.78 -6.68
CA ALA A 147 -16.76 3.97 -6.54
C ALA A 147 -15.77 4.11 -7.69
N LEU A 148 -15.29 2.99 -8.18
CA LEU A 148 -14.42 3.00 -9.35
C LEU A 148 -15.17 3.51 -10.58
N LYS A 149 -16.32 2.92 -10.90
CA LYS A 149 -17.14 3.39 -12.01
C LYS A 149 -17.42 4.89 -11.94
N GLU A 150 -17.86 5.35 -10.78
CA GLU A 150 -18.08 6.76 -10.55
C GLU A 150 -16.86 7.62 -10.86
N LYS A 151 -15.69 7.20 -10.40
CA LYS A 151 -14.48 7.94 -10.70
C LYS A 151 -14.20 7.95 -12.21
N LEU A 152 -14.33 6.81 -12.84
CA LEU A 152 -14.19 6.70 -14.28
C LEU A 152 -15.10 7.68 -14.99
N ASP A 153 -16.37 7.72 -14.60
CA ASP A 153 -17.35 8.58 -15.24
C ASP A 153 -17.12 10.08 -15.08
N THR A 154 -16.24 10.47 -14.18
CA THR A 154 -15.87 11.87 -14.08
C THR A 154 -15.08 12.35 -15.30
N GLY A 155 -14.45 11.43 -15.99
CA GLY A 155 -13.59 11.76 -17.11
C GLY A 155 -12.13 11.98 -16.76
N ILE A 156 -11.79 11.74 -15.49
CA ILE A 156 -10.47 12.02 -15.02
C ILE A 156 -9.33 11.26 -15.71
N ILE A 157 -9.61 10.08 -16.24
CA ILE A 157 -8.58 9.35 -16.96
C ILE A 157 -8.86 9.26 -18.45
N GLY A 158 -9.83 10.04 -18.90
CA GLY A 158 -10.23 10.04 -20.29
C GLY A 158 -10.96 8.78 -20.65
N ALA A 159 -10.93 8.43 -21.93
CA ALA A 159 -11.62 7.25 -22.39
C ALA A 159 -10.94 5.95 -21.95
N PRO A 160 -11.75 4.99 -21.52
CA PRO A 160 -11.27 3.67 -21.18
C PRO A 160 -10.82 2.91 -22.43
N LEU A 161 -9.57 2.50 -22.42
CA LEU A 161 -8.96 1.83 -23.56
C LEU A 161 -8.89 0.33 -23.32
N VAL A 162 -8.47 -0.05 -22.13
CA VAL A 162 -8.32 -1.45 -21.78
C VAL A 162 -8.80 -1.66 -20.35
N VAL A 163 -9.39 -2.81 -20.10
CA VAL A 163 -9.76 -3.26 -18.78
C VAL A 163 -9.06 -4.57 -18.51
N ARG A 164 -8.36 -4.64 -17.39
CA ARG A 164 -7.79 -5.89 -16.92
C ARG A 164 -8.39 -6.28 -15.57
N ALA A 165 -8.83 -7.53 -15.47
CA ALA A 165 -9.52 -8.01 -14.30
C ALA A 165 -9.11 -9.42 -13.96
N SER A 166 -9.40 -9.81 -12.74
CA SER A 166 -9.14 -11.14 -12.27
C SER A 166 -10.29 -11.60 -11.41
N HIS A 167 -10.70 -12.83 -11.61
CA HIS A 167 -11.65 -13.45 -10.75
C HIS A 167 -11.00 -14.69 -10.13
N ILE A 168 -10.49 -14.52 -8.92
CA ILE A 168 -9.67 -15.51 -8.26
C ILE A 168 -10.41 -16.25 -7.15
N ASN A 169 -10.33 -17.57 -7.20
CA ASN A 169 -11.00 -18.44 -6.26
C ASN A 169 -10.07 -19.54 -5.82
N PRO A 170 -10.12 -19.90 -4.56
CA PRO A 170 -9.15 -20.86 -4.03
C PRO A 170 -9.35 -22.28 -4.53
N ASN A 171 -10.56 -22.79 -4.51
CA ASN A 171 -10.80 -24.15 -4.95
C ASN A 171 -12.26 -24.37 -5.27
N VAL A 172 -12.55 -25.45 -5.97
CA VAL A 172 -13.91 -25.77 -6.36
C VAL A 172 -14.36 -27.15 -5.93
N ALA A 173 -15.67 -27.33 -5.93
CA ALA A 173 -16.28 -28.57 -5.54
C ALA A 173 -16.19 -29.55 -6.68
N SER A 174 -16.45 -30.82 -6.39
CA SER A 174 -16.38 -31.87 -7.39
C SER A 174 -17.33 -31.70 -8.55
N ASN A 175 -18.43 -30.99 -8.34
CA ASN A 175 -19.41 -30.83 -9.39
C ASN A 175 -19.14 -29.67 -10.33
N TYR A 176 -18.05 -28.93 -10.11
CA TYR A 176 -17.79 -27.73 -10.89
C TYR A 176 -17.22 -28.09 -12.26
N SER A 177 -17.96 -27.73 -13.28
CA SER A 177 -17.62 -28.05 -14.64
C SER A 177 -17.00 -26.90 -15.40
N ASN A 178 -16.45 -27.23 -16.54
CA ASN A 178 -15.88 -26.23 -17.43
C ASN A 178 -16.84 -25.10 -17.83
N GLU A 179 -18.07 -25.46 -18.15
CA GLU A 179 -19.11 -24.48 -18.44
C GLU A 179 -19.37 -23.53 -17.26
N MET A 180 -19.20 -24.02 -16.06
CA MET A 180 -19.42 -23.23 -14.87
C MET A 180 -18.39 -22.10 -14.67
N ALA A 181 -17.25 -22.23 -15.33
CA ALA A 181 -16.27 -21.17 -15.37
C ALA A 181 -16.88 -19.93 -15.99
N ILE A 182 -17.77 -20.15 -16.94
CA ILE A 182 -18.56 -19.09 -17.50
C ILE A 182 -19.80 -18.77 -16.68
N THR A 183 -20.64 -19.78 -16.43
CA THR A 183 -21.99 -19.59 -15.91
C THR A 183 -22.03 -19.22 -14.43
N ASP A 184 -21.05 -19.70 -13.69
CA ASP A 184 -21.02 -19.46 -12.27
C ASP A 184 -19.99 -18.41 -11.88
N THR A 185 -18.93 -18.28 -12.66
CA THR A 185 -17.85 -17.42 -12.27
C THR A 185 -17.74 -16.17 -13.13
N LEU A 186 -17.42 -16.36 -14.40
CA LEU A 186 -17.24 -15.24 -15.32
C LEU A 186 -18.50 -14.41 -15.54
N ILE A 187 -19.64 -15.00 -15.26
CA ILE A 187 -20.93 -14.34 -15.45
C ILE A 187 -20.97 -12.97 -14.77
N HIS A 188 -20.29 -12.86 -13.64
CA HIS A 188 -20.20 -11.62 -12.90
C HIS A 188 -19.49 -10.53 -13.69
N GLU A 189 -18.33 -10.85 -14.21
CA GLU A 189 -17.66 -9.90 -15.07
C GLU A 189 -18.48 -9.60 -16.33
N ILE A 190 -19.17 -10.60 -16.85
CA ILE A 190 -19.98 -10.44 -18.04
C ILE A 190 -21.04 -9.37 -17.87
N ASP A 191 -21.73 -9.36 -16.74
CA ASP A 191 -22.68 -8.30 -16.48
C ASP A 191 -22.01 -6.97 -16.15
N GLU A 192 -20.93 -7.05 -15.41
CA GLU A 192 -20.23 -5.90 -14.88
C GLU A 192 -19.66 -4.95 -15.94
N MET A 193 -18.97 -5.52 -16.92
CA MET A 193 -18.16 -4.73 -17.83
C MET A 193 -18.94 -3.78 -18.72
N HIS A 194 -20.05 -4.22 -19.27
CA HIS A 194 -20.83 -3.35 -20.10
C HIS A 194 -21.47 -2.23 -19.30
N TRP A 195 -21.87 -2.53 -18.07
CA TRP A 195 -22.34 -1.52 -17.15
C TRP A 195 -21.25 -0.51 -16.79
N LEU A 196 -20.09 -1.02 -16.42
CA LEU A 196 -18.95 -0.20 -16.09
C LEU A 196 -18.62 0.82 -17.18
N LEU A 197 -18.59 0.35 -18.42
CA LEU A 197 -18.13 1.13 -19.54
C LEU A 197 -19.25 1.85 -20.29
N ASP A 198 -20.49 1.57 -19.95
CA ASP A 198 -21.64 2.03 -20.71
C ASP A 198 -21.44 1.80 -22.22
N ASP A 199 -21.24 0.55 -22.58
CA ASP A 199 -20.87 0.18 -23.94
C ASP A 199 -21.37 -1.23 -24.15
N GLU A 200 -21.34 -1.71 -25.38
CA GLU A 200 -21.88 -3.02 -25.70
C GLU A 200 -20.78 -3.92 -26.23
N TYR A 201 -20.95 -5.22 -26.02
CA TYR A 201 -19.99 -6.23 -26.44
C TYR A 201 -20.12 -6.59 -27.92
N THR A 202 -19.00 -6.81 -28.59
CA THR A 202 -18.99 -7.19 -30.01
C THR A 202 -18.33 -8.53 -30.23
N SER A 203 -17.54 -8.96 -29.25
CA SER A 203 -16.96 -10.29 -29.27
C SER A 203 -16.51 -10.80 -27.91
N ILE A 204 -16.36 -12.11 -27.84
CA ILE A 204 -15.69 -12.77 -26.74
C ILE A 204 -14.81 -13.90 -27.27
N GLN A 205 -13.70 -14.13 -26.60
CA GLN A 205 -12.82 -15.25 -26.90
C GLN A 205 -12.30 -15.84 -25.62
N ILE A 206 -12.38 -17.16 -25.51
CA ILE A 206 -11.84 -17.86 -24.38
C ILE A 206 -10.59 -18.63 -24.78
N THR A 207 -9.49 -18.38 -24.09
CA THR A 207 -8.27 -19.13 -24.31
C THR A 207 -7.83 -19.86 -23.06
N TYR A 208 -7.07 -20.92 -23.26
CA TYR A 208 -6.60 -21.77 -22.20
C TYR A 208 -5.08 -21.79 -22.15
N PRO A 209 -4.48 -21.27 -21.09
CA PRO A 209 -3.06 -21.47 -20.80
C PRO A 209 -2.82 -22.89 -20.35
N ARG A 210 -1.60 -23.22 -19.97
CA ARG A 210 -1.32 -24.54 -19.44
C ARG A 210 -2.24 -24.89 -18.29
N GLN A 211 -2.64 -26.14 -18.21
CA GLN A 211 -3.55 -26.62 -17.22
C GLN A 211 -2.90 -26.72 -15.86
N SER A 212 -3.57 -26.24 -14.82
CA SER A 212 -3.02 -26.33 -13.49
C SER A 212 -3.05 -27.74 -12.98
N ALA A 213 -2.00 -28.12 -12.27
CA ALA A 213 -1.95 -29.39 -11.59
C ALA A 213 -2.98 -29.47 -10.46
N GLU A 214 -3.56 -28.33 -10.08
CA GLU A 214 -4.51 -28.30 -8.98
C GLU A 214 -5.89 -28.80 -9.38
N VAL A 215 -6.13 -28.89 -10.67
CA VAL A 215 -7.43 -29.31 -11.14
C VAL A 215 -7.59 -30.79 -10.96
N ARG A 216 -8.72 -31.18 -10.40
CA ARG A 216 -9.08 -32.57 -10.39
C ARG A 216 -10.55 -32.82 -10.66
N ASN A 217 -11.12 -31.96 -11.51
CA ASN A 217 -12.44 -32.19 -12.08
C ASN A 217 -12.31 -32.48 -13.55
N GLU A 218 -12.90 -33.58 -14.00
CA GLU A 218 -12.87 -33.95 -15.41
C GLU A 218 -13.40 -32.84 -16.31
N GLY A 219 -12.64 -32.52 -17.34
CA GLY A 219 -13.05 -31.53 -18.31
C GLY A 219 -12.92 -30.06 -17.94
N LEU A 220 -12.64 -29.78 -16.68
CA LEU A 220 -12.47 -28.40 -16.25
C LEU A 220 -11.12 -27.85 -16.66
N HIS A 221 -11.14 -26.79 -17.43
CA HIS A 221 -9.93 -26.05 -17.79
C HIS A 221 -9.70 -24.94 -16.77
N ASP A 222 -8.49 -24.85 -16.24
CA ASP A 222 -8.14 -23.80 -15.31
C ASP A 222 -6.65 -23.54 -15.30
N PRO A 223 -6.25 -22.27 -15.47
CA PRO A 223 -7.14 -21.12 -15.55
C PRO A 223 -7.73 -20.91 -16.94
N GLN A 224 -8.59 -19.91 -17.08
CA GLN A 224 -9.10 -19.51 -18.37
C GLN A 224 -8.90 -18.02 -18.58
N LEU A 225 -8.66 -17.63 -19.82
CA LEU A 225 -8.52 -16.24 -20.21
C LEU A 225 -9.65 -15.83 -21.14
N ALA A 226 -10.35 -14.77 -20.79
CA ALA A 226 -11.45 -14.29 -21.58
C ALA A 226 -11.18 -12.90 -22.06
N THR A 227 -11.20 -12.72 -23.37
CA THR A 227 -11.03 -11.41 -23.94
C THR A 227 -12.34 -10.96 -24.57
N LEU A 228 -12.78 -9.76 -24.23
CA LEU A 228 -13.99 -9.21 -24.80
C LEU A 228 -13.70 -7.89 -25.46
N THR A 229 -14.50 -7.55 -26.46
CA THR A 229 -14.38 -6.29 -27.17
C THR A 229 -15.70 -5.55 -27.16
N THR A 230 -15.61 -4.24 -27.23
CA THR A 230 -16.77 -3.38 -27.22
C THR A 230 -16.89 -2.54 -28.48
N LYS A 231 -18.05 -1.91 -28.63
CA LYS A 231 -18.38 -1.12 -29.80
C LYS A 231 -17.37 -0.01 -29.95
N LYS A 232 -17.07 0.67 -28.86
CA LYS A 232 -16.11 1.74 -28.90
C LYS A 232 -14.67 1.27 -28.94
N GLY A 233 -14.45 -0.03 -28.91
CA GLY A 233 -13.12 -0.56 -29.11
C GLY A 233 -12.31 -0.89 -27.87
N THR A 234 -12.93 -0.70 -26.71
CA THR A 234 -12.30 -1.06 -25.47
C THR A 234 -12.09 -2.55 -25.43
N VAL A 235 -10.88 -2.97 -25.05
CA VAL A 235 -10.56 -4.37 -24.89
C VAL A 235 -10.46 -4.83 -23.43
N ILE A 236 -11.19 -5.88 -23.12
CA ILE A 236 -11.27 -6.40 -21.79
C ILE A 236 -10.56 -7.74 -21.61
N GLN A 237 -9.56 -7.77 -20.74
CA GLN A 237 -8.85 -9.00 -20.45
C GLN A 237 -9.14 -9.56 -19.05
N VAL A 238 -9.84 -10.67 -18.97
CA VAL A 238 -10.21 -11.24 -17.68
C VAL A 238 -9.50 -12.54 -17.40
N LEU A 239 -8.87 -12.61 -16.24
CA LEU A 239 -8.31 -13.86 -15.74
C LEU A 239 -9.30 -14.59 -14.84
N VAL A 240 -9.59 -15.84 -15.19
CA VAL A 240 -10.41 -16.69 -14.35
C VAL A 240 -9.54 -17.78 -13.78
N HIS A 241 -9.44 -17.83 -12.46
CA HIS A 241 -8.58 -18.81 -11.81
C HIS A 241 -9.25 -19.34 -10.56
N VAL A 242 -9.81 -20.54 -10.66
CA VAL A 242 -10.69 -21.05 -9.61
C VAL A 242 -10.08 -22.11 -8.70
N THR A 243 -8.85 -22.53 -8.99
CA THR A 243 -8.10 -23.40 -8.11
C THR A 243 -6.83 -22.75 -7.58
N ALA A 244 -6.87 -21.43 -7.42
CA ALA A 244 -5.72 -20.61 -7.11
C ALA A 244 -5.06 -20.87 -5.76
N GLN A 245 -5.78 -21.56 -4.89
CA GLN A 245 -5.36 -21.95 -3.54
C GLN A 245 -5.24 -20.84 -2.53
N TYR A 246 -4.58 -19.76 -2.90
CA TYR A 246 -4.23 -18.73 -1.94
C TYR A 246 -5.41 -18.01 -1.29
N GLY A 247 -6.48 -17.82 -2.04
CA GLY A 247 -7.58 -17.01 -1.58
C GLY A 247 -8.65 -16.70 -2.60
N TYR A 248 -9.65 -15.95 -2.17
CA TYR A 248 -10.67 -15.40 -3.05
C TYR A 248 -10.45 -13.91 -3.26
N GLU A 249 -10.39 -13.50 -4.51
CA GLU A 249 -10.04 -12.13 -4.84
C GLU A 249 -10.60 -11.67 -6.18
N VAL A 250 -11.04 -10.43 -6.20
CA VAL A 250 -11.54 -9.76 -7.37
C VAL A 250 -10.73 -8.49 -7.63
N LYS A 251 -10.04 -8.49 -8.76
CA LYS A 251 -9.22 -7.38 -9.17
C LYS A 251 -9.80 -6.70 -10.40
N LEU A 252 -9.65 -5.40 -10.47
CA LEU A 252 -10.20 -4.64 -11.57
C LEU A 252 -9.37 -3.42 -11.83
N GLU A 253 -8.89 -3.31 -13.06
CA GLU A 253 -8.06 -2.21 -13.48
C GLU A 253 -8.53 -1.62 -14.82
N VAL A 254 -8.83 -0.33 -14.84
CA VAL A 254 -9.18 0.38 -16.04
C VAL A 254 -8.03 1.29 -16.52
N ILE A 255 -7.59 1.03 -17.73
CA ILE A 255 -6.55 1.77 -18.40
C ILE A 255 -7.16 2.84 -19.29
N GLY A 256 -6.97 4.09 -18.91
CA GLY A 256 -7.51 5.21 -19.63
C GLY A 256 -6.47 6.01 -20.38
N GLU A 257 -6.93 6.90 -21.25
CA GLU A 257 -6.05 7.73 -22.08
C GLU A 257 -5.00 8.53 -21.28
N THR A 258 -5.41 9.09 -20.16
CA THR A 258 -4.58 9.98 -19.38
C THR A 258 -4.24 9.46 -17.96
N GLY A 259 -4.70 8.27 -17.65
CA GLY A 259 -4.44 7.65 -16.36
C GLY A 259 -5.00 6.26 -16.17
N GLU A 260 -4.89 5.73 -14.95
CA GLU A 260 -5.47 4.44 -14.62
C GLU A 260 -6.27 4.50 -13.31
N LEU A 261 -7.23 3.59 -13.17
CA LEU A 261 -7.99 3.38 -11.95
C LEU A 261 -8.03 1.88 -11.64
N GLN A 262 -7.80 1.51 -10.38
CA GLN A 262 -7.95 0.12 -9.97
C GLN A 262 -8.55 -0.01 -8.58
N LEU A 263 -9.13 -1.16 -8.31
CA LEU A 263 -9.62 -1.44 -6.98
C LEU A 263 -8.47 -1.52 -6.01
N PRO A 264 -8.69 -1.00 -4.81
CA PRO A 264 -7.76 -1.16 -3.71
C PRO A 264 -7.86 -2.56 -3.17
N ASN A 265 -6.91 -2.94 -2.32
CA ASN A 265 -6.98 -4.24 -1.69
C ASN A 265 -8.08 -4.28 -0.64
N TYR A 266 -8.76 -5.40 -0.59
CA TYR A 266 -9.89 -5.56 0.30
C TYR A 266 -9.42 -6.16 1.61
N GLY A 267 -9.95 -5.69 2.72
CA GLY A 267 -9.59 -6.26 4.00
C GLY A 267 -9.55 -5.29 5.15
N LEU A 268 -10.16 -5.71 6.24
CA LEU A 268 -10.16 -4.87 7.42
C LEU A 268 -9.13 -5.40 8.43
N GLY A 269 -8.59 -6.57 8.14
CA GLY A 269 -7.68 -7.27 9.01
C GLY A 269 -6.34 -6.60 9.20
N PRO A 270 -5.73 -6.75 10.38
CA PRO A 270 -4.56 -5.96 10.72
C PRO A 270 -3.35 -6.41 9.94
N ILE A 271 -2.39 -5.51 9.85
CA ILE A 271 -1.10 -5.81 9.29
C ILE A 271 -0.20 -6.37 10.39
N LEU A 272 0.35 -7.54 10.13
CA LEU A 272 1.17 -8.23 11.08
C LEU A 272 2.65 -8.20 10.73
N ARG A 273 3.43 -7.57 11.59
CA ARG A 273 4.87 -7.61 11.49
C ARG A 273 5.39 -8.68 12.42
N SER A 274 5.94 -9.74 11.83
CA SER A 274 6.37 -10.92 12.55
C SER A 274 7.23 -11.81 11.70
N ASN A 275 8.30 -12.33 12.29
CA ASN A 275 9.09 -13.38 11.67
C ASN A 275 9.61 -13.00 10.28
N ALA A 276 10.22 -11.83 10.18
CA ALA A 276 10.83 -11.34 8.95
C ALA A 276 9.84 -11.19 7.80
N ASN A 277 8.58 -11.00 8.15
CA ASN A 277 7.52 -10.71 7.20
C ASN A 277 6.55 -9.66 7.67
N GLN A 278 5.92 -9.03 6.69
CA GLN A 278 4.80 -8.14 6.89
C GLN A 278 3.64 -8.67 6.07
N GLN A 279 2.53 -8.97 6.75
CA GLN A 279 1.44 -9.63 6.09
C GLN A 279 0.03 -9.24 6.56
N THR A 280 -0.92 -9.46 5.67
CA THR A 280 -2.33 -9.24 5.89
C THR A 280 -3.10 -10.42 5.37
N ALA A 281 -4.16 -10.78 6.08
CA ALA A 281 -4.96 -11.90 5.69
C ALA A 281 -5.72 -11.63 4.39
N VAL A 282 -6.06 -12.69 3.69
CA VAL A 282 -6.79 -12.62 2.45
C VAL A 282 -8.08 -13.40 2.58
N GLU A 283 -9.17 -12.81 2.16
CA GLU A 283 -10.46 -13.45 2.20
C GLU A 283 -10.42 -14.77 1.46
N MET A 284 -11.08 -15.77 2.02
CA MET A 284 -11.16 -17.07 1.39
C MET A 284 -12.51 -17.38 0.78
N SER A 285 -13.54 -16.63 1.16
CA SER A 285 -14.90 -16.92 0.71
C SER A 285 -15.57 -15.77 -0.04
N TRP A 286 -16.17 -16.09 -1.18
CA TRP A 286 -16.91 -15.10 -1.94
C TRP A 286 -18.12 -14.59 -1.20
N ILE A 287 -18.68 -15.43 -0.36
CA ILE A 287 -19.82 -15.02 0.45
C ILE A 287 -19.45 -13.88 1.33
N ASN A 288 -18.31 -13.98 2.00
CA ASN A 288 -17.88 -12.93 2.90
C ASN A 288 -17.50 -11.65 2.17
N ARG A 289 -16.78 -11.81 1.08
CA ARG A 289 -16.33 -10.68 0.28
C ARG A 289 -17.49 -9.79 -0.17
N PHE A 290 -18.63 -10.39 -0.48
CA PHE A 290 -19.72 -9.65 -1.07
C PHE A 290 -20.99 -9.54 -0.22
N ILE A 291 -20.85 -9.76 1.07
CA ILE A 291 -21.92 -9.51 2.03
C ILE A 291 -22.60 -8.15 1.82
N GLN A 292 -21.80 -7.11 1.76
CA GLN A 292 -22.31 -5.77 1.60
C GLN A 292 -23.15 -5.62 0.32
N ALA A 293 -22.59 -6.07 -0.79
CA ALA A 293 -23.23 -5.98 -2.08
C ALA A 293 -24.61 -6.65 -2.06
N TYR A 294 -24.68 -7.88 -1.58
CA TYR A 294 -25.93 -8.60 -1.48
C TYR A 294 -26.96 -7.89 -0.61
N ASN A 295 -26.53 -7.38 0.53
CA ASN A 295 -27.42 -6.61 1.37
C ASN A 295 -27.95 -5.39 0.66
N THR A 296 -27.07 -4.58 0.09
CA THR A 296 -27.47 -3.36 -0.60
C THR A 296 -28.46 -3.63 -1.77
N GLU A 297 -28.14 -4.62 -2.56
CA GLU A 297 -28.92 -5.07 -3.70
C GLU A 297 -30.36 -5.39 -3.34
N VAL A 298 -30.54 -6.26 -2.36
CA VAL A 298 -31.84 -6.71 -1.95
C VAL A 298 -32.66 -5.64 -1.19
N GLN A 299 -31.97 -4.82 -0.41
CA GLN A 299 -32.61 -3.71 0.25
C GLN A 299 -33.17 -2.72 -0.74
N GLU A 300 -32.47 -2.49 -1.84
CA GLU A 300 -32.95 -1.62 -2.90
C GLU A 300 -34.22 -2.21 -3.54
N PHE A 301 -34.22 -3.51 -3.78
CA PHE A 301 -35.36 -4.14 -4.41
C PHE A 301 -36.59 -3.97 -3.52
N ILE A 302 -36.43 -4.28 -2.25
CA ILE A 302 -37.47 -4.12 -1.27
C ILE A 302 -37.98 -2.68 -1.23
N ASP A 303 -37.06 -1.73 -1.19
CA ASP A 303 -37.36 -0.32 -1.10
C ASP A 303 -38.26 0.13 -2.26
N GLU A 304 -37.91 -0.33 -3.46
CA GLU A 304 -38.67 -0.05 -4.65
C GLU A 304 -40.06 -0.67 -4.61
N VAL A 305 -40.14 -1.93 -4.19
CA VAL A 305 -41.41 -2.61 -4.09
C VAL A 305 -42.32 -1.90 -3.09
N ALA A 306 -41.75 -1.50 -1.97
CA ALA A 306 -42.51 -0.81 -0.95
C ALA A 306 -43.17 0.45 -1.49
N LYS A 307 -42.58 1.04 -2.52
CA LYS A 307 -43.13 2.23 -3.16
C LYS A 307 -44.01 1.91 -4.36
N SER A 308 -44.16 0.62 -4.65
CA SER A 308 -44.85 0.17 -5.85
C SER A 308 -44.27 0.87 -7.08
N GLU A 309 -42.95 0.85 -7.19
CA GLU A 309 -42.25 1.37 -8.35
C GLU A 309 -41.32 0.28 -8.90
N PRO A 310 -41.06 0.30 -10.19
CA PRO A 310 -40.22 -0.73 -10.80
C PRO A 310 -38.81 -0.69 -10.23
N PRO A 311 -38.15 -1.86 -10.18
CA PRO A 311 -36.76 -1.95 -9.76
C PRO A 311 -35.90 -1.04 -10.60
N VAL A 312 -34.81 -0.58 -10.02
CA VAL A 312 -33.86 0.19 -10.77
C VAL A 312 -32.52 -0.53 -10.92
N GLY A 313 -32.43 -1.74 -10.39
CA GLY A 313 -31.27 -2.56 -10.59
C GLY A 313 -31.25 -3.29 -11.92
N PRO A 314 -30.34 -4.25 -12.09
CA PRO A 314 -30.24 -4.96 -13.36
C PRO A 314 -31.57 -5.57 -13.80
N SER A 315 -31.89 -5.34 -15.06
CA SER A 315 -33.15 -5.73 -15.66
C SER A 315 -33.07 -7.04 -16.40
N ALA A 316 -34.18 -7.48 -16.94
CA ALA A 316 -34.20 -8.67 -17.78
C ALA A 316 -33.37 -8.49 -19.04
N TRP A 317 -33.28 -7.25 -19.51
CA TRP A 317 -32.42 -6.96 -20.64
C TRP A 317 -30.98 -7.27 -20.27
N ASP A 318 -30.59 -6.85 -19.07
CA ASP A 318 -29.28 -7.19 -18.53
C ASP A 318 -29.09 -8.69 -18.45
N GLY A 319 -30.09 -9.41 -17.98
CA GLY A 319 -30.02 -10.84 -17.96
C GLY A 319 -29.84 -11.43 -19.36
N TYR A 320 -30.50 -10.85 -20.31
CA TYR A 320 -30.47 -11.34 -21.65
C TYR A 320 -29.08 -11.11 -22.27
N ILE A 321 -28.54 -9.92 -22.07
CA ILE A 321 -27.20 -9.60 -22.49
C ILE A 321 -26.20 -10.60 -21.96
N ALA A 322 -26.35 -10.95 -20.70
CA ALA A 322 -25.47 -11.90 -20.04
C ALA A 322 -25.60 -13.28 -20.66
N ALA A 323 -26.84 -13.69 -20.90
CA ALA A 323 -27.15 -14.99 -21.49
C ALA A 323 -26.52 -15.13 -22.86
N ILE A 324 -26.64 -14.07 -23.65
CA ILE A 324 -26.05 -14.03 -24.97
C ILE A 324 -24.55 -14.21 -24.87
N THR A 325 -23.92 -13.38 -24.06
CA THR A 325 -22.49 -13.36 -23.91
C THR A 325 -21.94 -14.70 -23.42
N ALA A 326 -22.64 -15.32 -22.48
CA ALA A 326 -22.24 -16.60 -21.97
C ALA A 326 -22.37 -17.71 -22.99
N ALA A 327 -23.39 -17.65 -23.83
CA ALA A 327 -23.59 -18.62 -24.89
C ALA A 327 -22.42 -18.56 -25.85
N ALA A 328 -22.08 -17.36 -26.26
CA ALA A 328 -20.91 -17.10 -27.06
C ALA A 328 -19.64 -17.64 -26.39
N ALA A 329 -19.53 -17.42 -25.10
CA ALA A 329 -18.37 -17.88 -24.35
C ALA A 329 -18.26 -19.39 -24.33
N ASN A 330 -19.37 -20.07 -24.11
CA ASN A 330 -19.40 -21.51 -24.09
C ASN A 330 -19.04 -22.08 -25.47
N ARG A 331 -19.38 -21.35 -26.51
CA ARG A 331 -19.00 -21.73 -27.86
C ARG A 331 -17.52 -21.56 -28.06
N SER A 332 -16.98 -20.45 -27.58
CA SER A 332 -15.55 -20.23 -27.66
C SER A 332 -14.80 -21.28 -26.87
N GLN A 333 -15.41 -21.82 -25.83
CA GLN A 333 -14.74 -22.81 -25.02
C GLN A 333 -14.38 -24.09 -25.75
N LYS A 334 -15.08 -24.39 -26.83
CA LYS A 334 -14.84 -25.62 -27.57
C LYS A 334 -13.52 -25.57 -28.31
N ASP A 335 -13.20 -24.44 -28.94
CA ASP A 335 -12.07 -24.36 -29.85
C ASP A 335 -11.19 -23.13 -29.68
N GLN A 336 -11.47 -22.35 -28.66
CA GLN A 336 -10.76 -21.13 -28.34
C GLN A 336 -10.78 -20.06 -29.45
N GLU A 337 -11.80 -20.09 -30.30
CA GLU A 337 -11.92 -19.06 -31.32
C GLU A 337 -12.83 -17.93 -30.85
N THR A 338 -12.63 -16.78 -31.45
CA THR A 338 -13.42 -15.61 -31.16
C THR A 338 -14.85 -15.79 -31.67
N VAL A 339 -15.81 -15.34 -30.87
CA VAL A 339 -17.20 -15.41 -31.24
C VAL A 339 -17.79 -14.04 -31.24
N LEU A 340 -18.39 -13.65 -32.34
CA LEU A 340 -18.98 -12.34 -32.44
C LEU A 340 -20.31 -12.22 -31.70
N ILE A 341 -20.52 -11.04 -31.13
CA ILE A 341 -21.71 -10.72 -30.40
C ILE A 341 -22.34 -9.49 -31.02
N ASN A 342 -23.63 -9.54 -31.26
CA ASN A 342 -24.34 -8.38 -31.73
C ASN A 342 -25.62 -8.17 -30.95
N VAL A 343 -25.55 -7.30 -29.97
CA VAL A 343 -26.69 -7.06 -29.14
C VAL A 343 -27.51 -5.91 -29.68
N ALA A 344 -28.78 -6.21 -29.93
CA ALA A 344 -29.73 -5.26 -30.44
C ALA A 344 -29.88 -4.15 -29.45
N GLY A 345 -30.20 -2.97 -29.96
CA GLY A 345 -30.31 -1.79 -29.14
C GLY A 345 -31.29 -2.00 -28.02
N THR A 346 -31.00 -1.38 -26.89
CA THR A 346 -31.84 -1.50 -25.72
C THR A 346 -33.20 -0.90 -25.99
N PRO A 347 -34.25 -1.70 -25.85
CA PRO A 347 -35.62 -1.22 -25.92
C PRO A 347 -35.82 -0.07 -24.96
N THR A 348 -36.78 0.77 -25.27
CA THR A 348 -37.04 1.93 -24.46
C THR A 348 -37.55 1.49 -23.09
N PHE A 349 -38.28 0.39 -23.07
CA PHE A 349 -38.82 -0.17 -21.83
C PHE A 349 -37.69 -0.45 -20.82
N TYR A 350 -36.52 -0.80 -21.35
CA TYR A 350 -35.38 -1.15 -20.54
C TYR A 350 -34.37 -0.02 -20.42
N GLN A 351 -34.66 1.07 -21.08
CA GLN A 351 -33.89 2.28 -20.90
C GLN A 351 -34.44 3.01 -19.70
N MET B 13 42.32 13.44 -9.53
CA MET B 13 43.26 12.33 -9.28
C MET B 13 42.96 11.53 -8.00
N VAL B 14 43.48 10.31 -7.94
CA VAL B 14 43.04 9.29 -7.00
C VAL B 14 43.33 9.61 -5.53
N VAL B 15 42.33 9.42 -4.69
CA VAL B 15 42.44 9.69 -3.28
C VAL B 15 43.03 8.51 -2.54
N LYS B 16 44.19 8.74 -1.94
CA LYS B 16 44.90 7.73 -1.18
C LYS B 16 44.47 7.76 0.28
N VAL B 17 44.06 6.60 0.79
CA VAL B 17 43.41 6.51 2.08
C VAL B 17 44.12 5.62 3.08
N GLY B 18 44.21 6.10 4.30
CA GLY B 18 44.57 5.29 5.43
C GLY B 18 43.36 4.93 6.26
N VAL B 19 43.22 3.65 6.57
CA VAL B 19 42.11 3.20 7.38
C VAL B 19 42.52 2.80 8.78
N ILE B 20 41.92 3.42 9.76
CA ILE B 20 42.22 3.14 11.15
C ILE B 20 41.09 2.35 11.78
N GLY B 21 41.39 1.08 12.01
CA GLY B 21 40.44 0.12 12.52
C GLY B 21 39.98 -0.76 11.40
N THR B 22 40.26 -2.05 11.49
CA THR B 22 39.86 -2.97 10.46
C THR B 22 39.00 -4.08 11.03
N GLY B 23 38.04 -3.71 11.86
CA GLY B 23 37.01 -4.62 12.26
C GLY B 23 35.97 -4.82 11.17
N ALA B 24 34.75 -5.11 11.56
CA ALA B 24 33.69 -5.31 10.57
C ALA B 24 33.38 -4.05 9.77
N MET B 25 33.18 -2.94 10.44
CA MET B 25 32.85 -1.71 9.74
C MET B 25 34.03 -1.23 8.90
N GLY B 26 35.23 -1.45 9.40
CA GLY B 26 36.45 -1.09 8.73
C GLY B 26 36.65 -1.84 7.43
N ARG B 27 36.45 -3.14 7.47
CA ARG B 27 36.57 -3.97 6.29
C ARG B 27 35.54 -3.54 5.28
N ALA B 28 34.36 -3.19 5.77
CA ALA B 28 33.28 -2.70 4.93
C ALA B 28 33.66 -1.43 4.18
N HIS B 29 34.23 -0.48 4.89
CA HIS B 29 34.70 0.73 4.25
C HIS B 29 35.80 0.45 3.24
N ILE B 30 36.70 -0.46 3.58
CA ILE B 30 37.76 -0.83 2.68
C ILE B 30 37.19 -1.48 1.43
N ASP B 31 36.22 -2.35 1.62
CA ASP B 31 35.67 -3.07 0.49
C ASP B 31 34.94 -2.12 -0.44
N ARG B 32 34.17 -1.24 0.15
CA ARG B 32 33.51 -0.16 -0.56
C ARG B 32 34.50 0.71 -1.31
N LEU B 33 35.54 1.16 -0.63
CA LEU B 33 36.52 2.02 -1.26
C LEU B 33 37.30 1.34 -2.39
N THR B 34 37.46 0.03 -2.26
CA THR B 34 38.24 -0.73 -3.19
C THR B 34 37.43 -1.24 -4.38
N ASN B 35 36.30 -1.85 -4.09
CA ASN B 35 35.56 -2.61 -5.08
C ASN B 35 34.22 -2.02 -5.52
N VAL B 36 33.77 -0.96 -4.86
CA VAL B 36 32.47 -0.41 -5.20
C VAL B 36 32.54 1.01 -5.67
N LEU B 37 33.18 1.86 -4.90
CA LEU B 37 33.25 3.26 -5.24
C LEU B 37 34.39 3.55 -6.18
N THR B 38 34.45 4.78 -6.64
CA THR B 38 35.43 5.17 -7.62
C THR B 38 36.32 6.27 -7.09
N GLY B 39 37.58 6.21 -7.44
CA GLY B 39 38.45 7.34 -7.19
C GLY B 39 39.25 7.33 -5.91
N ALA B 40 39.30 6.19 -5.24
CA ALA B 40 40.14 6.04 -4.07
C ALA B 40 40.95 4.74 -4.04
N GLU B 41 42.00 4.76 -3.25
CA GLU B 41 42.80 3.59 -3.00
C GLU B 41 43.27 3.58 -1.56
N VAL B 42 43.09 2.46 -0.88
CA VAL B 42 43.57 2.29 0.48
C VAL B 42 45.03 1.86 0.46
N VAL B 43 45.90 2.69 1.01
CA VAL B 43 47.35 2.43 0.98
C VAL B 43 47.98 2.22 2.33
N ALA B 44 47.18 2.27 3.38
CA ALA B 44 47.66 2.07 4.72
C ALA B 44 46.55 1.64 5.64
N VAL B 45 46.88 0.74 6.56
CA VAL B 45 45.93 0.29 7.56
C VAL B 45 46.58 0.11 8.92
N THR B 46 45.77 0.20 9.96
CA THR B 46 46.18 -0.21 11.28
C THR B 46 44.99 -0.64 12.08
N ASP B 47 45.24 -1.46 13.07
CA ASP B 47 44.21 -1.94 13.96
C ASP B 47 44.87 -2.40 15.25
N ILE B 48 44.16 -2.29 16.36
CA ILE B 48 44.68 -2.80 17.61
C ILE B 48 45.17 -4.22 17.46
N ASP B 49 44.44 -4.99 16.68
CA ASP B 49 44.86 -6.32 16.28
C ASP B 49 45.66 -6.23 14.99
N HIS B 50 46.97 -6.28 15.10
CA HIS B 50 47.84 -6.21 13.95
C HIS B 50 47.56 -7.28 12.91
N GLU B 51 47.05 -8.41 13.33
CA GLU B 51 46.71 -9.48 12.41
C GLU B 51 45.42 -9.21 11.64
N ALA B 52 44.45 -8.61 12.30
CA ALA B 52 43.26 -8.11 11.64
C ALA B 52 43.66 -7.13 10.53
N ALA B 53 44.59 -6.26 10.84
CA ALA B 53 45.11 -5.31 9.88
C ALA B 53 45.77 -6.00 8.70
N GLU B 54 46.59 -6.99 9.02
CA GLU B 54 47.30 -7.74 8.01
C GLU B 54 46.30 -8.46 7.13
N ALA B 55 45.26 -8.98 7.76
CA ALA B 55 44.25 -9.72 7.04
C ALA B 55 43.58 -8.84 5.99
N ALA B 56 43.15 -7.66 6.41
CA ALA B 56 42.48 -6.70 5.53
C ALA B 56 43.27 -6.44 4.27
N VAL B 57 44.56 -6.23 4.44
CA VAL B 57 45.48 -6.03 3.33
C VAL B 57 45.48 -7.24 2.42
N ARG B 58 45.63 -8.39 3.06
CA ARG B 58 45.68 -9.67 2.37
C ARG B 58 44.35 -9.90 1.64
N ASP B 59 43.26 -9.88 2.39
CA ASP B 59 41.95 -10.27 1.86
C ASP B 59 41.44 -9.40 0.75
N PHE B 60 41.83 -8.13 0.70
CA PHE B 60 41.31 -7.20 -0.28
C PHE B 60 42.35 -6.82 -1.31
N HIS B 61 43.48 -7.51 -1.22
CA HIS B 61 44.55 -7.39 -2.18
C HIS B 61 45.03 -5.96 -2.34
N LEU B 62 45.18 -5.25 -1.23
CA LEU B 62 45.68 -3.90 -1.27
C LEU B 62 47.19 -3.85 -1.46
N ASN B 63 47.65 -2.77 -2.07
CA ASN B 63 49.03 -2.37 -1.96
C ASN B 63 49.10 -1.36 -0.86
N ALA B 64 49.14 -1.86 0.35
CA ALA B 64 49.09 -1.03 1.51
C ALA B 64 50.15 -1.46 2.50
N LYS B 65 50.52 -0.52 3.34
CA LYS B 65 51.45 -0.74 4.41
C LYS B 65 50.69 -0.86 5.70
N VAL B 66 51.14 -1.73 6.58
CA VAL B 66 50.52 -1.90 7.89
C VAL B 66 51.29 -1.20 9.02
N TYR B 67 50.63 -0.32 9.75
CA TYR B 67 51.26 0.40 10.83
C TYR B 67 50.87 -0.16 12.20
N PRO B 68 51.74 0.05 13.21
CA PRO B 68 51.45 -0.40 14.56
C PRO B 68 50.29 0.33 15.21
N ASP B 69 50.18 1.62 14.94
CA ASP B 69 49.19 2.44 15.61
C ASP B 69 48.68 3.59 14.73
N ASP B 70 47.74 4.34 15.26
CA ASP B 70 47.23 5.51 14.57
C ASP B 70 48.29 6.55 14.31
N THR B 71 49.03 6.94 15.35
CA THR B 71 50.03 8.01 15.22
C THR B 71 51.00 7.77 14.10
N SER B 72 51.45 6.54 13.99
CA SER B 72 52.44 6.23 12.98
C SER B 72 51.87 6.27 11.57
N LEU B 73 50.66 5.74 11.42
CA LEU B 73 49.95 5.78 10.14
C LEU B 73 49.82 7.21 9.68
N LEU B 74 49.58 8.10 10.61
CA LEU B 74 49.40 9.52 10.33
C LEU B 74 50.63 10.27 9.86
N GLN B 75 51.80 9.66 9.97
CA GLN B 75 53.02 10.30 9.56
C GLN B 75 53.38 9.99 8.13
N ASP B 76 52.62 9.08 7.52
CA ASP B 76 52.71 8.77 6.10
C ASP B 76 52.22 9.94 5.31
N PRO B 77 53.07 10.48 4.44
CA PRO B 77 52.72 11.69 3.71
C PRO B 77 52.00 11.41 2.41
N ASP B 78 51.92 10.15 2.03
CA ASP B 78 51.24 9.80 0.81
C ASP B 78 49.74 9.80 1.01
N ILE B 79 49.33 9.89 2.25
CA ILE B 79 47.94 9.75 2.55
C ILE B 79 47.19 11.07 2.45
N ASP B 80 46.12 11.06 1.68
CA ASP B 80 45.29 12.24 1.55
C ASP B 80 44.21 12.33 2.61
N ALA B 81 43.68 11.18 3.03
CA ALA B 81 42.59 11.14 3.97
C ALA B 81 42.66 9.93 4.87
N VAL B 82 42.15 10.05 6.09
CA VAL B 82 42.00 8.89 6.95
C VAL B 82 40.56 8.62 7.32
N PHE B 83 40.25 7.33 7.37
CA PHE B 83 38.99 6.85 7.91
C PHE B 83 39.20 6.34 9.31
N VAL B 84 38.58 6.99 10.28
CA VAL B 84 38.60 6.54 11.65
C VAL B 84 37.41 5.63 11.94
N VAL B 85 37.65 4.34 11.90
CA VAL B 85 36.58 3.37 11.98
C VAL B 85 36.84 2.32 13.04
N SER B 86 37.41 2.78 14.14
CA SER B 86 37.78 1.94 15.25
C SER B 86 36.69 1.97 16.32
N PHE B 87 36.87 1.27 17.42
CA PHE B 87 35.90 1.34 18.50
C PHE B 87 35.70 2.77 18.93
N GLY B 88 34.43 3.13 19.07
CA GLY B 88 34.03 4.51 19.23
C GLY B 88 34.77 5.29 20.28
N GLY B 89 35.22 4.62 21.33
CA GLY B 89 35.95 5.25 22.40
C GLY B 89 37.39 5.63 22.08
N ALA B 90 37.91 5.07 21.01
CA ALA B 90 39.26 5.39 20.56
C ALA B 90 39.23 6.51 19.56
N HIS B 91 38.04 6.78 19.03
CA HIS B 91 37.86 7.80 18.03
C HIS B 91 38.46 9.13 18.41
N GLU B 92 38.23 9.57 19.63
CA GLU B 92 38.57 10.92 20.05
C GLU B 92 40.06 11.21 19.95
N ALA B 93 40.85 10.34 20.54
CA ALA B 93 42.30 10.52 20.55
C ALA B 93 42.83 10.51 19.14
N THR B 94 42.34 9.57 18.35
CA THR B 94 42.76 9.42 16.98
C THR B 94 42.46 10.67 16.16
N VAL B 95 41.28 11.23 16.32
CA VAL B 95 40.92 12.43 15.56
C VAL B 95 41.83 13.59 15.91
N LEU B 96 42.04 13.79 17.20
CA LEU B 96 42.91 14.86 17.66
C LEU B 96 44.31 14.74 17.07
N LYS B 97 44.83 13.53 16.95
CA LYS B 97 46.12 13.27 16.34
C LYS B 97 46.10 13.59 14.88
N ALA B 98 45.07 13.15 14.19
CA ALA B 98 44.95 13.39 12.77
C ALA B 98 44.93 14.88 12.46
N LEU B 99 44.42 15.66 13.40
CA LEU B 99 44.31 17.08 13.23
C LEU B 99 45.67 17.78 13.31
N ASP B 100 46.67 17.08 13.84
CA ASP B 100 48.04 17.56 13.83
C ASP B 100 48.64 17.38 12.44
N THR B 101 47.85 16.86 11.52
CA THR B 101 48.29 16.70 10.15
C THR B 101 47.48 17.55 9.20
N ASP B 102 47.73 17.37 7.92
CA ASP B 102 47.08 18.15 6.92
C ASP B 102 45.90 17.41 6.32
N LYS B 103 45.67 16.19 6.79
CA LYS B 103 44.82 15.25 6.09
C LYS B 103 43.33 15.45 6.32
N PHE B 104 42.52 15.08 5.35
CA PHE B 104 41.09 15.04 5.52
C PHE B 104 40.74 13.86 6.41
N ILE B 105 39.65 14.00 7.14
CA ILE B 105 39.26 13.05 8.18
C ILE B 105 37.79 12.65 8.11
N PHE B 106 37.55 11.38 7.81
CA PHE B 106 36.22 10.80 7.97
C PHE B 106 36.16 9.90 9.21
N THR B 107 35.29 10.22 10.14
CA THR B 107 35.11 9.38 11.31
C THR B 107 33.72 8.78 11.43
N GLU B 108 33.64 7.48 11.64
CA GLU B 108 32.38 6.88 12.01
C GLU B 108 31.94 7.53 13.32
N LYS B 109 30.65 7.65 13.51
CA LYS B 109 30.15 8.13 14.79
C LYS B 109 30.60 7.19 15.89
N PRO B 110 30.79 7.71 17.11
CA PRO B 110 30.68 9.12 17.47
C PRO B 110 31.96 9.88 17.20
N LEU B 111 31.85 11.20 17.18
CA LEU B 111 33.00 12.06 17.10
C LEU B 111 33.87 11.82 18.33
N ALA B 112 33.23 11.69 19.48
CA ALA B 112 33.88 11.49 20.75
C ALA B 112 32.85 10.91 21.70
N THR B 113 33.29 10.13 22.69
CA THR B 113 32.32 9.52 23.62
C THR B 113 31.95 10.39 24.80
N THR B 114 32.58 11.55 24.91
CA THR B 114 32.20 12.56 25.87
C THR B 114 32.09 13.89 25.16
N LEU B 115 31.20 14.77 25.58
CA LEU B 115 31.06 16.03 24.87
C LEU B 115 32.24 16.93 25.12
N GLU B 116 32.89 16.72 26.25
CA GLU B 116 34.12 17.42 26.55
C GLU B 116 35.14 17.02 25.50
N GLY B 117 35.12 15.73 25.15
CA GLY B 117 35.91 15.22 24.06
C GLY B 117 35.49 15.72 22.69
N ALA B 118 34.21 15.97 22.53
CA ALA B 118 33.72 16.53 21.31
C ALA B 118 34.08 18.00 21.18
N LYS B 119 33.96 18.73 22.27
CA LYS B 119 34.32 20.14 22.31
C LYS B 119 35.79 20.37 22.02
N ARG B 120 36.61 19.48 22.54
CA ARG B 120 38.06 19.51 22.37
C ARG B 120 38.42 19.48 20.90
N ILE B 121 37.78 18.56 20.21
CA ILE B 121 37.98 18.37 18.79
C ILE B 121 37.53 19.57 17.97
N VAL B 122 36.35 20.08 18.26
CA VAL B 122 35.86 21.24 17.56
C VAL B 122 36.81 22.42 17.78
N ASP B 123 37.18 22.68 19.02
CA ASP B 123 38.09 23.76 19.35
C ASP B 123 39.40 23.63 18.56
N LYS B 124 39.91 22.43 18.46
CA LYS B 124 41.12 22.18 17.70
C LYS B 124 40.91 22.41 16.21
N GLU B 125 39.84 21.88 15.64
CA GLU B 125 39.54 22.09 14.24
C GLU B 125 39.32 23.56 13.94
N LEU B 126 38.81 24.27 14.93
CA LEU B 126 38.58 25.69 14.77
C LEU B 126 39.86 26.52 14.61
N THR B 127 41.01 25.90 14.87
CA THR B 127 42.29 26.57 14.68
C THR B 127 42.89 26.33 13.30
N LYS B 128 42.13 25.69 12.43
CA LYS B 128 42.62 25.37 11.10
C LYS B 128 42.15 26.35 10.05
N SER B 129 42.75 26.24 8.89
CA SER B 129 42.48 27.10 7.77
C SER B 129 41.23 26.66 7.04
N LYS B 130 41.08 25.35 6.92
CA LYS B 130 39.91 24.78 6.31
C LYS B 130 39.34 23.62 7.14
N LYS B 131 38.11 23.24 6.83
CA LYS B 131 37.43 22.17 7.50
C LYS B 131 37.86 20.86 6.89
N VAL B 132 38.08 19.86 7.73
CA VAL B 132 38.59 18.57 7.27
C VAL B 132 37.80 17.34 7.74
N ILE B 133 36.99 17.52 8.75
CA ILE B 133 36.29 16.41 9.35
C ILE B 133 34.88 16.22 8.79
N GLN B 134 34.58 15.01 8.39
CA GLN B 134 33.21 14.58 8.17
C GLN B 134 32.88 13.46 9.15
N VAL B 135 31.74 13.57 9.82
CA VAL B 135 31.28 12.53 10.72
C VAL B 135 30.26 11.64 10.01
N GLY B 136 30.36 10.34 10.21
CA GLY B 136 29.59 9.38 9.46
C GLY B 136 28.14 9.15 9.85
N PHE B 137 27.34 10.21 9.84
CA PHE B 137 25.92 10.05 10.05
C PHE B 137 25.23 9.76 8.70
N MET B 138 25.23 8.51 8.31
CA MET B 138 24.78 8.07 7.00
C MET B 138 23.28 8.26 6.68
N ARG B 139 22.43 8.34 7.70
CA ARG B 139 21.00 8.58 7.55
C ARG B 139 20.69 9.71 6.56
N ARG B 140 21.46 10.79 6.66
CA ARG B 140 21.30 11.96 5.82
C ARG B 140 21.42 11.65 4.32
N TYR B 141 22.08 10.55 3.98
CA TYR B 141 22.33 10.16 2.60
C TYR B 141 21.34 9.11 2.07
N ASP B 142 20.51 8.58 2.95
CA ASP B 142 19.50 7.63 2.54
C ASP B 142 18.48 8.32 1.64
N GLN B 143 18.18 7.69 0.52
CA GLN B 143 17.34 8.32 -0.49
C GLN B 143 15.92 8.58 0.00
N GLY B 144 15.35 7.62 0.73
CA GLY B 144 14.03 7.76 1.28
C GLY B 144 13.90 8.90 2.24
N ILE B 145 14.84 8.97 3.16
CA ILE B 145 14.85 10.00 4.17
C ILE B 145 15.02 11.39 3.56
N ARG B 146 16.00 11.52 2.67
CA ARG B 146 16.24 12.73 1.93
C ARG B 146 15.02 13.23 1.19
N ALA B 147 14.35 12.31 0.52
CA ALA B 147 13.18 12.61 -0.27
C ALA B 147 12.07 13.13 0.62
N LEU B 148 11.96 12.60 1.82
CA LEU B 148 10.98 13.11 2.77
C LEU B 148 11.28 14.52 3.21
N LYS B 149 12.53 14.78 3.57
CA LYS B 149 12.94 16.12 3.95
C LYS B 149 12.72 17.13 2.82
N GLU B 150 13.03 16.72 1.60
CA GLU B 150 12.88 17.57 0.43
C GLU B 150 11.43 17.96 0.26
N LYS B 151 10.55 17.00 0.43
CA LYS B 151 9.13 17.23 0.27
C LYS B 151 8.64 18.16 1.36
N LEU B 152 9.11 17.93 2.56
CA LEU B 152 8.78 18.78 3.67
C LEU B 152 9.18 20.22 3.39
N ASP B 153 10.37 20.39 2.88
CA ASP B 153 10.93 21.70 2.61
C ASP B 153 10.19 22.47 1.51
N THR B 154 9.34 21.78 0.76
CA THR B 154 8.49 22.44 -0.22
C THR B 154 7.42 23.28 0.45
N GLY B 155 7.18 23.03 1.73
CA GLY B 155 6.11 23.70 2.43
C GLY B 155 4.74 23.09 2.23
N ILE B 156 4.69 22.01 1.50
CA ILE B 156 3.42 21.42 1.14
C ILE B 156 2.56 20.93 2.31
N ILE B 157 3.15 20.61 3.44
CA ILE B 157 2.35 20.27 4.61
C ILE B 157 2.38 21.31 5.72
N GLY B 158 2.86 22.49 5.39
CA GLY B 158 3.04 23.52 6.38
C GLY B 158 4.19 23.22 7.30
N ALA B 159 4.18 23.87 8.46
CA ALA B 159 5.25 23.71 9.41
C ALA B 159 5.16 22.36 10.12
N PRO B 160 6.31 21.74 10.41
CA PRO B 160 6.31 20.47 11.11
C PRO B 160 6.03 20.69 12.60
N LEU B 161 4.99 20.05 13.11
CA LEU B 161 4.53 20.24 14.47
C LEU B 161 4.93 19.09 15.39
N VAL B 162 4.88 17.89 14.86
CA VAL B 162 5.26 16.69 15.59
C VAL B 162 6.01 15.73 14.66
N VAL B 163 6.99 15.04 15.19
CA VAL B 163 7.63 13.95 14.50
C VAL B 163 7.48 12.65 15.29
N ARG B 164 7.11 11.59 14.61
CA ARG B 164 7.06 10.28 15.22
C ARG B 164 7.90 9.30 14.44
N ALA B 165 8.82 8.64 15.14
CA ALA B 165 9.77 7.76 14.51
C ALA B 165 9.96 6.48 15.31
N SER B 166 10.45 5.46 14.64
CA SER B 166 10.77 4.21 15.26
C SER B 166 12.11 3.72 14.73
N HIS B 167 12.91 3.18 15.63
CA HIS B 167 14.14 2.52 15.30
C HIS B 167 14.03 1.10 15.83
N ILE B 168 13.72 0.18 14.94
CA ILE B 168 13.39 -1.17 15.28
C ILE B 168 14.52 -2.11 14.92
N ASN B 169 14.92 -2.91 15.90
CA ASN B 169 16.00 -3.87 15.75
C ASN B 169 15.58 -5.25 16.30
N PRO B 170 15.89 -6.30 15.58
CA PRO B 170 15.34 -7.61 15.95
C PRO B 170 15.94 -8.20 17.23
N ASN B 171 17.24 -8.11 17.38
CA ASN B 171 17.96 -8.61 18.53
C ASN B 171 19.31 -7.91 18.66
N VAL B 172 19.90 -7.96 19.85
CA VAL B 172 21.21 -7.38 20.09
C VAL B 172 22.25 -8.39 20.55
N ALA B 173 23.50 -8.04 20.32
CA ALA B 173 24.59 -8.86 20.73
C ALA B 173 24.82 -8.72 22.23
N SER B 174 25.65 -9.60 22.75
N SER B 174 25.66 -9.60 22.74
CA SER B 174 25.90 -9.65 24.18
CA SER B 174 25.98 -9.67 24.14
C SER B 174 26.63 -8.41 24.73
C SER B 174 26.63 -8.42 24.71
N ASN B 175 27.31 -7.65 23.88
CA ASN B 175 27.95 -6.46 24.35
C ASN B 175 27.03 -5.24 24.44
N TYR B 176 25.75 -5.42 24.18
CA TYR B 176 24.83 -4.30 24.12
C TYR B 176 24.31 -3.87 25.49
N SER B 177 24.60 -2.62 25.83
CA SER B 177 24.25 -2.05 27.11
C SER B 177 23.11 -1.06 27.00
N ASN B 178 22.53 -0.74 28.15
CA ASN B 178 21.50 0.26 28.26
C ASN B 178 21.94 1.57 27.65
N GLU B 179 23.18 1.97 27.87
CA GLU B 179 23.61 3.23 27.32
C GLU B 179 23.76 3.21 25.80
N MET B 180 23.95 2.03 25.26
CA MET B 180 24.06 1.86 23.82
C MET B 180 22.72 2.05 23.08
N ALA B 181 21.61 1.96 23.80
CA ALA B 181 20.31 2.37 23.28
C ALA B 181 20.40 3.80 22.78
N ILE B 182 21.17 4.63 23.48
CA ILE B 182 21.41 5.99 23.07
C ILE B 182 22.56 6.08 22.08
N THR B 183 23.72 5.60 22.50
CA THR B 183 24.97 5.86 21.78
C THR B 183 25.16 5.15 20.45
N ASP B 184 24.55 4.00 20.31
CA ASP B 184 24.71 3.25 19.09
CA ASP B 184 24.69 3.19 19.11
C ASP B 184 23.43 3.17 18.26
N THR B 185 22.29 3.37 18.91
CA THR B 185 21.04 3.24 18.22
C THR B 185 20.31 4.56 17.98
N LEU B 186 19.81 5.17 19.04
CA LEU B 186 19.17 6.49 18.98
C LEU B 186 20.05 7.60 18.41
N ILE B 187 21.36 7.38 18.40
CA ILE B 187 22.27 8.40 17.93
C ILE B 187 21.96 8.85 16.47
N HIS B 188 21.43 7.95 15.68
CA HIS B 188 21.07 8.27 14.31
C HIS B 188 19.90 9.22 14.21
N GLU B 189 18.87 8.98 14.98
CA GLU B 189 17.78 9.90 15.03
C GLU B 189 18.20 11.23 15.68
N ILE B 190 19.08 11.16 16.67
CA ILE B 190 19.62 12.35 17.30
C ILE B 190 20.27 13.28 16.29
N ASP B 191 21.03 12.75 15.34
CA ASP B 191 21.60 13.60 14.31
C ASP B 191 20.55 14.02 13.28
N GLU B 192 19.71 13.07 12.93
CA GLU B 192 18.76 13.20 11.84
C GLU B 192 17.75 14.32 12.04
N MET B 193 17.16 14.40 13.23
CA MET B 193 16.03 15.27 13.46
C MET B 193 16.30 16.78 13.37
N HIS B 194 17.37 17.24 13.97
CA HIS B 194 17.70 18.66 13.85
C HIS B 194 17.99 19.08 12.41
N TRP B 195 18.58 18.18 11.64
CA TRP B 195 18.82 18.39 10.22
C TRP B 195 17.54 18.36 9.41
N LEU B 196 16.74 17.33 9.65
CA LEU B 196 15.42 17.25 9.07
C LEU B 196 14.64 18.54 9.24
N LEU B 197 14.68 19.10 10.44
CA LEU B 197 13.81 20.18 10.83
C LEU B 197 14.43 21.57 10.79
N ASP B 198 15.70 21.63 10.42
CA ASP B 198 16.47 22.86 10.49
C ASP B 198 16.25 23.56 11.81
N ASP B 199 16.54 22.85 12.89
CA ASP B 199 16.18 23.28 14.22
C ASP B 199 17.27 22.90 15.22
N GLU B 200 17.04 23.25 16.48
CA GLU B 200 17.90 22.80 17.55
C GLU B 200 17.11 22.31 18.77
N TYR B 201 17.65 21.33 19.48
CA TYR B 201 16.95 20.72 20.60
C TYR B 201 16.96 21.60 21.83
N THR B 202 15.90 21.53 22.62
CA THR B 202 15.84 22.21 23.90
C THR B 202 15.79 21.25 25.10
N SER B 203 15.38 20.02 24.87
CA SER B 203 15.35 19.02 25.89
C SER B 203 15.31 17.61 25.35
N ILE B 204 15.57 16.66 26.23
CA ILE B 204 15.38 15.25 25.95
C ILE B 204 14.96 14.48 27.20
N GLN B 205 14.12 13.48 27.02
CA GLN B 205 13.65 12.65 28.09
C GLN B 205 13.51 11.22 27.65
N ILE B 206 14.01 10.31 28.47
CA ILE B 206 13.92 8.91 28.20
C ILE B 206 12.99 8.23 29.20
N THR B 207 11.98 7.55 28.71
CA THR B 207 11.09 6.82 29.57
C THR B 207 11.11 5.34 29.25
N TYR B 208 10.79 4.54 30.25
CA TYR B 208 10.76 3.11 30.14
C TYR B 208 9.36 2.57 30.31
N PRO B 209 8.79 2.01 29.23
CA PRO B 209 7.58 1.19 29.30
C PRO B 209 7.91 -0.13 29.97
N ARG B 210 6.94 -1.01 30.08
CA ARG B 210 7.18 -2.30 30.65
C ARG B 210 8.27 -3.04 29.90
N GLN B 211 9.10 -3.72 30.66
CA GLN B 211 10.30 -4.36 30.16
C GLN B 211 9.94 -5.58 29.33
N SER B 212 10.59 -5.75 28.19
CA SER B 212 10.34 -6.89 27.35
C SER B 212 10.96 -8.15 27.94
N ALA B 213 10.24 -9.26 27.82
CA ALA B 213 10.75 -10.54 28.25
C ALA B 213 11.84 -11.06 27.33
N GLU B 214 12.07 -10.36 26.23
CA GLU B 214 13.04 -10.78 25.24
C GLU B 214 14.43 -10.34 25.60
N VAL B 215 14.52 -9.47 26.58
CA VAL B 215 15.79 -8.89 26.95
C VAL B 215 16.65 -9.89 27.70
N ARG B 216 17.86 -10.11 27.20
CA ARG B 216 18.82 -11.02 27.81
C ARG B 216 20.11 -10.35 28.27
N ASN B 217 20.20 -9.04 28.14
CA ASN B 217 21.41 -8.34 28.48
C ASN B 217 21.29 -7.61 29.79
N GLU B 218 22.31 -7.73 30.60
CA GLU B 218 22.27 -7.17 31.93
C GLU B 218 22.20 -5.66 31.90
N GLY B 219 21.24 -5.12 32.62
CA GLY B 219 21.04 -3.70 32.71
C GLY B 219 20.24 -3.06 31.59
N LEU B 220 19.98 -3.80 30.52
CA LEU B 220 19.31 -3.21 29.36
C LEU B 220 17.81 -3.02 29.55
N HIS B 221 17.37 -1.79 29.40
CA HIS B 221 15.95 -1.47 29.29
C HIS B 221 15.53 -1.47 27.82
N ASP B 222 14.49 -2.23 27.49
CA ASP B 222 13.92 -2.29 26.15
C ASP B 222 12.44 -2.61 26.24
N PRO B 223 11.60 -1.82 25.55
CA PRO B 223 12.00 -0.73 24.67
C PRO B 223 12.24 0.57 25.42
N GLN B 224 12.67 1.57 24.70
CA GLN B 224 12.85 2.89 25.26
C GLN B 224 12.11 3.93 24.42
N LEU B 225 11.51 4.89 25.09
CA LEU B 225 10.84 5.99 24.44
C LEU B 225 11.59 7.28 24.67
N ALA B 226 11.97 7.94 23.59
CA ALA B 226 12.70 9.17 23.70
C ALA B 226 11.87 10.32 23.19
N THR B 227 11.76 11.35 24.00
CA THR B 227 11.01 12.50 23.60
C THR B 227 11.94 13.71 23.59
N LEU B 228 12.05 14.33 22.43
CA LEU B 228 12.83 15.53 22.29
C LEU B 228 11.96 16.72 21.96
N THR B 229 12.42 17.90 22.36
CA THR B 229 11.76 19.15 22.05
C THR B 229 12.72 20.12 21.36
N THR B 230 12.18 20.97 20.49
CA THR B 230 12.98 21.88 19.70
C THR B 230 12.64 23.33 19.94
N LYS B 231 13.49 24.22 19.45
CA LYS B 231 13.31 25.63 19.69
C LYS B 231 12.08 26.19 18.99
N LYS B 232 11.72 25.64 17.85
CA LYS B 232 10.54 26.09 17.13
C LYS B 232 9.28 25.46 17.71
N GLY B 233 9.47 24.49 18.59
CA GLY B 233 8.40 23.91 19.36
C GLY B 233 7.95 22.52 18.95
N THR B 234 8.58 22.00 17.91
CA THR B 234 8.29 20.67 17.42
C THR B 234 8.59 19.63 18.48
N VAL B 235 7.71 18.65 18.62
CA VAL B 235 7.96 17.55 19.52
C VAL B 235 8.25 16.28 18.75
N ILE B 236 9.33 15.63 19.13
CA ILE B 236 9.77 14.43 18.50
C ILE B 236 9.56 13.23 19.42
N GLN B 237 8.90 12.19 18.93
CA GLN B 237 8.65 10.97 19.72
C GLN B 237 9.27 9.78 19.03
N VAL B 238 10.37 9.30 19.59
CA VAL B 238 11.06 8.16 19.05
C VAL B 238 10.89 6.89 19.90
N LEU B 239 10.48 5.82 19.25
CA LEU B 239 10.46 4.50 19.84
C LEU B 239 11.76 3.75 19.51
N VAL B 240 12.47 3.32 20.54
CA VAL B 240 13.64 2.49 20.37
C VAL B 240 13.31 1.09 20.85
N HIS B 241 13.37 0.11 19.96
CA HIS B 241 12.98 -1.25 20.27
C HIS B 241 13.99 -2.21 19.67
N VAL B 242 14.94 -2.66 20.46
CA VAL B 242 16.06 -3.41 19.90
C VAL B 242 16.02 -4.92 20.07
N THR B 243 14.97 -5.43 20.70
CA THR B 243 14.71 -6.85 20.76
C THR B 243 13.36 -7.24 20.15
N ALA B 244 12.94 -6.48 19.15
CA ALA B 244 11.62 -6.58 18.56
C ALA B 244 11.32 -7.89 17.84
N GLN B 245 12.37 -8.65 17.57
CA GLN B 245 12.33 -9.96 16.92
C GLN B 245 12.01 -10.02 15.41
N TYR B 246 11.01 -9.30 14.96
CA TYR B 246 10.48 -9.47 13.60
C TYR B 246 11.39 -8.97 12.47
N GLY B 247 12.19 -7.95 12.74
CA GLY B 247 13.00 -7.37 11.70
C GLY B 247 13.72 -6.12 12.09
N TYR B 248 14.43 -5.55 11.13
CA TYR B 248 15.02 -4.24 11.28
C TYR B 248 14.20 -3.27 10.47
N GLU B 249 13.83 -2.17 11.08
CA GLU B 249 12.99 -1.20 10.40
C GLU B 249 13.19 0.18 10.95
N VAL B 250 13.28 1.15 10.06
CA VAL B 250 13.31 2.55 10.40
C VAL B 250 12.05 3.24 9.89
N LYS B 251 11.32 3.86 10.79
CA LYS B 251 10.07 4.54 10.48
C LYS B 251 10.18 6.02 10.77
N LEU B 252 9.58 6.84 9.94
CA LEU B 252 9.60 8.27 10.09
C LEU B 252 8.34 8.94 9.54
N GLU B 253 7.66 9.69 10.41
CA GLU B 253 6.43 10.37 10.11
C GLU B 253 6.46 11.79 10.60
N VAL B 254 6.24 12.73 9.69
CA VAL B 254 6.19 14.14 10.03
C VAL B 254 4.76 14.67 9.98
N ILE B 255 4.35 15.25 11.08
CA ILE B 255 3.02 15.80 11.24
C ILE B 255 3.07 17.30 11.02
N GLY B 256 2.43 17.75 9.96
CA GLY B 256 2.41 19.14 9.58
C GLY B 256 1.07 19.82 9.75
N GLU B 257 1.08 21.14 9.64
CA GLU B 257 -0.13 21.94 9.80
C GLU B 257 -1.26 21.53 8.84
N THR B 258 -0.91 21.20 7.62
CA THR B 258 -1.89 20.95 6.57
C THR B 258 -1.78 19.57 5.94
N GLY B 259 -0.88 18.75 6.48
CA GLY B 259 -0.70 17.42 5.99
C GLY B 259 0.32 16.58 6.75
N GLU B 260 0.51 15.35 6.30
CA GLU B 260 1.55 14.49 6.83
C GLU B 260 2.46 13.91 5.74
N LEU B 261 3.68 13.55 6.15
CA LEU B 261 4.61 12.80 5.32
C LEU B 261 5.15 11.59 6.08
N GLN B 262 5.34 10.48 5.40
CA GLN B 262 6.01 9.34 6.00
C GLN B 262 6.77 8.49 5.01
N LEU B 263 7.78 7.80 5.52
CA LEU B 263 8.53 6.88 4.71
C LEU B 263 7.66 5.75 4.26
N PRO B 264 7.86 5.33 3.02
CA PRO B 264 7.18 4.13 2.56
C PRO B 264 7.90 2.93 3.13
N ASN B 265 7.36 1.76 2.88
CA ASN B 265 8.01 0.54 3.33
C ASN B 265 9.24 0.23 2.50
N TYR B 266 10.29 -0.14 3.17
CA TYR B 266 11.52 -0.42 2.49
C TYR B 266 11.44 -1.81 1.93
N GLY B 267 11.83 -1.97 0.67
CA GLY B 267 11.82 -3.29 0.07
C GLY B 267 11.59 -3.36 -1.42
N LEU B 268 12.43 -4.16 -2.08
CA LEU B 268 12.38 -4.42 -3.51
C LEU B 268 11.78 -5.79 -3.79
N GLY B 269 11.64 -6.59 -2.73
CA GLY B 269 11.19 -7.96 -2.82
C GLY B 269 9.74 -8.07 -3.19
N PRO B 270 9.34 -9.23 -3.71
CA PRO B 270 8.01 -9.38 -4.27
C PRO B 270 6.91 -9.50 -3.22
N ILE B 271 5.73 -9.08 -3.64
CA ILE B 271 4.53 -9.34 -2.90
C ILE B 271 4.08 -10.76 -3.21
N LEU B 272 3.97 -11.56 -2.17
CA LEU B 272 3.56 -12.94 -2.28
C LEU B 272 2.12 -13.14 -1.85
N ARG B 273 1.32 -13.67 -2.76
CA ARG B 273 -0.01 -14.12 -2.45
C ARG B 273 -0.03 -15.63 -2.28
N SER B 274 -0.19 -16.08 -1.04
CA SER B 274 -0.10 -17.48 -0.68
C SER B 274 -0.73 -17.79 0.67
N ASN B 275 -1.33 -18.96 0.76
CA ASN B 275 -1.85 -19.50 2.00
C ASN B 275 -2.66 -18.51 2.81
N ALA B 276 -3.69 -17.94 2.18
CA ALA B 276 -4.61 -17.01 2.83
C ALA B 276 -3.95 -15.74 3.41
N ASN B 277 -2.79 -15.40 2.88
CA ASN B 277 -2.10 -14.17 3.20
C ASN B 277 -1.51 -13.45 1.99
N GLN B 278 -1.35 -12.15 2.12
CA GLN B 278 -0.55 -11.35 1.23
C GLN B 278 0.65 -10.85 2.04
N GLN B 279 1.85 -11.09 1.54
CA GLN B 279 3.01 -10.73 2.32
C GLN B 279 4.25 -10.27 1.56
N THR B 280 5.05 -9.46 2.25
CA THR B 280 6.35 -9.03 1.79
C THR B 280 7.38 -9.27 2.88
N ALA B 281 8.61 -9.56 2.48
CA ALA B 281 9.69 -9.82 3.40
C ALA B 281 10.11 -8.55 4.11
N VAL B 282 10.65 -8.72 5.31
CA VAL B 282 11.17 -7.62 6.11
C VAL B 282 12.67 -7.79 6.33
N GLU B 283 13.41 -6.72 6.11
CA GLU B 283 14.83 -6.70 6.29
C GLU B 283 15.23 -7.03 7.74
N MET B 284 16.29 -7.81 7.90
CA MET B 284 16.76 -8.21 9.21
C MET B 284 18.04 -7.51 9.63
N SER B 285 18.69 -6.84 8.72
CA SER B 285 19.98 -6.24 8.99
C SER B 285 20.07 -4.78 8.59
N TRP B 286 20.46 -3.95 9.55
CA TRP B 286 20.70 -2.54 9.33
C TRP B 286 21.76 -2.33 8.27
N ILE B 287 22.70 -3.28 8.19
CA ILE B 287 23.72 -3.26 7.16
C ILE B 287 23.10 -3.28 5.76
N ASN B 288 22.24 -4.24 5.52
CA ASN B 288 21.60 -4.33 4.23
C ASN B 288 20.72 -3.12 3.91
N ARG B 289 19.96 -2.66 4.89
CA ARG B 289 19.09 -1.51 4.73
C ARG B 289 19.81 -0.24 4.26
N PHE B 290 21.02 -0.03 4.77
CA PHE B 290 21.70 1.23 4.51
C PHE B 290 22.90 1.19 3.56
N ILE B 291 22.98 0.14 2.74
CA ILE B 291 23.97 0.02 1.67
C ILE B 291 24.12 1.33 0.90
N GLN B 292 23.02 1.81 0.37
CA GLN B 292 23.02 2.96 -0.51
C GLN B 292 23.50 4.20 0.19
N ALA B 293 22.97 4.43 1.39
CA ALA B 293 23.33 5.56 2.21
C ALA B 293 24.85 5.62 2.42
N TYR B 294 25.44 4.49 2.81
CA TYR B 294 26.89 4.39 3.01
C TYR B 294 27.71 4.68 1.77
N ASN B 295 27.33 4.07 0.66
CA ASN B 295 27.99 4.26 -0.60
C ASN B 295 27.99 5.72 -1.04
N THR B 296 26.83 6.36 -0.90
CA THR B 296 26.63 7.76 -1.24
C THR B 296 27.46 8.67 -0.35
N GLU B 297 27.42 8.40 0.95
CA GLU B 297 28.15 9.19 1.93
C GLU B 297 29.63 9.24 1.61
N VAL B 298 30.21 8.07 1.47
CA VAL B 298 31.64 7.91 1.29
C VAL B 298 32.12 8.43 -0.07
N GLN B 299 31.33 8.17 -1.12
CA GLN B 299 31.65 8.64 -2.45
C GLN B 299 31.70 10.16 -2.52
N GLU B 300 30.80 10.79 -1.78
CA GLU B 300 30.79 12.22 -1.68
C GLU B 300 32.04 12.72 -0.99
N PHE B 301 32.41 12.06 0.10
CA PHE B 301 33.57 12.45 0.85
C PHE B 301 34.82 12.38 -0.04
N ILE B 302 34.95 11.27 -0.75
CA ILE B 302 36.08 11.07 -1.63
C ILE B 302 36.08 12.16 -2.70
N ASP B 303 34.91 12.40 -3.27
CA ASP B 303 34.73 13.42 -4.30
C ASP B 303 35.20 14.78 -3.83
N GLU B 304 34.97 15.08 -2.57
CA GLU B 304 35.42 16.32 -2.01
C GLU B 304 36.92 16.38 -1.73
N VAL B 305 37.50 15.25 -1.34
CA VAL B 305 38.92 15.20 -1.07
C VAL B 305 39.68 15.25 -2.39
N ALA B 306 39.13 14.64 -3.41
CA ALA B 306 39.72 14.70 -4.73
C ALA B 306 39.86 16.14 -5.28
N LYS B 307 39.07 17.06 -4.76
CA LYS B 307 39.04 18.45 -5.20
C LYS B 307 39.75 19.38 -4.24
N SER B 308 40.28 18.80 -3.17
CA SER B 308 40.91 19.55 -2.11
C SER B 308 39.94 20.55 -1.49
N GLU B 309 38.65 20.20 -1.53
CA GLU B 309 37.63 21.02 -0.93
C GLU B 309 37.13 20.37 0.34
N PRO B 310 36.75 21.18 1.33
CA PRO B 310 36.23 20.63 2.57
C PRO B 310 35.01 19.80 2.29
N PRO B 311 34.80 18.75 3.11
CA PRO B 311 33.59 17.97 3.06
C PRO B 311 32.36 18.84 3.24
N VAL B 312 31.26 18.42 2.64
CA VAL B 312 30.02 19.13 2.74
C VAL B 312 29.01 18.42 3.65
N GLY B 313 29.32 17.19 4.01
CA GLY B 313 28.48 16.40 4.86
C GLY B 313 28.58 16.79 6.31
N PRO B 314 27.98 15.99 7.20
CA PRO B 314 27.94 16.29 8.62
C PRO B 314 29.33 16.58 9.17
N SER B 315 29.40 17.53 10.08
CA SER B 315 30.67 18.04 10.60
C SER B 315 30.93 17.66 12.05
N ALA B 316 32.09 18.07 12.52
CA ALA B 316 32.46 18.00 13.93
C ALA B 316 31.43 18.70 14.79
N TRP B 317 30.91 19.81 14.32
CA TRP B 317 29.86 20.49 15.03
C TRP B 317 28.62 19.60 15.17
N ASP B 318 28.24 18.93 14.09
CA ASP B 318 27.19 17.95 14.14
C ASP B 318 27.51 16.86 15.17
N GLY B 319 28.73 16.37 15.15
CA GLY B 319 29.23 15.47 16.17
C GLY B 319 29.05 15.96 17.60
N TYR B 320 29.33 17.23 17.81
CA TYR B 320 29.19 17.88 19.10
C TYR B 320 27.74 17.95 19.56
N ILE B 321 26.88 18.48 18.71
CA ILE B 321 25.44 18.49 18.96
C ILE B 321 24.96 17.11 19.39
N ALA B 322 25.36 16.09 18.65
CA ALA B 322 25.00 14.74 18.98
C ALA B 322 25.54 14.30 20.32
N ALA B 323 26.80 14.63 20.61
CA ALA B 323 27.42 14.28 21.89
C ALA B 323 26.69 14.89 23.07
N ILE B 324 26.32 16.15 22.95
CA ILE B 324 25.59 16.83 24.00
C ILE B 324 24.21 16.23 24.24
N THR B 325 23.53 15.92 23.15
CA THR B 325 22.20 15.36 23.21
C THR B 325 22.25 13.96 23.82
N ALA B 326 23.22 13.17 23.38
CA ALA B 326 23.43 11.82 23.88
C ALA B 326 23.79 11.77 25.37
N ALA B 327 24.61 12.71 25.80
CA ALA B 327 24.97 12.85 27.19
C ALA B 327 23.76 13.14 28.04
N ALA B 328 22.95 14.07 27.57
CA ALA B 328 21.71 14.41 28.20
C ALA B 328 20.79 13.21 28.29
N ALA B 329 20.75 12.41 27.25
CA ALA B 329 19.91 11.21 27.23
C ALA B 329 20.37 10.15 28.22
N ASN B 330 21.67 9.91 28.27
CA ASN B 330 22.22 8.97 29.23
C ASN B 330 21.95 9.43 30.65
N ARG B 331 21.97 10.73 30.87
CA ARG B 331 21.57 11.30 32.15
C ARG B 331 20.08 11.02 32.45
N SER B 332 19.23 11.24 31.46
CA SER B 332 17.81 10.98 31.62
C SER B 332 17.54 9.51 31.93
N GLN B 333 18.34 8.64 31.36
CA GLN B 333 18.24 7.21 31.59
C GLN B 333 18.34 6.77 33.05
N LYS B 334 18.91 7.60 33.90
CA LYS B 334 19.06 7.31 35.30
C LYS B 334 17.72 7.29 36.03
N ASP B 335 16.95 8.35 35.84
CA ASP B 335 15.73 8.56 36.59
C ASP B 335 14.48 8.82 35.73
N GLN B 336 14.66 8.79 34.43
CA GLN B 336 13.62 9.10 33.45
C GLN B 336 13.10 10.53 33.52
N GLU B 337 13.94 11.44 33.96
CA GLU B 337 13.55 12.82 34.01
C GLU B 337 14.05 13.58 32.78
N THR B 338 13.34 14.65 32.47
CA THR B 338 13.68 15.48 31.35
C THR B 338 15.00 16.20 31.60
N VAL B 339 15.88 16.16 30.63
CA VAL B 339 17.12 16.89 30.72
C VAL B 339 17.21 18.00 29.67
N LEU B 340 17.49 19.22 30.14
CA LEU B 340 17.63 20.35 29.25
C LEU B 340 18.86 20.30 28.35
N ILE B 341 18.74 20.92 27.19
CA ILE B 341 19.79 21.00 26.21
C ILE B 341 19.90 22.44 25.72
N ASN B 342 21.09 22.99 25.78
CA ASN B 342 21.33 24.31 25.24
C ASN B 342 22.51 24.30 24.27
N VAL B 343 22.21 24.14 23.00
CA VAL B 343 23.21 24.07 21.98
C VAL B 343 23.71 25.47 21.71
N ALA B 344 25.02 25.67 21.78
CA ALA B 344 25.57 26.98 21.55
C ALA B 344 25.43 27.36 20.08
N GLY B 345 25.60 28.63 19.78
CA GLY B 345 25.48 29.11 18.42
C GLY B 345 26.55 28.56 17.50
N THR B 346 26.17 28.33 16.25
CA THR B 346 27.07 27.72 15.29
C THR B 346 28.13 28.69 14.80
N PRO B 347 29.41 28.35 15.02
CA PRO B 347 30.48 29.22 14.55
C PRO B 347 30.44 29.29 13.04
N THR B 348 30.91 30.40 12.48
CA THR B 348 30.81 30.60 11.05
C THR B 348 31.58 29.56 10.25
N PHE B 349 32.72 29.17 10.77
CA PHE B 349 33.50 28.04 10.30
C PHE B 349 32.64 26.84 9.91
N TYR B 350 31.63 26.56 10.70
CA TYR B 350 30.76 25.42 10.48
C TYR B 350 29.45 25.78 9.81
N GLN B 351 29.37 26.97 9.23
CA GLN B 351 28.14 27.39 8.54
C GLN B 351 28.08 26.98 7.07
N MET C 13 43.33 -4.27 -12.84
CA MET C 13 43.74 -3.04 -13.49
C MET C 13 42.69 -2.52 -14.51
N VAL C 14 42.90 -1.30 -14.99
CA VAL C 14 41.84 -0.51 -15.61
C VAL C 14 41.42 -0.92 -17.01
N VAL C 15 40.13 -1.12 -17.19
CA VAL C 15 39.57 -1.49 -18.47
C VAL C 15 39.43 -0.26 -19.38
N LYS C 16 40.16 -0.29 -20.48
CA LYS C 16 40.18 0.81 -21.45
C LYS C 16 39.09 0.65 -22.51
N VAL C 17 38.24 1.66 -22.61
CA VAL C 17 36.99 1.57 -23.31
C VAL C 17 36.84 2.56 -24.47
N GLY C 18 36.29 2.09 -25.57
CA GLY C 18 35.85 2.93 -26.64
C GLY C 18 34.34 3.04 -26.72
N VAL C 19 33.85 4.24 -26.97
CA VAL C 19 32.42 4.39 -27.08
C VAL C 19 31.97 4.86 -28.44
N ILE C 20 31.14 4.05 -29.07
CA ILE C 20 30.62 4.35 -30.38
C ILE C 20 29.21 4.87 -30.29
N GLY C 21 29.06 6.18 -30.41
CA GLY C 21 27.77 6.80 -30.27
C GLY C 21 27.69 7.62 -29.02
N THR C 22 27.62 8.93 -29.19
CA THR C 22 27.62 9.82 -28.06
C THR C 22 26.36 10.65 -27.94
N GLY C 23 25.22 10.00 -28.11
CA GLY C 23 23.94 10.61 -27.89
C GLY C 23 23.56 10.50 -26.44
N ALA C 24 22.26 10.46 -26.15
CA ALA C 24 21.81 10.36 -24.76
C ALA C 24 22.29 9.10 -24.07
N MET C 25 22.03 7.95 -24.66
CA MET C 25 22.41 6.71 -24.05
C MET C 25 23.93 6.59 -23.95
N GLY C 26 24.63 7.04 -24.98
CA GLY C 26 26.07 6.98 -24.99
C GLY C 26 26.71 7.83 -23.92
N ARG C 27 26.17 9.01 -23.70
CA ARG C 27 26.68 9.94 -22.72
C ARG C 27 26.43 9.42 -21.33
N ALA C 28 25.26 8.83 -21.12
CA ALA C 28 24.93 8.16 -19.88
C ALA C 28 25.90 7.01 -19.57
N HIS C 29 26.23 6.23 -20.57
CA HIS C 29 27.18 5.16 -20.39
C HIS C 29 28.55 5.74 -20.09
N ILE C 30 28.91 6.80 -20.78
CA ILE C 30 30.15 7.48 -20.49
C ILE C 30 30.19 7.98 -19.03
N ASP C 31 29.10 8.58 -18.58
CA ASP C 31 29.04 9.11 -17.23
C ASP C 31 29.25 7.99 -16.24
N ARG C 32 28.50 6.92 -16.43
CA ARG C 32 28.58 5.71 -15.64
C ARG C 32 30.02 5.18 -15.51
N LEU C 33 30.67 5.00 -16.64
CA LEU C 33 32.02 4.47 -16.70
C LEU C 33 33.05 5.39 -16.03
N THR C 34 32.78 6.67 -16.06
CA THR C 34 33.74 7.65 -15.66
C THR C 34 33.57 8.07 -14.21
N ASN C 35 32.32 8.30 -13.82
CA ASN C 35 32.04 8.90 -12.53
C ASN C 35 31.33 8.01 -11.53
N VAL C 36 30.84 6.86 -11.96
CA VAL C 36 30.07 6.04 -11.05
C VAL C 36 30.69 4.67 -10.76
N LEU C 37 31.02 3.97 -11.82
CA LEU C 37 31.54 2.64 -11.69
C LEU C 37 33.05 2.64 -11.46
N THR C 38 33.57 1.48 -11.13
CA THR C 38 34.97 1.35 -10.80
C THR C 38 35.72 0.53 -11.84
N GLY C 39 36.93 0.93 -12.15
CA GLY C 39 37.83 0.11 -12.91
C GLY C 39 37.70 0.18 -14.41
N ALA C 40 37.32 1.35 -14.91
CA ALA C 40 37.22 1.59 -16.34
C ALA C 40 37.54 3.02 -16.68
N GLU C 41 38.03 3.24 -17.89
CA GLU C 41 38.30 4.58 -18.41
C GLU C 41 37.97 4.65 -19.89
N VAL C 42 37.20 5.65 -20.28
CA VAL C 42 36.87 5.86 -21.68
C VAL C 42 38.00 6.63 -22.33
N VAL C 43 38.65 6.01 -23.29
CA VAL C 43 39.82 6.58 -23.92
C VAL C 43 39.64 6.85 -25.41
N ALA C 44 38.48 6.55 -25.93
CA ALA C 44 38.18 6.79 -27.33
C ALA C 44 36.67 6.90 -27.57
N VAL C 45 36.29 7.85 -28.41
CA VAL C 45 34.89 8.03 -28.81
C VAL C 45 34.74 8.33 -30.29
N THR C 46 33.56 8.02 -30.81
CA THR C 46 33.14 8.43 -32.12
C THR C 46 31.61 8.58 -32.18
N ASP C 47 31.16 9.49 -33.02
CA ASP C 47 29.76 9.65 -33.31
C ASP C 47 29.62 10.12 -34.76
N ILE C 48 28.52 9.80 -35.39
CA ILE C 48 28.25 10.25 -36.75
C ILE C 48 28.17 11.76 -36.84
N ASP C 49 27.92 12.38 -35.69
CA ASP C 49 28.02 13.81 -35.50
C ASP C 49 29.29 14.02 -34.74
N HIS C 50 30.33 14.44 -35.45
CA HIS C 50 31.63 14.60 -34.85
C HIS C 50 31.67 15.56 -33.66
N GLU C 51 30.83 16.58 -33.72
CA GLU C 51 30.77 17.57 -32.67
C GLU C 51 30.19 17.01 -31.36
N ALA C 52 29.21 16.13 -31.49
CA ALA C 52 28.68 15.45 -30.32
C ALA C 52 29.78 14.67 -29.60
N ALA C 53 30.60 14.00 -30.38
CA ALA C 53 31.73 13.25 -29.84
C ALA C 53 32.74 14.15 -29.10
N GLU C 54 33.06 15.27 -29.72
CA GLU C 54 33.92 16.27 -29.10
C GLU C 54 33.31 16.81 -27.81
N ALA C 55 32.02 17.09 -27.85
CA ALA C 55 31.30 17.59 -26.69
C ALA C 55 31.38 16.59 -25.51
N ALA C 56 31.22 15.33 -25.82
CA ALA C 56 31.34 14.26 -24.86
C ALA C 56 32.67 14.29 -24.13
N VAL C 57 33.75 14.46 -24.87
CA VAL C 57 35.08 14.57 -24.29
C VAL C 57 35.18 15.76 -23.32
N ARG C 58 34.74 16.92 -23.77
CA ARG C 58 34.68 18.12 -22.94
C ARG C 58 33.87 17.90 -21.71
N ASP C 59 32.62 17.56 -21.93
CA ASP C 59 31.65 17.51 -20.87
C ASP C 59 32.03 16.51 -19.76
N PHE C 60 32.75 15.47 -20.12
CA PHE C 60 33.05 14.41 -19.19
C PHE C 60 34.53 14.40 -18.80
N HIS C 61 35.26 15.39 -19.29
CA HIS C 61 36.66 15.59 -18.95
C HIS C 61 37.52 14.37 -19.25
N LEU C 62 37.25 13.78 -20.40
CA LEU C 62 37.93 12.59 -20.83
C LEU C 62 39.30 12.90 -21.41
N ASN C 63 40.25 12.00 -21.15
CA ASN C 63 41.48 11.92 -21.92
C ASN C 63 41.29 10.89 -23.02
N ALA C 64 40.63 11.30 -24.09
CA ALA C 64 40.17 10.35 -25.07
C ALA C 64 40.40 10.88 -26.46
N LYS C 65 40.63 9.99 -27.41
CA LYS C 65 40.69 10.35 -28.82
C LYS C 65 39.32 10.34 -29.50
N VAL C 66 39.08 11.37 -30.29
CA VAL C 66 37.90 11.39 -31.11
C VAL C 66 38.24 10.80 -32.48
N TYR C 67 37.56 9.72 -32.84
CA TYR C 67 37.75 9.10 -34.12
C TYR C 67 36.62 9.53 -35.07
N PRO C 68 36.89 9.53 -36.38
CA PRO C 68 35.88 9.98 -37.33
C PRO C 68 34.80 8.95 -37.59
N ASP C 69 35.09 7.68 -37.33
CA ASP C 69 34.07 6.65 -37.46
C ASP C 69 34.35 5.41 -36.62
N ASP C 70 33.48 4.42 -36.70
CA ASP C 70 33.67 3.19 -35.95
C ASP C 70 34.90 2.41 -36.33
N THR C 71 35.11 2.21 -37.62
CA THR C 71 36.24 1.42 -38.11
C THR C 71 37.54 1.90 -37.55
N SER C 72 37.73 3.21 -37.60
CA SER C 72 38.96 3.80 -37.17
C SER C 72 39.20 3.68 -35.67
N LEU C 73 38.15 3.89 -34.89
CA LEU C 73 38.18 3.69 -33.44
C LEU C 73 38.63 2.27 -33.12
N LEU C 74 38.04 1.32 -33.84
CA LEU C 74 38.35 -0.09 -33.67
C LEU C 74 39.79 -0.46 -33.96
N GLN C 75 40.49 0.42 -34.62
CA GLN C 75 41.88 0.17 -34.90
C GLN C 75 42.78 0.47 -33.72
N ASP C 76 42.25 1.16 -32.73
CA ASP C 76 43.01 1.52 -31.54
C ASP C 76 43.32 0.28 -30.72
N PRO C 77 44.61 -0.04 -30.58
CA PRO C 77 45.09 -1.25 -29.93
C PRO C 77 45.07 -1.14 -28.42
N ASP C 78 44.92 0.07 -27.90
CA ASP C 78 44.83 0.29 -26.47
C ASP C 78 43.46 -0.08 -25.88
N ILE C 79 42.44 -0.01 -26.72
CA ILE C 79 41.10 -0.28 -26.29
C ILE C 79 40.87 -1.77 -25.99
N ASP C 80 40.45 -2.04 -24.75
CA ASP C 80 40.11 -3.39 -24.32
C ASP C 80 38.69 -3.78 -24.70
N ALA C 81 37.79 -2.82 -24.74
CA ALA C 81 36.40 -3.07 -25.05
C ALA C 81 35.71 -1.90 -25.72
N VAL C 82 34.70 -2.18 -26.52
CA VAL C 82 33.88 -1.14 -27.10
C VAL C 82 32.43 -1.22 -26.73
N PHE C 83 31.83 -0.05 -26.56
CA PHE C 83 30.40 0.07 -26.37
C PHE C 83 29.73 0.59 -27.66
N VAL C 84 28.89 -0.24 -28.21
CA VAL C 84 28.13 0.11 -29.38
C VAL C 84 26.77 0.73 -28.97
N VAL C 85 26.68 2.04 -29.05
CA VAL C 85 25.54 2.79 -28.52
C VAL C 85 24.94 3.75 -29.51
N SER C 86 25.26 3.63 -30.77
CA SER C 86 24.67 4.55 -31.72
C SER C 86 23.30 4.04 -32.07
N PHE C 87 22.61 4.73 -32.97
CA PHE C 87 21.30 4.31 -33.45
C PHE C 87 21.30 2.88 -33.96
N GLY C 88 20.23 2.17 -33.62
CA GLY C 88 20.14 0.73 -33.80
C GLY C 88 20.45 0.11 -35.14
N GLY C 89 20.09 0.82 -36.20
CA GLY C 89 20.34 0.35 -37.55
C GLY C 89 21.82 0.21 -37.80
N ALA C 90 22.59 1.09 -37.18
CA ALA C 90 24.03 1.07 -37.33
C ALA C 90 24.67 -0.12 -36.68
N HIS C 91 24.07 -0.55 -35.57
CA HIS C 91 24.63 -1.56 -34.70
C HIS C 91 25.25 -2.71 -35.42
N GLU C 92 24.49 -3.29 -36.33
CA GLU C 92 24.83 -4.54 -36.96
C GLU C 92 26.21 -4.55 -37.58
N ALA C 93 26.44 -3.62 -38.48
CA ALA C 93 27.70 -3.51 -39.17
C ALA C 93 28.86 -3.22 -38.22
N THR C 94 28.60 -2.40 -37.21
CA THR C 94 29.62 -2.04 -36.28
C THR C 94 30.04 -3.24 -35.45
N VAL C 95 29.10 -4.06 -35.05
CA VAL C 95 29.42 -5.22 -34.22
C VAL C 95 30.24 -6.23 -35.03
N LEU C 96 29.81 -6.48 -36.25
CA LEU C 96 30.56 -7.33 -37.16
C LEU C 96 32.01 -6.86 -37.34
N LYS C 97 32.20 -5.56 -37.47
CA LYS C 97 33.53 -4.99 -37.58
C LYS C 97 34.33 -5.25 -36.35
N ALA C 98 33.71 -5.06 -35.21
CA ALA C 98 34.33 -5.30 -33.92
C ALA C 98 34.75 -6.75 -33.78
N LEU C 99 34.02 -7.63 -34.44
CA LEU C 99 34.31 -9.04 -34.39
C LEU C 99 35.58 -9.37 -35.18
N ASP C 100 36.00 -8.45 -36.04
CA ASP C 100 37.26 -8.58 -36.73
C ASP C 100 38.41 -8.31 -35.78
N THR C 101 38.14 -7.66 -34.66
CA THR C 101 39.16 -7.45 -33.66
C THR C 101 39.04 -8.47 -32.55
N ASP C 102 39.84 -8.28 -31.52
CA ASP C 102 39.84 -9.15 -30.37
C ASP C 102 39.23 -8.51 -29.10
N LYS C 103 38.68 -7.32 -29.27
CA LYS C 103 38.10 -6.59 -28.18
C LYS C 103 36.75 -7.16 -27.73
N PHE C 104 36.44 -6.96 -26.46
CA PHE C 104 35.13 -7.29 -25.96
C PHE C 104 34.10 -6.26 -26.43
N ILE C 105 32.87 -6.71 -26.55
CA ILE C 105 31.82 -5.92 -27.14
C ILE C 105 30.57 -5.84 -26.25
N PHE C 106 30.21 -4.65 -25.85
CA PHE C 106 28.92 -4.41 -25.23
C PHE C 106 28.04 -3.59 -26.16
N THR C 107 26.95 -4.17 -26.61
CA THR C 107 26.02 -3.44 -27.44
C THR C 107 24.67 -3.22 -26.78
N GLU C 108 24.19 -1.99 -26.83
CA GLU C 108 22.83 -1.70 -26.47
C GLU C 108 21.97 -2.45 -27.45
N LYS C 109 20.77 -2.78 -27.03
CA LYS C 109 19.83 -3.41 -27.94
C LYS C 109 19.55 -2.44 -29.07
N PRO C 110 19.22 -2.96 -30.25
CA PRO C 110 19.13 -4.36 -30.60
C PRO C 110 20.49 -4.94 -30.96
N LEU C 111 20.57 -6.25 -31.05
CA LEU C 111 21.76 -6.89 -31.61
C LEU C 111 21.92 -6.48 -33.08
N ALA C 112 20.79 -6.44 -33.78
CA ALA C 112 20.69 -5.91 -35.12
C ALA C 112 19.21 -5.78 -35.43
N THR C 113 18.87 -4.97 -36.42
CA THR C 113 17.47 -4.64 -36.68
C THR C 113 16.75 -5.66 -37.55
N THR C 114 17.51 -6.52 -38.20
CA THR C 114 16.93 -7.59 -38.99
C THR C 114 17.33 -8.89 -38.37
N LEU C 115 16.41 -9.83 -38.26
CA LEU C 115 16.78 -11.13 -37.73
C LEU C 115 17.89 -11.82 -38.54
N GLU C 116 17.96 -11.48 -39.82
CA GLU C 116 19.06 -11.96 -40.65
C GLU C 116 20.39 -11.38 -40.16
N GLY C 117 20.38 -10.10 -39.81
CA GLY C 117 21.56 -9.48 -39.28
C GLY C 117 22.00 -10.04 -37.94
N ALA C 118 21.03 -10.31 -37.07
CA ALA C 118 21.33 -10.96 -35.81
C ALA C 118 22.04 -12.29 -36.02
N LYS C 119 21.50 -13.12 -36.91
CA LYS C 119 22.12 -14.41 -37.16
C LYS C 119 23.54 -14.28 -37.70
N ARG C 120 23.75 -13.29 -38.56
CA ARG C 120 25.06 -13.01 -39.12
C ARG C 120 26.11 -12.79 -38.04
N ILE C 121 25.71 -12.09 -36.99
CA ILE C 121 26.59 -11.82 -35.88
C ILE C 121 26.88 -13.05 -35.04
N VAL C 122 25.83 -13.82 -34.76
CA VAL C 122 25.93 -15.07 -34.04
C VAL C 122 26.88 -16.01 -34.78
N ASP C 123 26.64 -16.15 -36.07
CA ASP C 123 27.47 -16.99 -36.92
C ASP C 123 28.92 -16.57 -36.86
N LYS C 124 29.15 -15.27 -36.99
CA LYS C 124 30.49 -14.75 -36.93
C LYS C 124 31.10 -14.96 -35.56
N GLU C 125 30.31 -14.80 -34.52
CA GLU C 125 30.87 -14.96 -33.18
C GLU C 125 31.24 -16.40 -32.88
N LEU C 126 30.56 -17.33 -33.53
CA LEU C 126 30.79 -18.73 -33.26
C LEU C 126 32.15 -19.18 -33.79
N THR C 127 32.73 -18.41 -34.68
CA THR C 127 34.05 -18.70 -35.23
C THR C 127 35.20 -18.39 -34.27
N LYS C 128 34.90 -17.71 -33.17
CA LYS C 128 35.92 -17.19 -32.31
C LYS C 128 36.27 -18.13 -31.18
N SER C 129 37.36 -17.84 -30.50
CA SER C 129 37.85 -18.74 -29.46
C SER C 129 37.41 -18.34 -28.07
N LYS C 130 36.50 -17.37 -28.01
CA LYS C 130 35.78 -17.03 -26.79
C LYS C 130 34.67 -16.04 -27.12
N LYS C 131 33.59 -16.16 -26.35
CA LYS C 131 32.45 -15.27 -26.46
C LYS C 131 32.85 -13.86 -26.05
N VAL C 132 32.54 -12.88 -26.88
CA VAL C 132 32.92 -11.50 -26.62
C VAL C 132 31.75 -10.49 -26.45
N ILE C 133 30.56 -10.84 -26.93
CA ILE C 133 29.44 -9.92 -26.97
C ILE C 133 28.53 -10.01 -25.75
N GLN C 134 28.26 -8.87 -25.15
CA GLN C 134 27.15 -8.74 -24.21
C GLN C 134 26.11 -7.77 -24.78
N VAL C 135 24.86 -8.19 -24.77
CA VAL C 135 23.77 -7.35 -25.23
C VAL C 135 23.10 -6.68 -24.03
N GLY C 136 22.78 -5.41 -24.19
CA GLY C 136 22.33 -4.59 -23.10
C GLY C 136 20.89 -4.72 -22.65
N PHE C 137 20.47 -5.92 -22.31
CA PHE C 137 19.15 -6.13 -21.72
C PHE C 137 19.19 -5.94 -20.20
N MET C 138 19.07 -4.70 -19.78
CA MET C 138 19.25 -4.29 -18.39
C MET C 138 18.22 -4.83 -17.40
N ARG C 139 17.05 -5.25 -17.86
CA ARG C 139 15.99 -5.67 -16.97
C ARG C 139 16.42 -6.83 -16.08
N ARG C 140 17.26 -7.70 -16.61
CA ARG C 140 17.75 -8.87 -15.91
C ARG C 140 18.58 -8.51 -14.68
N TYR C 141 19.00 -7.25 -14.62
CA TYR C 141 19.85 -6.76 -13.56
C TYR C 141 19.07 -5.94 -12.54
N ASP C 142 17.80 -5.74 -12.81
CA ASP C 142 16.97 -5.04 -11.86
C ASP C 142 16.74 -5.84 -10.59
N GLN C 143 17.05 -5.23 -9.47
CA GLN C 143 16.96 -5.90 -8.20
C GLN C 143 15.57 -6.46 -7.90
N GLY C 144 14.54 -5.66 -8.12
CA GLY C 144 13.18 -6.11 -7.96
C GLY C 144 12.81 -7.32 -8.82
N ILE C 145 13.06 -7.19 -10.11
CA ILE C 145 12.75 -8.25 -11.05
C ILE C 145 13.48 -9.54 -10.70
N ARG C 146 14.75 -9.42 -10.40
CA ARG C 146 15.56 -10.54 -9.98
C ARG C 146 14.96 -11.21 -8.76
N ALA C 147 14.58 -10.40 -7.78
CA ALA C 147 14.06 -10.93 -6.53
C ALA C 147 12.76 -11.71 -6.73
N LEU C 148 11.92 -11.23 -7.62
CA LEU C 148 10.71 -11.95 -7.98
C LEU C 148 11.04 -13.29 -8.60
N LYS C 149 11.98 -13.29 -9.53
CA LYS C 149 12.37 -14.49 -10.23
C LYS C 149 12.90 -15.50 -9.25
N GLU C 150 13.72 -15.03 -8.34
CA GLU C 150 14.31 -15.90 -7.35
C GLU C 150 13.25 -16.58 -6.48
N LYS C 151 12.26 -15.80 -6.07
CA LYS C 151 11.19 -16.31 -5.26
C LYS C 151 10.37 -17.30 -6.07
N LEU C 152 10.15 -16.96 -7.33
CA LEU C 152 9.47 -17.85 -8.25
C LEU C 152 10.21 -19.17 -8.37
N ASP C 153 11.52 -19.12 -8.44
CA ASP C 153 12.30 -20.33 -8.63
C ASP C 153 12.34 -21.26 -7.40
N THR C 154 11.90 -20.76 -6.25
CA THR C 154 11.76 -21.60 -5.06
C THR C 154 10.60 -22.59 -5.17
N GLY C 155 9.67 -22.32 -6.07
CA GLY C 155 8.52 -23.16 -6.26
C GLY C 155 7.35 -22.87 -5.34
N ILE C 156 7.44 -21.81 -4.58
CA ILE C 156 6.44 -21.50 -3.59
C ILE C 156 5.04 -21.24 -4.16
N ILE C 157 4.96 -20.78 -5.39
CA ILE C 157 3.66 -20.61 -6.01
C ILE C 157 3.32 -21.68 -7.05
N GLY C 158 4.10 -22.76 -7.05
CA GLY C 158 3.99 -23.80 -8.05
C GLY C 158 4.38 -23.33 -9.45
N ALA C 159 3.82 -23.99 -10.46
CA ALA C 159 4.14 -23.66 -11.84
C ALA C 159 3.50 -22.35 -12.28
N PRO C 160 4.23 -21.58 -13.07
CA PRO C 160 3.72 -20.33 -13.63
C PRO C 160 2.76 -20.60 -14.78
N LEU C 161 1.52 -20.20 -14.60
CA LEU C 161 0.46 -20.44 -15.56
C LEU C 161 0.24 -19.24 -16.50
N VAL C 162 0.27 -18.06 -15.92
CA VAL C 162 0.07 -16.82 -16.65
C VAL C 162 0.99 -15.74 -16.11
N VAL C 163 1.45 -14.89 -17.00
CA VAL C 163 2.19 -13.71 -16.63
C VAL C 163 1.46 -12.51 -17.17
N ARG C 164 1.24 -11.53 -16.32
CA ARG C 164 0.66 -10.30 -16.77
C ARG C 164 1.61 -9.16 -16.49
N ALA C 165 1.85 -8.34 -17.51
CA ALA C 165 2.79 -7.26 -17.42
C ALA C 165 2.34 -5.99 -18.11
N SER C 166 2.93 -4.89 -17.70
CA SER C 166 2.68 -3.59 -18.28
C SER C 166 3.97 -2.84 -18.49
N HIS C 167 4.07 -2.20 -19.63
CA HIS C 167 5.17 -1.31 -19.94
C HIS C 167 4.56 0.05 -20.24
N ILE C 168 4.62 0.92 -19.26
CA ILE C 168 3.91 2.17 -19.28
C ILE C 168 4.87 3.33 -19.47
N ASN C 169 4.55 4.19 -20.42
CA ASN C 169 5.31 5.38 -20.72
C ASN C 169 4.35 6.57 -20.97
N PRO C 170 4.71 7.75 -20.47
CA PRO C 170 3.82 8.89 -20.48
C PRO C 170 3.57 9.54 -21.84
N ASN C 171 4.63 9.67 -22.63
CA ASN C 171 4.57 10.25 -23.96
C ASN C 171 5.81 9.84 -24.74
N VAL C 172 5.73 9.87 -26.05
CA VAL C 172 6.88 9.56 -26.88
C VAL C 172 7.29 10.76 -27.75
N ALA C 173 8.50 10.71 -28.26
CA ALA C 173 8.97 11.71 -29.20
C ALA C 173 8.25 11.60 -30.53
N SER C 174 8.39 12.65 -31.34
CA SER C 174 7.82 12.68 -32.68
C SER C 174 8.43 11.66 -33.62
N ASN C 175 9.62 11.17 -33.28
CA ASN C 175 10.26 10.14 -34.06
C ASN C 175 9.88 8.70 -33.69
N TYR C 176 8.89 8.55 -32.82
CA TYR C 176 8.47 7.23 -32.37
C TYR C 176 7.42 6.61 -33.30
N SER C 177 7.77 5.49 -33.88
CA SER C 177 6.93 4.82 -34.84
C SER C 177 6.19 3.61 -34.27
N ASN C 178 5.22 3.12 -35.03
CA ASN C 178 4.45 1.96 -34.65
C ASN C 178 5.35 0.78 -34.37
N GLU C 179 6.34 0.58 -35.22
CA GLU C 179 7.21 -0.57 -35.10
C GLU C 179 8.13 -0.49 -33.89
N MET C 180 8.39 0.71 -33.43
CA MET C 180 9.16 0.93 -32.22
C MET C 180 8.44 0.50 -30.95
N ALA C 181 7.13 0.37 -30.99
CA ALA C 181 6.40 -0.19 -29.87
C ALA C 181 6.90 -1.59 -29.59
N ILE C 182 7.41 -2.23 -30.63
CA ILE C 182 8.01 -3.53 -30.53
C ILE C 182 9.49 -3.41 -30.26
N THR C 183 10.16 -2.67 -31.12
CA THR C 183 11.62 -2.66 -31.15
C THR C 183 12.29 -1.88 -30.04
N ASP C 184 11.65 -0.83 -29.60
CA ASP C 184 12.23 0.02 -28.59
C ASP C 184 11.57 -0.16 -27.22
N THR C 185 10.41 -0.75 -27.20
CA THR C 185 9.66 -0.80 -25.97
C THR C 185 9.38 -2.22 -25.49
N LEU C 186 8.52 -2.93 -26.19
CA LEU C 186 8.26 -4.34 -25.92
C LEU C 186 9.50 -5.24 -25.93
N ILE C 187 10.57 -4.80 -26.58
CA ILE C 187 11.77 -5.60 -26.66
C ILE C 187 12.29 -5.98 -25.28
N HIS C 188 12.04 -5.13 -24.30
CA HIS C 188 12.47 -5.42 -22.96
C HIS C 188 11.73 -6.59 -22.36
N GLU C 189 10.42 -6.62 -22.57
CA GLU C 189 9.62 -7.75 -22.19
C GLU C 189 9.95 -9.02 -23.00
N ILE C 190 10.29 -8.85 -24.27
CA ILE C 190 10.65 -9.96 -25.13
C ILE C 190 11.86 -10.78 -24.64
N ASP C 191 12.94 -10.09 -24.25
CA ASP C 191 14.06 -10.75 -23.58
C ASP C 191 13.70 -11.27 -22.19
N GLU C 192 13.02 -10.45 -21.43
CA GLU C 192 12.75 -10.71 -20.02
C GLU C 192 11.98 -12.00 -19.74
N MET C 193 10.89 -12.20 -20.43
CA MET C 193 9.99 -13.28 -20.09
C MET C 193 10.61 -14.66 -20.23
N HIS C 194 11.33 -14.88 -21.32
CA HIS C 194 11.94 -16.18 -21.52
C HIS C 194 13.04 -16.48 -20.49
N TRP C 195 13.76 -15.45 -20.06
CA TRP C 195 14.72 -15.56 -18.97
C TRP C 195 14.02 -15.85 -17.63
N LEU C 196 13.01 -15.07 -17.32
CA LEU C 196 12.26 -15.20 -16.09
C LEU C 196 11.68 -16.61 -15.92
N LEU C 197 11.10 -17.13 -17.00
CA LEU C 197 10.40 -18.41 -17.03
C LEU C 197 11.28 -19.58 -17.40
N ASP C 198 12.48 -19.30 -17.90
CA ASP C 198 13.39 -20.31 -18.37
C ASP C 198 12.66 -21.24 -19.33
N ASP C 199 12.05 -20.62 -20.33
CA ASP C 199 11.19 -21.28 -21.27
C ASP C 199 11.34 -20.53 -22.58
N GLU C 200 10.93 -21.13 -23.68
CA GLU C 200 11.03 -20.47 -24.97
C GLU C 200 9.65 -20.17 -25.51
N TYR C 201 9.56 -19.19 -26.39
CA TYR C 201 8.31 -18.78 -26.97
C TYR C 201 7.85 -19.70 -28.11
N THR C 202 6.55 -19.82 -28.30
CA THR C 202 6.02 -20.52 -29.42
C THR C 202 5.25 -19.62 -30.37
N SER C 203 4.76 -18.50 -29.87
CA SER C 203 4.03 -17.56 -30.70
C SER C 203 3.96 -16.19 -30.09
N ILE C 204 3.62 -15.23 -30.92
CA ILE C 204 3.31 -13.88 -30.49
C ILE C 204 2.17 -13.25 -31.29
N GLN C 205 1.31 -12.49 -30.64
CA GLN C 205 0.20 -11.80 -31.29
C GLN C 205 -0.02 -10.38 -30.78
N ILE C 206 -0.03 -9.43 -31.68
CA ILE C 206 -0.22 -8.04 -31.33
C ILE C 206 -1.62 -7.59 -31.71
N THR C 207 -2.26 -6.91 -30.79
CA THR C 207 -3.66 -6.57 -30.91
C THR C 207 -3.83 -5.10 -30.58
N TYR C 208 -4.72 -4.44 -31.31
CA TYR C 208 -4.95 -3.02 -31.15
C TYR C 208 -6.32 -2.75 -30.53
N PRO C 209 -6.35 -2.25 -29.29
CA PRO C 209 -7.56 -1.70 -28.73
C PRO C 209 -7.87 -0.39 -29.44
N ARG C 210 -8.97 0.26 -29.10
CA ARG C 210 -9.26 1.58 -29.65
C ARG C 210 -8.08 2.51 -29.49
N GLN C 211 -7.96 3.43 -30.42
CA GLN C 211 -6.82 4.32 -30.50
C GLN C 211 -6.94 5.44 -29.50
N SER C 212 -5.89 5.67 -28.73
CA SER C 212 -5.89 6.81 -27.84
C SER C 212 -5.86 8.15 -28.58
N ALA C 213 -6.62 9.10 -28.07
CA ALA C 213 -6.64 10.45 -28.58
C ALA C 213 -5.37 11.24 -28.29
N GLU C 214 -4.52 10.68 -27.44
CA GLU C 214 -3.26 11.34 -27.09
C GLU C 214 -2.13 11.11 -28.09
N VAL C 215 -2.32 10.15 -28.99
CA VAL C 215 -1.33 9.86 -30.00
C VAL C 215 -1.21 11.01 -30.96
N ARG C 216 0.00 11.48 -31.20
CA ARG C 216 0.21 12.54 -32.15
C ARG C 216 1.24 12.21 -33.24
N ASN C 217 1.55 10.93 -33.37
CA ASN C 217 2.49 10.44 -34.35
C ASN C 217 1.79 9.64 -35.44
N GLU C 218 2.08 9.99 -36.67
CA GLU C 218 1.46 9.36 -37.80
C GLU C 218 1.74 7.87 -37.78
N GLY C 219 0.69 7.08 -37.79
CA GLY C 219 0.80 5.65 -37.93
C GLY C 219 0.94 4.84 -36.65
N LEU C 220 1.23 5.52 -35.56
CA LEU C 220 1.42 4.85 -34.29
C LEU C 220 0.12 4.37 -33.70
N HIS C 221 0.04 3.09 -33.43
CA HIS C 221 -1.04 2.53 -32.66
C HIS C 221 -0.62 2.53 -31.19
N ASP C 222 -1.52 2.98 -30.34
CA ASP C 222 -1.32 2.94 -28.89
C ASP C 222 -2.67 3.02 -28.19
N PRO C 223 -2.92 2.13 -27.23
CA PRO C 223 -1.98 1.13 -26.71
C PRO C 223 -1.91 -0.08 -27.60
N GLN C 224 -1.03 -0.99 -27.26
CA GLN C 224 -0.97 -2.25 -27.94
C GLN C 224 -0.93 -3.40 -26.93
N LEU C 225 -1.58 -4.50 -27.28
CA LEU C 225 -1.64 -5.69 -26.48
C LEU C 225 -0.84 -6.84 -27.07
N ALA C 226 0.12 -7.32 -26.33
CA ALA C 226 0.96 -8.41 -26.79
C ALA C 226 0.69 -9.66 -25.98
N THR C 227 0.38 -10.71 -26.69
CA THR C 227 0.22 -12.01 -26.11
C THR C 227 1.30 -12.95 -26.63
N LEU C 228 2.06 -13.52 -25.72
CA LEU C 228 3.06 -14.50 -26.07
C LEU C 228 2.74 -15.84 -25.45
N THR C 229 3.03 -16.91 -26.16
CA THR C 229 2.90 -18.23 -25.59
C THR C 229 4.25 -18.91 -25.45
N THR C 230 4.37 -19.78 -24.46
CA THR C 230 5.59 -20.53 -24.23
C THR C 230 5.42 -22.01 -24.46
N LYS C 231 6.53 -22.71 -24.52
CA LYS C 231 6.51 -24.12 -24.80
C LYS C 231 5.80 -24.94 -23.73
N LYS C 232 6.00 -24.57 -22.48
CA LYS C 232 5.29 -25.22 -21.39
C LYS C 232 3.86 -24.71 -21.23
N GLY C 233 3.46 -23.78 -22.09
CA GLY C 233 2.09 -23.35 -22.13
C GLY C 233 1.73 -22.12 -21.33
N THR C 234 2.72 -21.49 -20.71
CA THR C 234 2.51 -20.25 -20.01
C THR C 234 2.08 -19.16 -21.01
N VAL C 235 1.04 -18.43 -20.66
CA VAL C 235 0.55 -17.33 -21.47
C VAL C 235 0.94 -15.96 -20.90
N ILE C 236 1.55 -15.12 -21.73
CA ILE C 236 2.01 -13.82 -21.32
C ILE C 236 1.20 -12.66 -21.93
N GLN C 237 0.53 -11.91 -21.09
CA GLN C 237 -0.24 -10.74 -21.53
C GLN C 237 0.46 -9.45 -21.15
N VAL C 238 1.06 -8.81 -22.14
CA VAL C 238 1.73 -7.55 -21.91
C VAL C 238 0.90 -6.41 -22.44
N LEU C 239 0.74 -5.38 -21.63
CA LEU C 239 0.15 -4.14 -22.07
C LEU C 239 1.22 -3.11 -22.38
N VAL C 240 1.27 -2.69 -23.63
CA VAL C 240 2.13 -1.60 -24.00
C VAL C 240 1.37 -0.32 -24.16
N HIS C 241 1.78 0.69 -23.40
CA HIS C 241 1.04 1.93 -23.40
C HIS C 241 1.98 3.11 -23.26
N VAL C 242 2.24 3.80 -24.36
CA VAL C 242 3.33 4.74 -24.43
C VAL C 242 2.92 6.21 -24.44
N THR C 243 1.62 6.45 -24.47
CA THR C 243 1.09 7.80 -24.33
C THR C 243 0.23 7.95 -23.06
N ALA C 244 0.56 7.23 -22.01
CA ALA C 244 -0.30 7.10 -20.84
C ALA C 244 -0.47 8.34 -19.99
N GLN C 245 0.37 9.34 -20.23
CA GLN C 245 0.38 10.62 -19.53
C GLN C 245 0.85 10.65 -18.06
N TYR C 246 0.34 9.74 -17.23
CA TYR C 246 0.53 9.85 -15.79
C TYR C 246 1.97 9.69 -15.32
N GLY C 247 2.70 8.83 -16.01
CA GLY C 247 4.07 8.55 -15.66
C GLY C 247 4.66 7.38 -16.42
N TYR C 248 5.82 6.95 -15.93
CA TYR C 248 6.52 5.79 -16.44
C TYR C 248 6.41 4.65 -15.43
N GLU C 249 6.01 3.46 -15.88
CA GLU C 249 5.84 2.37 -14.96
C GLU C 249 6.03 0.98 -15.58
N VAL C 250 6.74 0.14 -14.88
CA VAL C 250 6.88 -1.26 -15.25
C VAL C 250 6.21 -2.17 -14.20
N LYS C 251 5.28 -2.99 -14.66
CA LYS C 251 4.52 -3.90 -13.81
C LYS C 251 4.74 -5.34 -14.22
N LEU C 252 4.79 -6.22 -13.22
CA LEU C 252 4.99 -7.63 -13.46
C LEU C 252 4.28 -8.49 -12.43
N GLU C 253 3.49 -9.43 -12.92
CA GLU C 253 2.72 -10.30 -12.06
C GLU C 253 2.70 -11.71 -12.62
N VAL C 254 3.15 -12.65 -11.81
CA VAL C 254 3.16 -14.05 -12.17
C VAL C 254 2.07 -14.81 -11.42
N ILE C 255 1.17 -15.38 -12.19
CA ILE C 255 0.13 -16.21 -11.67
C ILE C 255 0.54 -17.66 -11.67
N GLY C 256 0.57 -18.24 -10.49
CA GLY C 256 0.99 -19.61 -10.28
C GLY C 256 -0.11 -20.55 -9.85
N GLU C 257 0.22 -21.83 -9.83
CA GLU C 257 -0.71 -22.88 -9.42
C GLU C 257 -1.26 -22.70 -8.01
N THR C 258 -0.41 -22.25 -7.09
CA THR C 258 -0.77 -22.19 -5.70
C THR C 258 -0.64 -20.81 -5.09
N GLY C 259 -0.31 -19.83 -5.93
CA GLY C 259 -0.21 -18.45 -5.51
C GLY C 259 0.18 -17.48 -6.60
N GLU C 260 0.50 -16.26 -6.22
CA GLU C 260 0.89 -15.22 -7.16
C GLU C 260 2.08 -14.44 -6.63
N LEU C 261 2.88 -13.91 -7.52
CA LEU C 261 3.95 -12.98 -7.17
C LEU C 261 3.84 -11.71 -8.01
N GLN C 262 4.06 -10.56 -7.40
CA GLN C 262 4.14 -9.30 -8.16
C GLN C 262 5.17 -8.31 -7.65
N LEU C 263 5.73 -7.55 -8.58
CA LEU C 263 6.62 -6.47 -8.23
C LEU C 263 5.88 -5.47 -7.38
N PRO C 264 6.51 -5.02 -6.32
CA PRO C 264 5.89 -3.96 -5.53
C PRO C 264 5.97 -2.63 -6.27
N ASN C 265 5.32 -1.62 -5.76
CA ASN C 265 5.43 -0.28 -6.30
C ASN C 265 6.86 0.23 -6.19
N TYR C 266 7.29 0.88 -7.25
CA TYR C 266 8.60 1.47 -7.27
C TYR C 266 8.49 2.86 -6.66
N GLY C 267 9.44 3.20 -5.82
CA GLY C 267 9.48 4.52 -5.24
C GLY C 267 10.10 4.53 -3.88
N LEU C 268 10.99 5.47 -3.65
CA LEU C 268 11.57 5.62 -2.34
C LEU C 268 10.96 6.85 -1.72
N GLY C 269 10.27 7.61 -2.55
CA GLY C 269 9.62 8.85 -2.17
C GLY C 269 8.57 8.70 -1.10
N PRO C 270 8.29 9.80 -0.38
CA PRO C 270 7.42 9.71 0.79
C PRO C 270 5.95 9.60 0.45
N ILE C 271 5.19 9.03 1.36
CA ILE C 271 3.75 9.04 1.28
C ILE C 271 3.23 10.38 1.80
N LEU C 272 2.50 11.07 0.95
CA LEU C 272 1.96 12.36 1.27
C LEU C 272 0.47 12.28 1.59
N ARG C 273 0.13 12.81 2.75
CA ARG C 273 -1.25 12.99 3.15
C ARG C 273 -1.61 14.48 3.06
N SER C 274 -2.45 14.78 2.08
CA SER C 274 -2.82 16.14 1.74
C SER C 274 -4.09 16.20 0.89
N ASN C 275 -4.93 17.19 1.19
CA ASN C 275 -6.04 17.55 0.34
C ASN C 275 -6.96 16.39 0.01
N ALA C 276 -7.41 15.67 1.04
CA ALA C 276 -8.31 14.54 0.92
C ALA C 276 -7.80 13.36 0.10
N ASN C 277 -6.49 13.25 0.00
CA ASN C 277 -5.87 12.04 -0.47
C ASN C 277 -4.52 11.68 0.13
N GLN C 278 -4.18 10.43 -0.09
CA GLN C 278 -2.90 9.87 0.26
C GLN C 278 -2.20 9.51 -1.04
N GLN C 279 -1.00 10.01 -1.25
CA GLN C 279 -0.31 9.77 -2.52
C GLN C 279 1.19 9.57 -2.46
N THR C 280 1.71 8.89 -3.45
CA THR C 280 3.14 8.80 -3.71
C THR C 280 3.47 9.15 -5.16
N ALA C 281 4.66 9.66 -5.39
CA ALA C 281 5.08 10.08 -6.71
C ALA C 281 5.32 8.92 -7.63
N VAL C 282 5.23 9.22 -8.90
CA VAL C 282 5.54 8.27 -9.95
C VAL C 282 6.61 8.89 -10.84
N GLU C 283 7.62 8.11 -11.10
CA GLU C 283 8.69 8.41 -12.02
C GLU C 283 8.14 8.88 -13.38
N MET C 284 8.73 9.92 -13.94
CA MET C 284 8.31 10.42 -15.23
C MET C 284 9.23 9.99 -16.37
N SER C 285 10.33 9.35 -16.03
CA SER C 285 11.27 8.93 -17.04
C SER C 285 11.76 7.52 -16.77
N TRP C 286 12.09 6.79 -17.80
CA TRP C 286 12.73 5.53 -17.59
C TRP C 286 14.08 5.68 -16.89
N ILE C 287 14.66 6.87 -16.96
CA ILE C 287 16.03 7.11 -16.48
C ILE C 287 16.29 6.77 -15.04
N ASN C 288 15.55 7.36 -14.11
CA ASN C 288 15.74 6.97 -12.74
C ASN C 288 15.29 5.53 -12.43
N ARG C 289 14.31 5.02 -13.17
CA ARG C 289 13.75 3.72 -12.83
C ARG C 289 14.81 2.63 -12.83
N PHE C 290 15.69 2.70 -13.81
CA PHE C 290 16.63 1.63 -14.03
C PHE C 290 18.10 2.00 -13.90
N ILE C 291 18.39 3.06 -13.16
CA ILE C 291 19.76 3.46 -12.87
C ILE C 291 20.55 2.32 -12.24
N GLN C 292 19.93 1.65 -11.28
CA GLN C 292 20.57 0.55 -10.60
C GLN C 292 20.88 -0.56 -11.57
N ALA C 293 19.87 -0.89 -12.37
CA ALA C 293 20.01 -1.96 -13.32
C ALA C 293 21.16 -1.67 -14.30
N TYR C 294 21.20 -0.49 -14.87
CA TYR C 294 22.26 -0.13 -15.79
C TYR C 294 23.65 -0.22 -15.15
N ASN C 295 23.77 0.30 -13.93
CA ASN C 295 25.01 0.27 -13.21
C ASN C 295 25.53 -1.14 -12.95
N THR C 296 24.65 -1.99 -12.46
CA THR C 296 24.97 -3.38 -12.20
C THR C 296 25.36 -4.14 -13.47
N GLU C 297 24.64 -3.90 -14.55
CA GLU C 297 24.89 -4.52 -15.82
C GLU C 297 26.29 -4.23 -16.35
N VAL C 298 26.65 -2.95 -16.36
CA VAL C 298 27.89 -2.51 -16.96
C VAL C 298 29.09 -2.85 -16.09
N GLN C 299 28.92 -2.72 -14.78
CA GLN C 299 29.98 -3.10 -13.83
C GLN C 299 30.29 -4.58 -13.94
N GLU C 300 29.29 -5.39 -14.19
CA GLU C 300 29.52 -6.78 -14.45
C GLU C 300 30.38 -7.01 -15.70
N PHE C 301 30.05 -6.33 -16.79
CA PHE C 301 30.80 -6.42 -18.04
C PHE C 301 32.24 -5.99 -17.87
N ILE C 302 32.44 -4.88 -17.21
CA ILE C 302 33.76 -4.37 -16.95
C ILE C 302 34.59 -5.36 -16.08
N ASP C 303 33.95 -5.91 -15.06
CA ASP C 303 34.56 -6.92 -14.21
C ASP C 303 35.03 -8.17 -14.94
N GLU C 304 34.24 -8.63 -15.89
CA GLU C 304 34.62 -9.76 -16.70
C GLU C 304 35.78 -9.45 -17.65
N VAL C 305 35.72 -8.29 -18.29
CA VAL C 305 36.77 -7.86 -19.21
C VAL C 305 38.10 -7.71 -18.50
N ALA C 306 38.04 -7.20 -17.28
CA ALA C 306 39.22 -7.02 -16.46
C ALA C 306 39.91 -8.35 -16.19
N LYS C 307 39.12 -9.41 -16.08
CA LYS C 307 39.63 -10.75 -15.87
C LYS C 307 40.00 -11.42 -17.18
N SER C 308 39.59 -10.80 -18.28
CA SER C 308 39.64 -11.43 -19.60
C SER C 308 38.84 -12.71 -19.69
N GLU C 309 37.71 -12.75 -19.02
CA GLU C 309 36.78 -13.85 -19.20
C GLU C 309 35.63 -13.39 -20.06
N PRO C 310 34.95 -14.31 -20.73
CA PRO C 310 33.77 -13.92 -21.47
C PRO C 310 32.73 -13.33 -20.53
N PRO C 311 31.90 -12.43 -21.06
CA PRO C 311 30.76 -11.90 -20.34
C PRO C 311 29.84 -13.01 -19.90
N VAL C 312 29.15 -12.79 -18.79
CA VAL C 312 28.16 -13.73 -18.32
C VAL C 312 26.72 -13.22 -18.48
N GLY C 313 26.56 -11.96 -18.85
CA GLY C 313 25.25 -11.43 -19.17
C GLY C 313 24.64 -11.93 -20.47
N PRO C 314 23.48 -11.35 -20.86
CA PRO C 314 22.83 -11.73 -22.09
C PRO C 314 23.78 -11.64 -23.28
N SER C 315 23.64 -12.59 -24.19
CA SER C 315 24.57 -12.78 -25.28
C SER C 315 23.92 -12.49 -26.62
N ALA C 316 24.67 -12.74 -27.67
CA ALA C 316 24.18 -12.50 -29.01
C ALA C 316 23.09 -13.51 -29.33
N TRP C 317 23.13 -14.65 -28.66
CA TRP C 317 22.06 -15.60 -28.84
C TRP C 317 20.74 -15.06 -28.26
N ASP C 318 20.81 -14.44 -27.09
CA ASP C 318 19.66 -13.79 -26.51
C ASP C 318 19.18 -12.66 -27.44
N GLY C 319 20.13 -11.98 -28.08
CA GLY C 319 19.83 -10.98 -29.07
C GLY C 319 19.08 -11.54 -30.28
N TYR C 320 19.51 -12.71 -30.71
CA TYR C 320 18.89 -13.44 -31.80
C TYR C 320 17.45 -13.83 -31.48
N ILE C 321 17.24 -14.40 -30.30
CA ILE C 321 15.91 -14.75 -29.84
C ILE C 321 14.99 -13.54 -29.86
N ALA C 322 15.51 -12.43 -29.37
CA ALA C 322 14.75 -11.21 -29.31
C ALA C 322 14.39 -10.70 -30.70
N ALA C 323 15.37 -10.72 -31.59
CA ALA C 323 15.17 -10.34 -32.98
C ALA C 323 14.10 -11.18 -33.68
N ILE C 324 14.17 -12.49 -33.52
CA ILE C 324 13.18 -13.37 -34.10
C ILE C 324 11.79 -13.06 -33.58
N THR C 325 11.67 -12.89 -32.27
CA THR C 325 10.41 -12.55 -31.65
C THR C 325 9.93 -11.17 -32.08
N ALA C 326 10.82 -10.19 -32.10
CA ALA C 326 10.50 -8.86 -32.57
C ALA C 326 9.99 -8.85 -34.01
N ALA C 327 10.67 -9.56 -34.89
CA ALA C 327 10.29 -9.65 -36.28
C ALA C 327 8.89 -10.26 -36.43
N ALA C 328 8.64 -11.33 -35.70
CA ALA C 328 7.35 -11.97 -35.71
C ALA C 328 6.28 -11.01 -35.23
N ALA C 329 6.64 -10.14 -34.31
CA ALA C 329 5.71 -9.17 -33.79
C ALA C 329 5.43 -8.03 -34.76
N ASN C 330 6.45 -7.55 -35.44
CA ASN C 330 6.27 -6.51 -36.46
C ASN C 330 5.38 -7.05 -37.61
N ARG C 331 5.51 -8.33 -37.86
CA ARG C 331 4.63 -9.01 -38.79
C ARG C 331 3.21 -9.06 -38.28
N SER C 332 3.03 -9.30 -36.98
CA SER C 332 1.71 -9.36 -36.40
C SER C 332 1.02 -7.99 -36.41
N GLN C 333 1.81 -6.94 -36.39
CA GLN C 333 1.27 -5.60 -36.38
C GLN C 333 0.52 -5.24 -37.64
N LYS C 334 0.71 -6.03 -38.69
CA LYS C 334 0.07 -5.76 -39.96
C LYS C 334 -1.39 -6.14 -39.97
N ASP C 335 -1.69 -7.33 -39.48
CA ASP C 335 -3.04 -7.87 -39.56
C ASP C 335 -3.63 -8.23 -38.19
N GLN C 336 -2.86 -7.99 -37.15
CA GLN C 336 -3.19 -8.41 -35.80
C GLN C 336 -3.35 -9.93 -35.67
N GLU C 337 -2.67 -10.68 -36.52
CA GLU C 337 -2.78 -12.13 -36.50
C GLU C 337 -1.64 -12.73 -35.72
N THR C 338 -1.87 -13.92 -35.20
CA THR C 338 -0.86 -14.65 -34.47
C THR C 338 0.26 -15.11 -35.37
N VAL C 339 1.50 -14.96 -34.90
CA VAL C 339 2.67 -15.40 -35.63
C VAL C 339 3.48 -16.41 -34.83
N LEU C 340 3.73 -17.56 -35.43
CA LEU C 340 4.48 -18.61 -34.78
C LEU C 340 5.95 -18.32 -34.62
N ILE C 341 6.54 -18.88 -33.58
CA ILE C 341 7.95 -18.71 -33.31
C ILE C 341 8.55 -20.05 -33.00
N ASN C 342 9.65 -20.36 -33.65
CA ASN C 342 10.32 -21.62 -33.42
C ASN C 342 11.80 -21.40 -33.34
N VAL C 343 12.30 -21.16 -32.16
CA VAL C 343 13.72 -20.89 -32.04
C VAL C 343 14.57 -22.15 -31.93
N ALA C 344 15.69 -22.13 -32.63
CA ALA C 344 16.58 -23.28 -32.68
C ALA C 344 17.21 -23.54 -31.34
N GLY C 345 17.69 -24.75 -31.17
CA GLY C 345 18.42 -25.09 -29.98
C GLY C 345 19.58 -24.15 -29.77
N THR C 346 19.91 -23.92 -28.51
CA THR C 346 21.01 -23.06 -28.16
C THR C 346 22.32 -23.78 -28.35
N PRO C 347 23.19 -23.22 -29.20
CA PRO C 347 24.50 -23.78 -29.43
C PRO C 347 25.28 -23.83 -28.13
N THR C 348 26.12 -24.84 -27.97
CA THR C 348 26.84 -25.06 -26.73
C THR C 348 27.69 -23.85 -26.38
N PHE C 349 28.19 -23.19 -27.40
CA PHE C 349 28.90 -21.92 -27.29
C PHE C 349 28.20 -20.92 -26.40
N TYR C 350 26.87 -20.96 -26.42
CA TYR C 350 26.05 -19.98 -25.74
C TYR C 350 25.32 -20.48 -24.49
N GLN C 351 25.62 -21.70 -24.07
CA GLN C 351 25.21 -22.23 -22.77
C GLN C 351 26.35 -22.00 -21.79
N HIS D 8 -46.30 -2.54 12.57
CA HIS D 8 -45.99 -1.45 13.49
C HIS D 8 -45.46 -2.05 14.79
N HIS D 9 -45.39 -3.37 14.80
CA HIS D 9 -44.57 -4.15 15.69
C HIS D 9 -44.32 -5.46 14.93
N HIS D 10 -43.37 -5.39 14.00
CA HIS D 10 -43.11 -6.40 12.97
C HIS D 10 -42.55 -7.71 13.47
N GLY D 11 -41.61 -8.25 12.69
CA GLY D 11 -40.88 -9.47 12.98
C GLY D 11 -40.74 -9.84 14.43
N SER D 12 -40.52 -8.81 15.25
CA SER D 12 -40.60 -8.89 16.71
C SER D 12 -40.49 -7.51 17.39
N MET D 13 -41.59 -6.76 17.41
CA MET D 13 -41.75 -5.50 18.16
C MET D 13 -40.93 -4.29 17.71
N VAL D 14 -41.59 -3.33 17.09
CA VAL D 14 -40.90 -2.14 16.59
C VAL D 14 -40.68 -1.14 17.68
N VAL D 15 -39.42 -0.91 18.00
CA VAL D 15 -39.01 0.07 18.97
C VAL D 15 -39.30 1.48 18.48
N LYS D 16 -40.06 2.23 19.26
CA LYS D 16 -40.32 3.62 18.95
C LYS D 16 -39.29 4.53 19.62
N VAL D 17 -38.63 5.32 18.80
CA VAL D 17 -37.49 6.10 19.23
C VAL D 17 -37.70 7.60 19.21
N GLY D 18 -37.19 8.27 20.24
CA GLY D 18 -37.07 9.70 20.26
C GLY D 18 -35.62 10.14 20.12
N VAL D 19 -35.39 11.18 19.33
CA VAL D 19 -34.03 11.62 19.10
C VAL D 19 -33.82 13.06 19.57
N ILE D 20 -32.93 13.22 20.53
CA ILE D 20 -32.63 14.52 21.08
C ILE D 20 -31.32 15.07 20.53
N GLY D 21 -31.43 16.01 19.61
CA GLY D 21 -30.30 16.53 18.88
C GLY D 21 -30.28 16.07 17.44
N THR D 22 -30.45 17.00 16.52
CA THR D 22 -30.50 16.66 15.12
C THR D 22 -29.47 17.39 14.30
N GLY D 23 -28.24 17.37 14.81
CA GLY D 23 -27.10 17.81 14.05
C GLY D 23 -26.67 16.72 13.10
N ALA D 24 -25.43 16.78 12.65
CA ALA D 24 -24.91 15.79 11.73
C ALA D 24 -25.03 14.35 12.26
N MET D 25 -24.68 14.17 13.52
CA MET D 25 -24.67 12.86 14.13
C MET D 25 -26.08 12.35 14.34
N GLY D 26 -26.94 13.20 14.90
CA GLY D 26 -28.32 12.90 15.08
C GLY D 26 -29.01 12.52 13.79
N ARG D 27 -28.78 13.31 12.75
CA ARG D 27 -29.25 13.01 11.42
C ARG D 27 -28.80 11.63 10.94
N ALA D 28 -27.54 11.32 11.16
CA ALA D 28 -26.99 10.03 10.79
C ALA D 28 -27.68 8.84 11.48
N HIS D 29 -27.95 8.97 12.77
CA HIS D 29 -28.68 7.97 13.54
C HIS D 29 -30.12 7.78 13.03
N ILE D 30 -30.79 8.88 12.79
CA ILE D 30 -32.10 8.85 12.19
C ILE D 30 -32.11 8.09 10.86
N ASP D 31 -31.17 8.43 10.00
CA ASP D 31 -31.03 7.76 8.71
C ASP D 31 -30.90 6.26 8.88
N ARG D 32 -29.97 5.84 9.72
CA ARG D 32 -29.73 4.43 9.91
C ARG D 32 -30.92 3.73 10.53
N LEU D 33 -31.52 4.35 11.52
CA LEU D 33 -32.66 3.76 12.20
C LEU D 33 -33.86 3.61 11.26
N THR D 34 -33.98 4.49 10.30
CA THR D 34 -35.11 4.56 9.41
C THR D 34 -34.91 3.66 8.20
N ASN D 35 -33.73 3.74 7.61
CA ASN D 35 -33.46 3.21 6.30
C ASN D 35 -32.59 1.95 6.21
N VAL D 36 -31.83 1.67 7.24
CA VAL D 36 -30.88 0.58 7.18
C VAL D 36 -31.15 -0.51 8.22
N LEU D 37 -31.30 -0.10 9.47
CA LEU D 37 -31.47 -1.01 10.56
C LEU D 37 -32.88 -1.57 10.65
N THR D 38 -33.02 -2.68 11.36
CA THR D 38 -34.27 -3.37 11.55
C THR D 38 -34.93 -3.05 12.88
N GLY D 39 -36.25 -3.04 12.87
CA GLY D 39 -37.02 -2.99 14.09
C GLY D 39 -37.06 -1.68 14.86
N ALA D 40 -37.03 -0.57 14.16
CA ALA D 40 -37.17 0.71 14.83
C ALA D 40 -37.82 1.78 13.97
N GLU D 41 -38.45 2.73 14.63
CA GLU D 41 -39.01 3.89 14.00
C GLU D 41 -38.83 5.12 14.86
N VAL D 42 -38.38 6.21 14.26
CA VAL D 42 -38.25 7.48 14.95
C VAL D 42 -39.59 8.22 14.95
N VAL D 43 -40.19 8.35 16.12
CA VAL D 43 -41.50 8.95 16.24
C VAL D 43 -41.50 10.32 16.92
N ALA D 44 -40.33 10.77 17.36
CA ALA D 44 -40.20 12.09 17.94
C ALA D 44 -38.78 12.63 17.87
N VAL D 45 -38.65 13.93 17.67
CA VAL D 45 -37.36 14.60 17.72
C VAL D 45 -37.40 15.93 18.44
N THR D 46 -36.22 16.44 18.78
CA THR D 46 -36.05 17.81 19.26
C THR D 46 -34.60 18.30 19.08
N ASP D 47 -34.43 19.60 18.99
CA ASP D 47 -33.12 20.22 18.89
C ASP D 47 -33.24 21.65 19.38
N ILE D 48 -32.16 22.23 19.89
CA ILE D 48 -32.20 23.62 20.32
C ILE D 48 -32.58 24.56 19.19
N ASP D 49 -32.35 24.12 17.97
CA ASP D 49 -32.73 24.84 16.78
C ASP D 49 -33.92 24.14 16.17
N HIS D 50 -35.10 24.68 16.39
CA HIS D 50 -36.34 24.04 15.91
C HIS D 50 -36.39 23.75 14.41
N GLU D 51 -35.72 24.56 13.62
CA GLU D 51 -35.64 24.38 12.18
C GLU D 51 -34.79 23.17 11.80
N ALA D 52 -33.79 22.86 12.61
CA ALA D 52 -32.98 21.67 12.42
C ALA D 52 -33.81 20.40 12.65
N ALA D 53 -34.57 20.37 13.74
CA ALA D 53 -35.47 19.29 14.03
C ALA D 53 -36.46 19.06 12.89
N GLU D 54 -37.12 20.14 12.48
CA GLU D 54 -38.07 20.09 11.38
C GLU D 54 -37.44 19.58 10.09
N ALA D 55 -36.23 20.03 9.80
CA ALA D 55 -35.55 19.59 8.60
C ALA D 55 -35.27 18.09 8.62
N ALA D 56 -34.94 17.57 9.79
CA ALA D 56 -34.71 16.13 9.95
C ALA D 56 -35.95 15.27 9.68
N VAL D 57 -37.08 15.73 10.18
CA VAL D 57 -38.35 15.08 9.94
C VAL D 57 -38.70 15.06 8.46
N ARG D 58 -38.57 16.21 7.84
CA ARG D 58 -38.73 16.38 6.42
C ARG D 58 -37.76 15.50 5.60
N ASP D 59 -36.47 15.65 5.84
CA ASP D 59 -35.44 15.03 5.01
C ASP D 59 -35.47 13.51 5.08
N PHE D 60 -35.82 12.97 6.23
CA PHE D 60 -35.88 11.52 6.40
C PHE D 60 -37.29 10.91 6.31
N HIS D 61 -38.24 11.76 5.90
CA HIS D 61 -39.61 11.37 5.63
C HIS D 61 -40.29 10.71 6.82
N LEU D 62 -40.11 11.30 7.98
CA LEU D 62 -40.67 10.77 9.21
C LEU D 62 -42.09 11.25 9.47
N ASN D 63 -42.85 10.38 10.11
CA ASN D 63 -44.06 10.76 10.79
C ASN D 63 -43.72 10.86 12.26
N ALA D 64 -43.30 12.03 12.67
CA ALA D 64 -42.74 12.21 13.98
C ALA D 64 -43.06 13.55 14.56
N LYS D 65 -43.30 13.55 15.86
CA LYS D 65 -43.52 14.78 16.60
C LYS D 65 -42.26 15.63 16.76
N VAL D 66 -42.40 16.93 16.61
CA VAL D 66 -41.33 17.85 16.93
C VAL D 66 -41.59 18.52 18.26
N TYR D 67 -40.82 18.13 19.26
CA TYR D 67 -40.94 18.71 20.58
C TYR D 67 -39.97 19.89 20.73
N PRO D 68 -40.35 20.90 21.51
CA PRO D 68 -39.52 22.09 21.69
C PRO D 68 -38.29 21.88 22.59
N ASP D 69 -38.26 20.81 23.37
CA ASP D 69 -37.17 20.54 24.27
C ASP D 69 -37.11 19.08 24.72
N ASP D 70 -36.06 18.76 25.46
CA ASP D 70 -35.86 17.41 25.92
C ASP D 70 -36.94 16.96 26.91
N THR D 71 -37.31 17.85 27.82
CA THR D 71 -38.24 17.47 28.85
C THR D 71 -39.62 17.10 28.28
N SER D 72 -40.07 17.85 27.30
CA SER D 72 -41.35 17.59 26.68
C SER D 72 -41.36 16.25 25.96
N LEU D 73 -40.30 16.00 25.20
CA LEU D 73 -40.14 14.75 24.51
C LEU D 73 -40.11 13.55 25.47
N LEU D 74 -39.42 13.72 26.59
CA LEU D 74 -39.22 12.65 27.56
C LEU D 74 -40.51 12.29 28.30
N GLN D 75 -41.49 13.17 28.24
CA GLN D 75 -42.78 12.95 28.84
C GLN D 75 -43.83 12.35 27.88
N ASP D 76 -43.39 11.93 26.70
CA ASP D 76 -44.24 11.22 25.77
C ASP D 76 -44.19 9.73 26.10
N PRO D 77 -45.29 9.17 26.59
CA PRO D 77 -45.35 7.78 27.02
C PRO D 77 -45.17 6.79 25.91
N ASP D 78 -45.31 7.21 24.66
CA ASP D 78 -45.24 6.25 23.59
C ASP D 78 -43.84 5.93 23.11
N ILE D 79 -42.86 6.67 23.59
CA ILE D 79 -41.49 6.46 23.16
C ILE D 79 -40.82 5.37 24.03
N ASP D 80 -40.18 4.39 23.39
CA ASP D 80 -39.54 3.30 24.09
C ASP D 80 -38.10 3.60 24.50
N ALA D 81 -37.41 4.41 23.72
CA ALA D 81 -36.01 4.73 23.94
C ALA D 81 -35.64 6.10 23.41
N VAL D 82 -34.68 6.73 24.04
CA VAL D 82 -34.17 8.00 23.52
C VAL D 82 -32.69 7.93 23.16
N PHE D 83 -32.35 8.69 22.12
CA PHE D 83 -31.00 8.94 21.72
C PHE D 83 -30.61 10.37 22.06
N VAL D 84 -29.59 10.50 22.89
CA VAL D 84 -29.06 11.79 23.24
C VAL D 84 -27.88 12.09 22.32
N VAL D 85 -28.08 13.01 21.39
CA VAL D 85 -27.11 13.28 20.34
C VAL D 85 -26.88 14.78 20.21
N SER D 86 -27.04 15.47 21.32
CA SER D 86 -26.86 16.91 21.41
C SER D 86 -25.41 17.27 21.67
N PHE D 87 -25.15 18.56 21.81
CA PHE D 87 -23.83 19.06 22.24
C PHE D 87 -23.39 18.32 23.48
N GLY D 88 -22.13 17.90 23.52
CA GLY D 88 -21.64 17.07 24.61
C GLY D 88 -21.94 17.56 26.01
N GLY D 89 -21.83 18.87 26.21
CA GLY D 89 -22.10 19.46 27.50
C GLY D 89 -23.57 19.46 27.87
N ALA D 90 -24.42 19.11 26.91
CA ALA D 90 -25.84 18.96 27.12
C ALA D 90 -26.24 17.56 27.57
N HIS D 91 -25.38 16.59 27.33
CA HIS D 91 -25.67 15.20 27.62
C HIS D 91 -26.08 14.93 29.08
N GLU D 92 -25.34 15.50 30.03
CA GLU D 92 -25.54 15.23 31.43
C GLU D 92 -26.98 15.45 31.90
N ALA D 93 -27.46 16.68 31.78
CA ALA D 93 -28.81 17.04 32.19
C ALA D 93 -29.85 16.16 31.53
N THR D 94 -29.65 15.85 30.26
CA THR D 94 -30.64 15.12 29.50
C THR D 94 -30.71 13.67 29.94
N VAL D 95 -29.56 13.06 30.19
CA VAL D 95 -29.53 11.70 30.70
C VAL D 95 -30.23 11.62 32.06
N LEU D 96 -29.86 12.53 32.94
CA LEU D 96 -30.46 12.69 34.26
C LEU D 96 -31.98 12.79 34.24
N LYS D 97 -32.50 13.67 33.40
CA LYS D 97 -33.94 13.80 33.18
C LYS D 97 -34.55 12.49 32.71
N ALA D 98 -33.89 11.85 31.76
CA ALA D 98 -34.37 10.63 31.15
C ALA D 98 -34.48 9.49 32.16
N LEU D 99 -33.54 9.44 33.09
CA LEU D 99 -33.55 8.43 34.14
C LEU D 99 -34.77 8.53 35.06
N ASP D 100 -35.52 9.63 34.93
CA ASP D 100 -36.80 9.74 35.62
C ASP D 100 -37.93 9.05 34.87
N THR D 101 -37.63 8.45 33.74
CA THR D 101 -38.63 7.71 33.02
C THR D 101 -38.25 6.25 33.07
N ASP D 102 -39.02 5.41 32.40
CA ASP D 102 -38.64 4.01 32.28
C ASP D 102 -38.03 3.70 30.91
N LYS D 103 -37.75 4.76 30.15
CA LYS D 103 -37.24 4.59 28.82
C LYS D 103 -35.79 4.12 28.81
N PHE D 104 -35.43 3.39 27.78
CA PHE D 104 -34.04 3.08 27.53
C PHE D 104 -33.30 4.30 26.96
N ILE D 105 -32.00 4.36 27.23
CA ILE D 105 -31.21 5.54 26.92
C ILE D 105 -29.91 5.18 26.17
N PHE D 106 -29.79 5.69 24.96
CA PHE D 106 -28.53 5.67 24.23
C PHE D 106 -27.99 7.08 24.15
N THR D 107 -26.87 7.33 24.80
CA THR D 107 -26.20 8.61 24.70
C THR D 107 -24.88 8.52 23.95
N GLU D 108 -24.71 9.41 22.99
CA GLU D 108 -23.41 9.56 22.39
C GLU D 108 -22.40 9.98 23.45
N LYS D 109 -21.15 9.70 23.18
CA LYS D 109 -20.07 10.21 24.00
C LYS D 109 -20.04 11.73 23.99
N PRO D 110 -19.51 12.34 25.04
CA PRO D 110 -19.15 11.73 26.31
C PRO D 110 -20.38 11.51 27.15
N LEU D 111 -20.26 10.76 28.22
CA LEU D 111 -21.35 10.59 29.15
C LEU D 111 -21.67 11.92 29.80
N ALA D 112 -20.64 12.64 30.15
CA ALA D 112 -20.72 13.99 30.65
C ALA D 112 -19.40 14.69 30.33
N THR D 113 -19.36 15.99 30.52
CA THR D 113 -18.13 16.74 30.31
C THR D 113 -17.32 16.98 31.57
N THR D 114 -17.83 16.47 32.68
CA THR D 114 -17.14 16.52 33.94
C THR D 114 -17.23 15.19 34.65
N LEU D 115 -16.26 14.95 35.50
CA LEU D 115 -16.28 13.79 36.33
C LEU D 115 -17.50 13.80 37.27
N GLU D 116 -17.75 14.94 37.89
CA GLU D 116 -18.89 15.13 38.77
C GLU D 116 -20.19 14.74 38.06
N GLY D 117 -20.29 15.13 36.80
CA GLY D 117 -21.45 14.86 35.99
C GLY D 117 -21.65 13.38 35.77
N ALA D 118 -20.56 12.71 35.43
CA ALA D 118 -20.62 11.30 35.16
C ALA D 118 -21.01 10.48 36.40
N LYS D 119 -20.48 10.86 37.54
CA LYS D 119 -20.73 10.19 38.80
C LYS D 119 -22.19 10.33 39.22
N ARG D 120 -22.71 11.52 38.99
CA ARG D 120 -24.10 11.88 39.18
C ARG D 120 -25.00 10.87 38.46
N ILE D 121 -24.70 10.57 37.21
CA ILE D 121 -25.53 9.69 36.40
C ILE D 121 -25.45 8.26 36.83
N VAL D 122 -24.25 7.84 37.18
CA VAL D 122 -24.04 6.53 37.73
C VAL D 122 -24.79 6.37 39.06
N ASP D 123 -24.62 7.33 39.96
CA ASP D 123 -25.33 7.34 41.23
C ASP D 123 -26.84 7.19 41.02
N LYS D 124 -27.40 7.95 40.09
CA LYS D 124 -28.81 7.85 39.79
C LYS D 124 -29.21 6.54 39.17
N GLU D 125 -28.44 6.04 38.22
CA GLU D 125 -28.82 4.81 37.56
C GLU D 125 -28.73 3.61 38.50
N LEU D 126 -27.83 3.72 39.45
CA LEU D 126 -27.64 2.67 40.42
C LEU D 126 -28.88 2.49 41.30
N THR D 127 -29.72 3.51 41.37
CA THR D 127 -30.95 3.44 42.17
C THR D 127 -32.09 2.79 41.44
N LYS D 128 -31.84 2.24 40.26
CA LYS D 128 -32.92 1.69 39.49
C LYS D 128 -32.88 0.18 39.53
N SER D 129 -33.99 -0.45 39.20
CA SER D 129 -34.06 -1.89 39.24
C SER D 129 -33.24 -2.53 38.14
N LYS D 130 -33.06 -1.79 37.04
CA LYS D 130 -32.38 -2.33 35.88
C LYS D 130 -31.57 -1.30 35.10
N LYS D 131 -30.47 -1.74 34.51
CA LYS D 131 -29.63 -0.89 33.67
C LYS D 131 -30.33 -0.50 32.39
N VAL D 132 -30.32 0.78 32.09
CA VAL D 132 -30.99 1.32 30.91
C VAL D 132 -30.10 2.11 29.94
N ILE D 133 -28.89 2.44 30.36
CA ILE D 133 -28.02 3.33 29.61
C ILE D 133 -26.95 2.61 28.82
N GLN D 134 -26.84 2.96 27.55
CA GLN D 134 -25.73 2.57 26.69
C GLN D 134 -25.02 3.82 26.21
N VAL D 135 -23.70 3.79 26.28
CA VAL D 135 -22.88 4.88 25.84
C VAL D 135 -22.26 4.54 24.50
N GLY D 136 -22.25 5.51 23.61
CA GLY D 136 -21.88 5.29 22.22
C GLY D 136 -20.41 5.28 21.88
N PHE D 137 -19.67 4.40 22.54
CA PHE D 137 -18.28 4.18 22.22
C PHE D 137 -18.20 3.15 21.12
N MET D 138 -18.37 3.62 19.90
CA MET D 138 -18.50 2.75 18.75
C MET D 138 -17.21 2.09 18.27
N ARG D 139 -16.06 2.57 18.71
CA ARG D 139 -14.76 1.99 18.35
C ARG D 139 -14.73 0.49 18.64
N ARG D 140 -15.35 0.09 19.74
CA ARG D 140 -15.42 -1.29 20.17
C ARG D 140 -16.15 -2.19 19.19
N TYR D 141 -16.96 -1.59 18.33
CA TYR D 141 -17.74 -2.33 17.35
C TYR D 141 -17.12 -2.31 15.95
N ASP D 142 -16.11 -1.48 15.76
CA ASP D 142 -15.47 -1.39 14.47
C ASP D 142 -14.80 -2.70 14.10
N GLN D 143 -15.14 -3.22 12.93
CA GLN D 143 -14.63 -4.50 12.50
C GLN D 143 -13.11 -4.60 12.46
N GLY D 144 -12.46 -3.56 11.97
CA GLY D 144 -11.02 -3.54 11.89
C GLY D 144 -10.33 -3.47 13.24
N ILE D 145 -10.87 -2.65 14.11
CA ILE D 145 -10.34 -2.49 15.44
C ILE D 145 -10.50 -3.81 16.24
N ARG D 146 -11.65 -4.44 16.11
CA ARG D 146 -11.89 -5.73 16.72
C ARG D 146 -10.96 -6.81 16.21
N ALA D 147 -10.74 -6.82 14.91
CA ALA D 147 -9.87 -7.78 14.26
C ALA D 147 -8.47 -7.63 14.82
N LEU D 148 -8.03 -6.40 14.97
CA LEU D 148 -6.75 -6.14 15.59
C LEU D 148 -6.68 -6.72 17.00
N LYS D 149 -7.68 -6.42 17.83
CA LYS D 149 -7.73 -6.94 19.19
C LYS D 149 -7.72 -8.45 19.25
N GLU D 150 -8.55 -9.08 18.43
CA GLU D 150 -8.57 -10.52 18.30
C GLU D 150 -7.18 -11.06 18.10
N LYS D 151 -6.46 -10.46 17.15
CA LYS D 151 -5.16 -10.93 16.77
C LYS D 151 -4.16 -10.74 17.90
N LEU D 152 -4.21 -9.59 18.55
CA LEU D 152 -3.40 -9.31 19.69
C LEU D 152 -3.56 -10.38 20.77
N ASP D 153 -4.81 -10.75 21.02
CA ASP D 153 -5.17 -11.71 22.04
C ASP D 153 -4.79 -13.15 21.75
N THR D 154 -4.36 -13.47 20.54
CA THR D 154 -3.79 -14.78 20.25
C THR D 154 -2.40 -14.97 20.84
N GLY D 155 -1.74 -13.89 21.19
CA GLY D 155 -0.38 -13.97 21.72
C GLY D 155 0.73 -13.91 20.70
N ILE D 156 0.36 -13.81 19.44
CA ILE D 156 1.28 -13.83 18.31
C ILE D 156 2.37 -12.73 18.34
N ILE D 157 2.11 -11.61 18.96
CA ILE D 157 3.16 -10.63 19.10
C ILE D 157 3.67 -10.48 20.53
N GLY D 158 3.28 -11.40 21.39
CA GLY D 158 3.64 -11.34 22.79
C GLY D 158 2.91 -10.24 23.53
N ALA D 159 3.50 -9.76 24.61
CA ALA D 159 2.84 -8.74 25.40
C ALA D 159 2.88 -7.35 24.75
N PRO D 160 1.79 -6.60 24.89
CA PRO D 160 1.80 -5.22 24.39
C PRO D 160 2.64 -4.29 25.25
N LEU D 161 3.64 -3.67 24.65
CA LEU D 161 4.56 -2.81 25.37
C LEU D 161 4.26 -1.34 25.20
N VAL D 162 3.93 -0.96 23.98
CA VAL D 162 3.64 0.42 23.62
C VAL D 162 2.49 0.41 22.60
N VAL D 163 1.59 1.36 22.73
CA VAL D 163 0.60 1.60 21.73
C VAL D 163 0.81 3.01 21.19
N ARG D 164 0.81 3.13 19.88
CA ARG D 164 0.83 4.43 19.25
C ARG D 164 -0.40 4.63 18.39
N ALA D 165 -1.05 5.76 18.59
CA ALA D 165 -2.30 6.02 17.91
C ALA D 165 -2.40 7.47 17.46
N SER D 166 -3.21 7.69 16.44
CA SER D 166 -3.55 9.03 15.99
C SER D 166 -5.06 9.19 15.85
N HIS D 167 -5.58 10.32 16.32
CA HIS D 167 -6.95 10.74 16.08
C HIS D 167 -6.92 12.08 15.31
N ILE D 168 -7.08 11.97 14.00
CA ILE D 168 -6.88 13.07 13.07
C ILE D 168 -8.23 13.55 12.57
N ASN D 169 -8.39 14.86 12.52
CA ASN D 169 -9.62 15.52 12.10
C ASN D 169 -9.23 16.78 11.34
N PRO D 170 -9.92 17.04 10.22
CA PRO D 170 -9.53 18.08 9.28
C PRO D 170 -9.72 19.49 9.80
N ASN D 171 -10.84 19.75 10.44
CA ASN D 171 -11.17 21.07 10.94
C ASN D 171 -12.30 20.99 11.94
N VAL D 172 -12.39 21.97 12.83
CA VAL D 172 -13.46 22.00 13.83
C VAL D 172 -14.37 23.22 13.74
N ALA D 173 -15.56 23.06 14.31
CA ALA D 173 -16.53 24.15 14.38
C ALA D 173 -16.09 25.20 15.38
N SER D 174 -16.77 26.34 15.37
CA SER D 174 -16.39 27.45 16.22
C SER D 174 -16.70 27.20 17.69
N ASN D 175 -17.52 26.22 17.99
CA ASN D 175 -17.78 25.90 19.37
C ASN D 175 -16.82 24.87 19.96
N TYR D 176 -15.80 24.49 19.19
CA TYR D 176 -14.87 23.47 19.65
C TYR D 176 -13.82 24.06 20.60
N SER D 177 -13.85 23.61 21.84
CA SER D 177 -13.01 24.17 22.88
C SER D 177 -11.79 23.29 23.12
N ASN D 178 -10.80 23.84 23.82
CA ASN D 178 -9.63 23.08 24.22
C ASN D 178 -9.98 21.85 25.03
N GLU D 179 -10.98 22.00 25.90
N GLU D 179 -10.97 22.00 25.90
CA GLU D 179 -11.43 20.92 26.75
CA GLU D 179 -11.45 20.93 26.75
C GLU D 179 -12.07 19.80 25.92
C GLU D 179 -12.06 19.81 25.91
N MET D 180 -12.69 20.17 24.80
CA MET D 180 -13.32 19.20 23.92
C MET D 180 -12.32 18.32 23.15
N ALA D 181 -11.06 18.76 23.09
CA ALA D 181 -10.00 17.92 22.57
C ALA D 181 -9.98 16.61 23.37
N ILE D 182 -10.35 16.70 24.63
CA ILE D 182 -10.45 15.56 25.49
C ILE D 182 -11.83 14.90 25.44
N THR D 183 -12.84 15.67 25.76
CA THR D 183 -14.18 15.14 25.96
C THR D 183 -14.93 14.74 24.69
N ASP D 184 -14.60 15.37 23.58
CA ASP D 184 -15.24 15.03 22.31
C ASP D 184 -14.37 14.08 21.49
N THR D 185 -13.06 14.24 21.58
CA THR D 185 -12.15 13.59 20.67
C THR D 185 -11.33 12.46 21.30
N LEU D 186 -10.47 12.78 22.25
CA LEU D 186 -9.63 11.79 22.92
C LEU D 186 -10.43 10.77 23.74
N ILE D 187 -11.63 11.16 24.15
CA ILE D 187 -12.55 10.26 24.82
C ILE D 187 -12.64 8.89 24.16
N HIS D 188 -12.55 8.85 22.84
CA HIS D 188 -12.64 7.61 22.11
C HIS D 188 -11.47 6.71 22.42
N GLU D 189 -10.27 7.26 22.34
CA GLU D 189 -9.05 6.54 22.67
C GLU D 189 -9.03 6.12 24.15
N ILE D 190 -9.55 6.99 25.00
CA ILE D 190 -9.58 6.72 26.42
C ILE D 190 -10.39 5.47 26.73
N ASP D 191 -11.58 5.36 26.18
CA ASP D 191 -12.35 4.15 26.30
C ASP D 191 -11.71 2.97 25.59
N GLU D 192 -11.19 3.22 24.39
CA GLU D 192 -10.68 2.18 23.53
C GLU D 192 -9.50 1.36 24.05
N MET D 193 -8.51 2.04 24.58
CA MET D 193 -7.27 1.40 24.93
C MET D 193 -7.38 0.44 26.11
N HIS D 194 -8.15 0.84 27.12
CA HIS D 194 -8.36 -0.05 28.23
C HIS D 194 -9.19 -1.27 27.87
N TRP D 195 -10.17 -1.10 27.01
CA TRP D 195 -10.89 -2.21 26.43
C TRP D 195 -9.99 -3.09 25.55
N LEU D 196 -9.17 -2.46 24.73
CA LEU D 196 -8.25 -3.19 23.87
C LEU D 196 -7.20 -4.01 24.63
N LEU D 197 -6.69 -3.44 25.71
CA LEU D 197 -5.63 -4.06 26.47
C LEU D 197 -6.11 -4.85 27.67
N ASP D 198 -7.39 -4.73 27.98
CA ASP D 198 -7.95 -5.30 29.20
C ASP D 198 -7.09 -4.88 30.37
N ASP D 199 -6.91 -3.58 30.52
CA ASP D 199 -6.02 -3.06 31.53
C ASP D 199 -6.61 -1.75 32.04
N GLU D 200 -6.00 -1.19 33.06
CA GLU D 200 -6.46 0.06 33.65
C GLU D 200 -5.37 1.10 33.66
N TYR D 201 -5.75 2.37 33.60
CA TYR D 201 -4.78 3.45 33.56
C TYR D 201 -4.29 3.81 34.95
N THR D 202 -3.06 4.30 35.01
CA THR D 202 -2.45 4.77 36.25
C THR D 202 -2.08 6.23 36.20
N SER D 203 -1.96 6.77 35.01
CA SER D 203 -1.76 8.20 34.81
C SER D 203 -2.08 8.64 33.41
N ILE D 204 -2.14 9.94 33.23
CA ILE D 204 -2.23 10.56 31.93
C ILE D 204 -1.49 11.92 31.90
N GLN D 205 -0.84 12.20 30.79
CA GLN D 205 -0.14 13.46 30.63
C GLN D 205 -0.42 14.10 29.27
N ILE D 206 -0.76 15.37 29.30
CA ILE D 206 -0.99 16.14 28.09
C ILE D 206 0.11 17.16 27.85
N THR D 207 0.71 17.10 26.68
CA THR D 207 1.71 18.08 26.28
C THR D 207 1.31 18.79 24.99
N TYR D 208 1.80 20.01 24.84
CA TYR D 208 1.43 20.89 23.75
C TYR D 208 2.59 21.15 22.81
N PRO D 209 2.62 20.46 21.68
CA PRO D 209 3.66 20.80 20.71
C PRO D 209 3.35 22.12 20.02
N ARG D 210 4.30 22.60 19.22
CA ARG D 210 4.18 23.78 18.38
C ARG D 210 2.75 23.97 17.90
N GLN D 211 2.18 25.11 18.24
CA GLN D 211 0.80 25.43 17.88
C GLN D 211 0.62 25.60 16.39
N SER D 212 -0.41 24.99 15.83
CA SER D 212 -0.70 25.12 14.40
C SER D 212 -1.25 26.47 14.02
N ALA D 213 -0.80 26.97 12.88
CA ALA D 213 -1.36 28.17 12.31
C ALA D 213 -2.81 28.00 11.83
N GLU D 214 -3.24 26.77 11.62
CA GLU D 214 -4.61 26.47 11.16
C GLU D 214 -5.70 26.61 12.25
N VAL D 215 -5.29 26.81 13.49
CA VAL D 215 -6.25 27.00 14.56
C VAL D 215 -7.00 28.32 14.40
N ARG D 216 -8.31 28.23 14.50
CA ARG D 216 -9.16 29.40 14.41
C ARG D 216 -10.01 29.63 15.65
N ASN D 217 -9.81 28.82 16.68
CA ASN D 217 -10.62 28.89 17.87
C ASN D 217 -9.80 29.34 19.05
N GLU D 218 -10.22 30.43 19.66
CA GLU D 218 -9.50 30.99 20.78
C GLU D 218 -9.39 29.98 21.90
N GLY D 219 -8.20 29.82 22.41
CA GLY D 219 -7.93 28.93 23.52
C GLY D 219 -7.70 27.49 23.16
N LEU D 220 -7.93 27.14 21.92
CA LEU D 220 -7.68 25.78 21.45
C LEU D 220 -6.22 25.54 21.16
N HIS D 221 -5.63 24.57 21.85
CA HIS D 221 -4.31 24.11 21.50
C HIS D 221 -4.47 22.90 20.60
N ASP D 222 -3.70 22.91 19.51
CA ASP D 222 -3.68 21.84 18.53
C ASP D 222 -2.36 21.88 17.76
N PRO D 223 -1.69 20.74 17.64
CA PRO D 223 -2.15 19.45 18.12
C PRO D 223 -1.93 19.27 19.61
N GLN D 224 -2.35 18.13 20.11
CA GLN D 224 -2.10 17.75 21.49
C GLN D 224 -1.58 16.33 21.55
N LEU D 225 -0.65 16.10 22.46
CA LEU D 225 -0.12 14.78 22.70
C LEU D 225 -0.60 14.24 24.06
N ALA D 226 -1.12 13.03 24.06
CA ALA D 226 -1.56 12.39 25.28
C ALA D 226 -0.78 11.12 25.53
N THR D 227 -0.11 11.07 26.65
CA THR D 227 0.57 9.87 27.06
C THR D 227 -0.13 9.23 28.26
N LEU D 228 -0.54 8.00 28.09
CA LEU D 228 -1.20 7.24 29.13
C LEU D 228 -0.39 6.01 29.53
N THR D 229 -0.38 5.72 30.81
CA THR D 229 0.27 4.55 31.36
C THR D 229 -0.76 3.59 31.96
N THR D 230 -0.48 2.30 31.93
CA THR D 230 -1.38 1.29 32.47
C THR D 230 -0.76 0.49 33.60
N LYS D 231 -1.58 -0.30 34.27
CA LYS D 231 -1.11 -1.09 35.40
C LYS D 231 -0.01 -2.07 35.01
N LYS D 232 -0.20 -2.77 33.92
CA LYS D 232 0.81 -3.68 33.43
C LYS D 232 2.03 -3.00 32.82
N GLY D 233 2.00 -1.68 32.73
CA GLY D 233 3.13 -0.91 32.27
C GLY D 233 3.16 -0.50 30.79
N THR D 234 2.08 -0.79 30.10
CA THR D 234 1.97 -0.41 28.70
C THR D 234 1.89 1.10 28.58
N VAL D 235 2.68 1.68 27.70
CA VAL D 235 2.64 3.10 27.45
C VAL D 235 1.91 3.43 26.16
N ILE D 236 0.93 4.30 26.27
CA ILE D 236 0.12 4.70 25.16
C ILE D 236 0.45 6.14 24.74
N GLN D 237 0.80 6.32 23.47
CA GLN D 237 1.08 7.63 22.91
C GLN D 237 0.03 8.04 21.86
N VAL D 238 -0.88 8.93 22.23
CA VAL D 238 -1.88 9.42 21.30
C VAL D 238 -1.59 10.80 20.74
N LEU D 239 -1.67 10.91 19.43
CA LEU D 239 -1.67 12.18 18.75
C LEU D 239 -3.09 12.70 18.45
N VAL D 240 -3.40 13.84 19.03
CA VAL D 240 -4.66 14.49 18.75
C VAL D 240 -4.43 15.70 17.85
N HIS D 241 -5.00 15.66 16.65
CA HIS D 241 -4.82 16.70 15.66
C HIS D 241 -6.11 16.98 14.92
N VAL D 242 -6.76 18.07 15.30
CA VAL D 242 -8.11 18.35 14.82
C VAL D 242 -8.24 19.47 13.78
N THR D 243 -7.13 20.11 13.44
CA THR D 243 -7.09 21.05 12.34
C THR D 243 -6.12 20.59 11.27
N ALA D 244 -6.01 19.29 11.10
CA ALA D 244 -5.01 18.68 10.23
C ALA D 244 -5.20 18.92 8.74
N GLN D 245 -6.41 19.33 8.37
CA GLN D 245 -6.77 19.71 7.01
C GLN D 245 -6.99 18.58 6.00
N TYR D 246 -6.07 17.62 5.97
CA TYR D 246 -6.05 16.64 4.91
C TYR D 246 -7.21 15.63 4.91
N GLY D 247 -7.70 15.29 6.08
CA GLY D 247 -8.72 14.27 6.20
C GLY D 247 -9.08 13.86 7.61
N TYR D 248 -9.99 12.91 7.73
CA TYR D 248 -10.27 12.30 9.01
C TYR D 248 -9.66 10.91 9.00
N GLU D 249 -8.91 10.60 10.04
CA GLU D 249 -8.18 9.36 10.04
C GLU D 249 -7.92 8.84 11.45
N VAL D 250 -8.14 7.55 11.62
CA VAL D 250 -7.82 6.87 12.84
C VAL D 250 -6.72 5.84 12.62
N LYS D 251 -5.64 6.00 13.35
CA LYS D 251 -4.50 5.10 13.30
C LYS D 251 -4.23 4.41 14.63
N LEU D 252 -3.88 3.13 14.56
CA LEU D 252 -3.63 2.31 15.72
C LEU D 252 -2.47 1.34 15.48
N GLU D 253 -1.46 1.44 16.32
CA GLU D 253 -0.31 0.56 16.23
C GLU D 253 0.04 -0.01 17.61
N VAL D 254 0.15 -1.32 17.69
CA VAL D 254 0.50 -1.98 18.94
C VAL D 254 1.85 -2.65 18.80
N ILE D 255 2.77 -2.18 19.62
CA ILE D 255 4.11 -2.72 19.67
C ILE D 255 4.24 -3.81 20.73
N GLY D 256 4.50 -5.02 20.27
CA GLY D 256 4.62 -6.20 21.10
C GLY D 256 6.03 -6.71 21.25
N GLU D 257 6.23 -7.66 22.15
CA GLU D 257 7.55 -8.19 22.43
C GLU D 257 8.19 -8.88 21.24
N THR D 258 7.38 -9.58 20.47
CA THR D 258 7.87 -10.36 19.34
C THR D 258 7.33 -9.89 17.97
N GLY D 259 6.49 -8.87 17.98
CA GLY D 259 6.01 -8.28 16.75
C GLY D 259 5.21 -7.01 16.88
N GLU D 260 4.62 -6.58 15.78
CA GLU D 260 3.74 -5.43 15.77
C GLU D 260 2.45 -5.75 15.03
N LEU D 261 1.39 -5.06 15.42
CA LEU D 261 0.11 -5.09 14.76
C LEU D 261 -0.34 -3.68 14.44
N GLN D 262 -0.93 -3.52 13.29
CA GLN D 262 -1.33 -2.21 12.80
C GLN D 262 -2.67 -2.23 12.05
N LEU D 263 -3.46 -1.22 12.30
CA LEU D 263 -4.69 -1.02 11.55
C LEU D 263 -4.33 -0.61 10.12
N PRO D 264 -4.92 -1.29 9.13
CA PRO D 264 -4.65 -0.91 7.75
C PRO D 264 -5.40 0.37 7.35
N ASN D 265 -5.07 0.89 6.18
CA ASN D 265 -5.70 2.10 5.67
C ASN D 265 -7.15 1.88 5.32
N TYR D 266 -7.98 2.87 5.63
CA TYR D 266 -9.39 2.73 5.40
C TYR D 266 -9.75 3.39 4.09
N GLY D 267 -10.37 2.63 3.23
CA GLY D 267 -10.88 3.19 2.01
C GLY D 267 -11.56 2.18 1.13
N LEU D 268 -12.63 2.62 0.50
CA LEU D 268 -13.27 1.85 -0.53
C LEU D 268 -12.84 2.36 -1.91
N GLY D 269 -12.46 3.64 -1.97
CA GLY D 269 -12.21 4.32 -3.22
C GLY D 269 -11.08 3.76 -4.05
N PRO D 270 -11.09 4.03 -5.36
CA PRO D 270 -10.09 3.46 -6.24
C PRO D 270 -8.74 4.12 -6.09
N ILE D 271 -7.72 3.37 -6.46
CA ILE D 271 -6.41 3.91 -6.67
C ILE D 271 -6.33 4.60 -8.03
N LEU D 272 -6.05 5.90 -8.00
CA LEU D 272 -5.85 6.69 -9.20
C LEU D 272 -4.38 6.93 -9.56
N ARG D 273 -4.00 6.52 -10.76
CA ARG D 273 -2.74 6.90 -11.35
C ARG D 273 -2.91 8.09 -12.32
N SER D 274 -2.39 9.24 -11.94
CA SER D 274 -2.62 10.45 -12.70
C SER D 274 -1.65 11.54 -12.30
N ASN D 275 -1.16 12.29 -13.29
CA ASN D 275 -0.42 13.51 -13.03
C ASN D 275 0.82 13.28 -12.15
N ALA D 276 1.59 12.24 -12.46
CA ALA D 276 2.79 11.88 -11.73
C ALA D 276 2.57 11.45 -10.27
N ASN D 277 1.37 10.98 -9.97
CA ASN D 277 1.05 10.45 -8.67
C ASN D 277 0.15 9.23 -8.72
N GLN D 278 0.33 8.35 -7.74
CA GLN D 278 -0.60 7.29 -7.43
C GLN D 278 -1.30 7.69 -6.15
N GLN D 279 -2.61 7.77 -6.18
CA GLN D 279 -3.35 8.31 -5.05
C GLN D 279 -4.67 7.63 -4.73
N THR D 280 -5.06 7.72 -3.47
CA THR D 280 -6.35 7.26 -3.00
C THR D 280 -7.00 8.28 -2.11
N ALA D 281 -8.32 8.32 -2.16
CA ALA D 281 -9.10 9.22 -1.34
C ALA D 281 -8.98 8.92 0.14
N VAL D 282 -8.90 9.97 0.92
CA VAL D 282 -9.01 9.90 2.36
C VAL D 282 -10.37 10.42 2.79
N GLU D 283 -11.05 9.64 3.61
CA GLU D 283 -12.32 10.04 4.17
C GLU D 283 -12.25 11.37 4.88
N MET D 284 -13.23 12.23 4.66
CA MET D 284 -13.27 13.51 5.34
C MET D 284 -14.16 13.57 6.58
N SER D 285 -15.00 12.56 6.75
CA SER D 285 -15.99 12.55 7.82
C SER D 285 -15.95 11.34 8.73
N TRP D 286 -15.90 11.60 10.03
CA TRP D 286 -15.97 10.54 11.01
C TRP D 286 -17.27 9.76 10.94
N ILE D 287 -18.35 10.45 10.62
CA ILE D 287 -19.62 9.80 10.40
C ILE D 287 -19.56 8.72 9.32
N ASN D 288 -18.93 9.02 8.20
CA ASN D 288 -18.79 8.04 7.13
C ASN D 288 -17.80 6.92 7.46
N ARG D 289 -16.70 7.30 8.09
CA ARG D 289 -15.65 6.36 8.43
C ARG D 289 -16.13 5.22 9.33
N PHE D 290 -16.97 5.54 10.30
CA PHE D 290 -17.43 4.57 11.26
C PHE D 290 -18.89 4.09 11.06
N ILE D 291 -19.35 4.17 9.83
CA ILE D 291 -20.72 3.81 9.52
C ILE D 291 -21.07 2.38 9.93
N GLN D 292 -20.15 1.46 9.74
CA GLN D 292 -20.37 0.09 10.18
C GLN D 292 -20.45 -0.03 11.70
N ALA D 293 -19.52 0.59 12.39
CA ALA D 293 -19.48 0.59 13.83
C ALA D 293 -20.77 1.12 14.43
N TYR D 294 -21.21 2.26 13.93
CA TYR D 294 -22.48 2.86 14.33
C TYR D 294 -23.69 1.96 14.06
N ASN D 295 -23.76 1.40 12.86
CA ASN D 295 -24.81 0.46 12.52
C ASN D 295 -24.88 -0.76 13.48
N THR D 296 -23.76 -1.44 13.66
CA THR D 296 -23.68 -2.57 14.56
C THR D 296 -24.09 -2.26 15.99
N GLU D 297 -23.60 -1.14 16.49
CA GLU D 297 -23.80 -0.68 17.84
C GLU D 297 -25.26 -0.34 18.09
N VAL D 298 -25.83 0.43 17.20
CA VAL D 298 -27.19 0.87 17.36
C VAL D 298 -28.17 -0.28 17.19
N GLN D 299 -27.86 -1.23 16.31
CA GLN D 299 -28.72 -2.37 16.14
C GLN D 299 -28.76 -3.25 17.40
N GLU D 300 -27.63 -3.42 18.04
CA GLU D 300 -27.52 -4.14 19.29
C GLU D 300 -28.41 -3.51 20.35
N PHE D 301 -28.34 -2.20 20.43
CA PHE D 301 -29.11 -1.45 21.40
C PHE D 301 -30.60 -1.69 21.18
N ILE D 302 -31.04 -1.48 19.95
CA ILE D 302 -32.42 -1.69 19.53
C ILE D 302 -32.89 -3.12 19.83
N ASP D 303 -32.02 -4.07 19.60
CA ASP D 303 -32.31 -5.46 19.82
C ASP D 303 -32.56 -5.77 21.30
N GLU D 304 -31.85 -5.09 22.18
CA GLU D 304 -32.07 -5.26 23.60
C GLU D 304 -33.35 -4.58 24.07
N VAL D 305 -33.57 -3.37 23.59
CA VAL D 305 -34.77 -2.63 23.91
C VAL D 305 -36.04 -3.39 23.51
N ALA D 306 -35.98 -4.03 22.36
CA ALA D 306 -37.08 -4.82 21.84
C ALA D 306 -37.50 -5.89 22.84
N LYS D 307 -36.51 -6.57 23.41
CA LYS D 307 -36.73 -7.62 24.39
C LYS D 307 -36.90 -7.10 25.80
N SER D 308 -36.90 -5.77 25.92
CA SER D 308 -36.91 -5.09 27.22
CA SER D 308 -36.93 -5.10 27.21
C SER D 308 -35.82 -5.57 28.17
N GLU D 309 -34.64 -5.82 27.63
CA GLU D 309 -33.50 -6.22 28.44
C GLU D 309 -32.46 -5.11 28.49
N PRO D 310 -31.59 -5.15 29.49
CA PRO D 310 -30.57 -4.11 29.54
C PRO D 310 -29.60 -4.22 28.37
N PRO D 311 -29.10 -3.07 27.90
CA PRO D 311 -28.04 -3.03 26.90
C PRO D 311 -26.84 -3.86 27.33
N VAL D 312 -26.12 -4.41 26.38
CA VAL D 312 -24.95 -5.21 26.67
C VAL D 312 -23.65 -4.49 26.32
N GLY D 313 -23.76 -3.42 25.55
CA GLY D 313 -22.60 -2.65 25.18
C GLY D 313 -22.16 -1.72 26.29
N PRO D 314 -21.21 -0.82 25.99
CA PRO D 314 -20.66 0.14 26.93
C PRO D 314 -21.71 0.87 27.75
N SER D 315 -21.45 0.98 29.04
CA SER D 315 -22.40 1.45 30.00
C SER D 315 -22.01 2.79 30.58
N ALA D 316 -22.87 3.29 31.44
CA ALA D 316 -22.59 4.49 32.19
C ALA D 316 -21.33 4.34 33.02
N TRP D 317 -21.04 3.15 33.49
CA TRP D 317 -19.79 2.92 34.21
C TRP D 317 -18.57 3.10 33.28
N ASP D 318 -18.61 2.52 32.10
CA ASP D 318 -17.61 2.79 31.10
C ASP D 318 -17.49 4.30 30.81
N GLY D 319 -18.63 4.98 30.80
CA GLY D 319 -18.66 6.41 30.70
C GLY D 319 -17.91 7.10 31.81
N TYR D 320 -18.11 6.59 33.02
CA TYR D 320 -17.51 7.13 34.22
C TYR D 320 -15.99 6.90 34.27
N ILE D 321 -15.57 5.70 33.91
CA ILE D 321 -14.16 5.38 33.81
C ILE D 321 -13.48 6.34 32.86
N ALA D 322 -14.11 6.54 31.72
CA ALA D 322 -13.58 7.43 30.73
C ALA D 322 -13.54 8.85 31.28
N ALA D 323 -14.57 9.24 32.01
CA ALA D 323 -14.67 10.59 32.55
C ALA D 323 -13.62 10.91 33.64
N ILE D 324 -13.30 9.91 34.45
CA ILE D 324 -12.20 10.01 35.38
C ILE D 324 -10.89 10.34 34.65
N THR D 325 -10.64 9.66 33.55
CA THR D 325 -9.40 9.85 32.83
C THR D 325 -9.41 11.17 32.08
N ALA D 326 -10.56 11.48 31.50
CA ALA D 326 -10.75 12.73 30.81
C ALA D 326 -10.50 13.95 31.70
N ALA D 327 -11.10 13.88 32.89
CA ALA D 327 -10.93 14.88 33.93
C ALA D 327 -9.47 15.09 34.27
N ALA D 328 -8.77 13.99 34.49
CA ALA D 328 -7.35 14.03 34.73
C ALA D 328 -6.62 14.73 33.58
N ALA D 329 -7.04 14.46 32.35
CA ALA D 329 -6.46 15.11 31.19
C ALA D 329 -6.73 16.60 31.14
N ASN D 330 -7.97 16.99 31.44
CA ASN D 330 -8.32 18.39 31.46
C ASN D 330 -7.48 19.16 32.50
N ARG D 331 -7.17 18.50 33.59
CA ARG D 331 -6.31 19.05 34.62
C ARG D 331 -4.87 19.18 34.12
N SER D 332 -4.40 18.13 33.47
CA SER D 332 -3.07 18.10 32.87
C SER D 332 -2.88 19.20 31.84
N GLN D 333 -3.97 19.53 31.15
CA GLN D 333 -3.99 20.56 30.15
C GLN D 333 -3.53 21.91 30.69
N LYS D 334 -3.71 22.10 31.99
CA LYS D 334 -3.39 23.38 32.65
C LYS D 334 -1.90 23.65 32.81
N ASP D 335 -1.12 22.63 33.17
CA ASP D 335 0.30 22.79 33.40
C ASP D 335 1.20 21.78 32.66
N GLN D 336 0.56 20.90 31.90
CA GLN D 336 1.21 19.83 31.15
C GLN D 336 1.92 18.84 32.05
N GLU D 337 1.47 18.74 33.29
CA GLU D 337 2.04 17.80 34.23
C GLU D 337 1.25 16.51 34.31
N THR D 338 1.94 15.43 34.64
CA THR D 338 1.32 14.14 34.79
C THR D 338 0.31 14.08 35.95
N VAL D 339 -0.84 13.51 35.66
CA VAL D 339 -1.90 13.36 36.64
C VAL D 339 -2.23 11.87 36.86
N LEU D 340 -2.13 11.44 38.11
CA LEU D 340 -2.38 10.05 38.46
C LEU D 340 -3.84 9.68 38.41
N ILE D 341 -4.08 8.40 38.14
CA ILE D 341 -5.41 7.88 37.98
C ILE D 341 -5.52 6.56 38.70
N ASN D 342 -6.60 6.39 39.44
CA ASN D 342 -6.94 5.15 40.09
C ASN D 342 -8.44 4.89 40.07
N VAL D 343 -8.89 4.04 39.17
CA VAL D 343 -10.32 3.79 39.10
C VAL D 343 -10.85 2.72 40.08
N ALA D 344 -12.02 3.03 40.62
CA ALA D 344 -12.71 2.13 41.53
C ALA D 344 -13.11 0.85 40.85
N GLY D 345 -13.39 -0.16 41.63
CA GLY D 345 -13.86 -1.40 41.10
C GLY D 345 -15.25 -1.29 40.53
N THR D 346 -15.54 -2.18 39.61
CA THR D 346 -16.82 -2.16 38.93
C THR D 346 -17.94 -2.65 39.84
N PRO D 347 -18.98 -1.85 40.00
CA PRO D 347 -20.08 -2.30 40.82
C PRO D 347 -20.78 -3.44 40.14
N THR D 348 -21.36 -4.31 40.96
CA THR D 348 -22.09 -5.48 40.53
C THR D 348 -23.10 -5.16 39.45
N PHE D 349 -23.78 -4.04 39.62
CA PHE D 349 -24.76 -3.52 38.68
C PHE D 349 -24.22 -3.44 37.26
N TYR D 350 -22.93 -3.19 37.13
CA TYR D 350 -22.33 -2.94 35.84
C TYR D 350 -21.44 -4.04 35.33
N GLN D 351 -21.44 -5.16 36.00
CA GLN D 351 -20.57 -6.26 35.61
C GLN D 351 -21.19 -7.11 34.52
C1 GOL E . -17.34 -17.84 -7.77
O1 GOL E . -17.65 -19.00 -8.49
C2 GOL E . -18.60 -17.15 -7.28
O2 GOL E . -19.78 -17.81 -7.63
C3 GOL E . -18.68 -15.71 -7.75
O3 GOL E . -19.52 -15.01 -6.89
C1 GOL F . -4.33 -8.05 -13.17
O1 GOL F . -4.25 -9.44 -13.02
C2 GOL F . -5.55 -7.49 -12.44
O2 GOL F . -6.70 -8.13 -12.88
C3 GOL F . -5.73 -6.02 -12.76
O3 GOL F . -4.61 -5.22 -12.51
C1 GOL G . -40.22 -24.55 -8.39
O1 GOL G . -39.18 -25.17 -9.12
C2 GOL G . -41.28 -25.55 -7.93
O2 GOL G . -42.49 -25.39 -8.64
C3 GOL G . -41.53 -25.26 -6.47
O3 GOL G . -41.97 -26.39 -5.78
S SO4 H . -38.25 -19.65 -30.92
O1 SO4 H . -38.69 -20.65 -31.86
O2 SO4 H . -38.87 -18.39 -31.19
O3 SO4 H . -38.61 -20.08 -29.59
O4 SO4 H . -36.83 -19.52 -31.06
C1 GOL I . 1.14 -6.28 3.65
O1 GOL I . 1.30 -5.18 4.51
C2 GOL I . 2.06 -6.11 2.43
O2 GOL I . 3.40 -6.15 2.79
C3 GOL I . 1.77 -7.10 1.34
O3 GOL I . 0.90 -6.49 0.45
C1 GOL J . 28.11 3.53 -6.12
O1 GOL J . 27.41 4.70 -5.74
C2 GOL J . 27.19 2.38 -6.49
O2 GOL J . 25.92 2.90 -6.77
C3 GOL J . 27.76 1.76 -7.75
O3 GOL J . 27.52 0.37 -7.76
C1 GOL K . 5.90 6.59 12.68
O1 GOL K . 4.68 6.51 12.03
C2 GOL K . 6.20 5.32 13.47
O2 GOL K . 7.41 5.54 14.13
C3 GOL K . 5.13 5.10 14.53
O3 GOL K . 5.47 4.02 15.35
C1 GOL L . 22.17 1.74 13.40
O1 GOL L . 22.35 1.50 12.04
C2 GOL L . 22.44 0.47 14.17
O2 GOL L . 23.76 0.54 14.65
C3 GOL L . 21.46 0.37 15.32
O3 GOL L . 21.41 -0.94 15.79
S SO4 M . 15.04 10.59 55.20
O1 SO4 M . 14.21 9.43 55.13
O2 SO4 M . 14.59 11.60 54.30
O3 SO4 M . 14.98 11.11 56.53
O4 SO4 M . 16.38 10.22 54.91
C1 GOL N . 12.50 2.23 -21.51
O1 GOL N . 13.59 1.32 -21.45
C2 GOL N . 11.53 1.88 -22.62
O2 GOL N . 12.23 1.89 -23.82
C3 GOL N . 10.42 2.89 -22.69
O3 GOL N . 9.95 2.96 -24.02
C1 GOL O . -1.38 -5.26 -14.66
O1 GOL O . -1.93 -4.56 -15.75
C2 GOL O . -0.12 -6.05 -15.01
O2 GOL O . 0.78 -5.26 -15.68
C3 GOL O . 0.56 -6.58 -13.76
O3 GOL O . -0.40 -6.96 -12.81
S SO4 P . -15.78 7.31 -24.26
O1 SO4 P . -15.31 7.78 -25.54
O2 SO4 P . -17.20 7.45 -24.20
O3 SO4 P . -15.15 8.08 -23.25
O4 SO4 P . -15.45 5.95 -24.05
S SO4 Q . 38.87 3.48 -10.10
O1 SO4 Q . 39.03 4.91 -10.16
O2 SO4 Q . 37.55 3.07 -10.45
O3 SO4 Q . 39.14 3.08 -8.75
O4 SO4 Q . 39.75 2.83 -11.02
C1 GOL R . 0.61 4.72 14.53
O1 GOL R . 1.80 4.29 13.92
C2 GOL R . 0.34 6.21 14.38
O2 GOL R . -0.42 6.62 15.49
C3 GOL R . 1.59 7.07 14.27
O3 GOL R . 1.28 8.42 14.37
C1 GOL S . -15.60 11.60 16.11
O1 GOL S . -15.82 10.24 16.28
C2 GOL S . -14.58 12.14 17.09
O2 GOL S . -15.29 12.59 18.20
C3 GOL S . -13.83 13.31 16.43
O3 GOL S . -13.84 14.48 17.21
C1 GOL T . -18.50 -4.57 21.89
O1 GOL T . -18.02 -4.36 23.19
C2 GOL T . -19.66 -5.55 21.82
O2 GOL T . -19.20 -6.86 21.69
C3 GOL T . -20.58 -5.43 23.02
O3 GOL T . -21.55 -6.43 22.94
S SO4 U . -15.97 -7.70 23.51
O1 SO4 U . -15.74 -8.82 22.66
O2 SO4 U . -15.51 -6.50 22.88
O3 SO4 U . -15.29 -7.87 24.74
O4 SO4 U . -17.35 -7.61 23.81
S SO4 V . -38.30 -4.21 10.24
O1 SO4 V . -39.12 -4.11 9.10
O2 SO4 V . -37.14 -3.42 10.06
O3 SO4 V . -38.96 -3.69 11.39
O4 SO4 V . -37.99 -5.56 10.47
#